data_7LU7
#
_entry.id   7LU7
#
_cell.length_a   143.263
_cell.length_b   153.811
_cell.length_c   87.975
_cell.angle_alpha   90.000
_cell.angle_beta   90.000
_cell.angle_gamma   90.000
#
_symmetry.space_group_name_H-M   'P 21 21 2'
#
loop_
_entity.id
_entity.type
_entity.pdbx_description
1 polymer 'Tryptophan 2,3-dioxygenase'
2 non-polymer 'PROTOPORPHYRIN IX CONTAINING FE'
3 non-polymer alpha-methyl-L-tryptophan
4 non-polymer (1~{R})-1-cyclohexyl-2-[(5~{S})-5~{H}-imidazo[1,5-b]isoindol-5-yl]ethanol
5 water water
#
_entity_poly.entity_id   1
_entity_poly.type   'polypeptide(L)'
_entity_poly.pdbx_seq_one_letter_code
;MLPVEGSEEDKSQTGVNRASKGGLIYGNYLHLEKVLNAQELQSETKGNKIHDEHLFIITHQAYELWFKQILWELDSVREI
FQNGHVRDERNMLKVVSRMHRVSVILKLLVQQFSILETMTALDFNDFREYLSPASGFQSLQFRLLENKIGVLQNMRVPYN
RRHYRDNFKGEENELLLKSEQEKTLLELVEAWLERTPGLEPHGFNFWGKLEKNITRGLEEEFIRIQAKEESEEKEEQVAE
FQKQKEVLLSLFDEKRHEHLLSKGERRLSYRALQGALMIYFYREEPRFQVPFQLLTSLMDIDSLMTKWRYNHVCMVHRML
GSKAGTGGSSGYHYLRSTVSDRYKVFVDLFNLSTYLIPRHWIPKMNPTIHKFLEHHHHHH
;
_entity_poly.pdbx_strand_id   AAA,BBB,CCC,DDD
#
loop_
_chem_comp.id
_chem_comp.type
_chem_comp.name
_chem_comp.formula
5PK non-polymer (1~{R})-1-cyclohexyl-2-[(5~{S})-5~{H}-imidazo[1,5-b]isoindol-5-yl]ethanol 'C18 H22 N2 O'
HEM non-polymer 'PROTOPORPHYRIN IX CONTAINING FE' 'C34 H32 Fe N4 O4'
#
# COMPACT_ATOMS: atom_id res chain seq x y z
N GLY A 23 -11.36 -3.16 38.03
CA GLY A 23 -10.34 -2.84 37.01
C GLY A 23 -10.73 -3.39 35.64
N LEU A 24 -10.96 -2.50 34.67
CA LEU A 24 -11.16 -2.90 33.24
C LEU A 24 -9.84 -3.43 32.68
N ILE A 25 -9.89 -4.59 32.03
CA ILE A 25 -8.69 -5.30 31.49
C ILE A 25 -8.85 -5.42 29.97
N TYR A 26 -7.75 -5.19 29.24
CA TYR A 26 -7.64 -5.18 27.76
C TYR A 26 -8.43 -6.33 27.15
N GLY A 27 -8.08 -7.55 27.52
CA GLY A 27 -8.71 -8.77 26.96
C GLY A 27 -10.22 -8.77 27.18
N ASN A 28 -10.67 -8.27 28.34
CA ASN A 28 -12.11 -8.28 28.71
C ASN A 28 -12.83 -7.18 27.94
N TYR A 29 -12.19 -6.02 27.81
CA TYR A 29 -12.76 -4.85 27.11
C TYR A 29 -13.09 -5.28 25.68
N LEU A 30 -12.18 -6.04 25.04
CA LEU A 30 -12.24 -6.49 23.62
C LEU A 30 -12.91 -7.87 23.49
N HIS A 31 -13.39 -8.45 24.58
CA HIS A 31 -14.07 -9.78 24.58
C HIS A 31 -13.23 -10.76 23.77
N LEU A 32 -11.91 -10.78 24.00
CA LEU A 32 -11.00 -11.77 23.35
C LEU A 32 -11.37 -13.19 23.76
N GLU A 33 -12.05 -13.40 24.90
CA GLU A 33 -12.53 -14.74 25.31
C GLU A 33 -13.50 -15.28 24.26
N LYS A 34 -14.09 -14.42 23.45
CA LYS A 34 -14.89 -14.86 22.28
C LYS A 34 -14.02 -14.86 21.02
N VAL A 35 -13.35 -13.74 20.70
CA VAL A 35 -12.67 -13.53 19.39
C VAL A 35 -11.59 -14.59 19.22
N LEU A 36 -10.82 -14.84 20.27
CA LEU A 36 -9.66 -15.78 20.23
C LEU A 36 -10.02 -17.20 20.69
N ASN A 37 -11.31 -17.54 20.81
CA ASN A 37 -11.80 -18.92 21.07
C ASN A 37 -12.88 -19.24 20.03
N ALA A 38 -12.68 -18.83 18.75
CA ALA A 38 -13.65 -18.92 17.64
C ALA A 38 -13.01 -19.61 16.44
N GLN A 39 -11.85 -20.24 16.67
CA GLN A 39 -11.03 -20.89 15.61
C GLN A 39 -11.11 -22.40 15.83
N GLU A 40 -11.83 -23.09 14.96
CA GLU A 40 -12.02 -24.56 14.96
C GLU A 40 -11.78 -25.04 13.52
N LEU A 41 -10.67 -25.73 13.29
CA LEU A 41 -10.32 -26.34 11.99
C LEU A 41 -11.19 -27.59 11.83
N GLN A 42 -11.98 -27.65 10.76
CA GLN A 42 -12.80 -28.84 10.46
C GLN A 42 -11.86 -30.00 10.12
N SER A 43 -10.74 -29.71 9.44
CA SER A 43 -9.73 -30.72 9.07
C SER A 43 -9.28 -31.42 10.36
N GLU A 44 -9.11 -30.68 11.44
CA GLU A 44 -8.60 -31.21 12.73
C GLU A 44 -9.74 -31.98 13.41
N THR A 45 -10.95 -31.41 13.37
CA THR A 45 -12.18 -31.97 13.96
C THR A 45 -12.34 -33.41 13.46
N LYS A 46 -12.05 -33.65 12.17
CA LYS A 46 -12.13 -34.96 11.48
C LYS A 46 -10.75 -35.65 11.40
N GLY A 47 -9.87 -35.41 12.39
CA GLY A 47 -8.58 -36.09 12.61
C GLY A 47 -7.65 -36.10 11.40
N ASN A 48 -7.65 -35.03 10.59
CA ASN A 48 -6.64 -34.78 9.52
C ASN A 48 -6.29 -33.28 9.47
N LYS A 49 -5.84 -32.72 10.59
CA LYS A 49 -5.42 -31.28 10.76
C LYS A 49 -4.53 -30.83 9.60
N ILE A 50 -5.00 -29.85 8.81
CA ILE A 50 -4.28 -29.18 7.69
C ILE A 50 -3.91 -27.75 8.11
N HIS A 51 -2.61 -27.42 8.06
CA HIS A 51 -2.01 -26.19 8.65
C HIS A 51 -2.70 -24.93 8.12
N ASP A 52 -2.88 -24.83 6.79
CA ASP A 52 -3.38 -23.61 6.13
C ASP A 52 -4.86 -23.37 6.42
N GLU A 53 -5.61 -24.35 6.95
CA GLU A 53 -7.05 -24.08 7.21
C GLU A 53 -7.13 -22.91 8.19
N HIS A 54 -6.21 -22.82 9.13
CA HIS A 54 -6.19 -21.76 10.17
C HIS A 54 -6.23 -20.38 9.49
N LEU A 55 -5.46 -20.20 8.42
CA LEU A 55 -5.34 -18.89 7.73
C LEU A 55 -6.67 -18.58 7.04
N PHE A 56 -7.28 -19.59 6.43
CA PHE A 56 -8.62 -19.49 5.78
C PHE A 56 -9.61 -18.95 6.82
N ILE A 57 -9.62 -19.51 8.03
CA ILE A 57 -10.56 -19.09 9.10
C ILE A 57 -10.27 -17.63 9.52
N ILE A 58 -9.03 -17.33 9.92
CA ILE A 58 -8.67 -15.98 10.45
C ILE A 58 -8.98 -14.93 9.38
N THR A 59 -8.63 -15.21 8.12
CA THR A 59 -8.79 -14.24 7.02
C THR A 59 -10.25 -13.84 6.96
N HIS A 60 -11.17 -14.82 6.91
CA HIS A 60 -12.63 -14.53 6.83
C HIS A 60 -13.09 -13.79 8.07
N GLN A 61 -12.64 -14.23 9.24
CA GLN A 61 -13.07 -13.60 10.50
C GLN A 61 -12.67 -12.13 10.46
N ALA A 62 -11.49 -11.82 9.91
CA ALA A 62 -11.00 -10.43 9.83
C ALA A 62 -11.89 -9.67 8.83
N TYR A 63 -12.19 -10.26 7.66
CA TYR A 63 -13.16 -9.63 6.73
C TYR A 63 -14.46 -9.32 7.48
N GLU A 64 -14.99 -10.25 8.25
CA GLU A 64 -16.33 -10.10 8.89
C GLU A 64 -16.27 -9.04 9.99
N LEU A 65 -15.16 -8.92 10.74
CA LEU A 65 -15.03 -7.78 11.68
C LEU A 65 -15.16 -6.46 10.90
N TRP A 66 -14.52 -6.34 9.75
CA TRP A 66 -14.44 -5.06 9.02
C TRP A 66 -15.78 -4.83 8.31
N PHE A 67 -16.45 -5.88 7.84
CA PHE A 67 -17.83 -5.74 7.31
C PHE A 67 -18.70 -5.16 8.43
N LYS A 68 -18.57 -5.64 9.67
CA LYS A 68 -19.39 -5.12 10.80
C LYS A 68 -19.06 -3.65 10.98
N GLN A 69 -17.78 -3.27 10.93
CA GLN A 69 -17.43 -1.84 11.14
C GLN A 69 -18.09 -1.01 10.01
N ILE A 70 -18.03 -1.48 8.78
CA ILE A 70 -18.60 -0.75 7.60
C ILE A 70 -20.11 -0.58 7.85
N LEU A 71 -20.78 -1.63 8.31
CA LEU A 71 -22.22 -1.59 8.62
C LEU A 71 -22.46 -0.51 9.66
N TRP A 72 -21.59 -0.44 10.65
CA TRP A 72 -21.74 0.53 11.75
C TRP A 72 -21.65 1.95 11.18
N GLU A 73 -20.66 2.24 10.33
CA GLU A 73 -20.48 3.59 9.74
C GLU A 73 -21.71 3.91 8.88
N LEU A 74 -22.03 2.99 7.98
CA LEU A 74 -23.07 3.09 6.93
C LEU A 74 -24.44 3.33 7.57
N ASP A 75 -24.83 2.49 8.54
CA ASP A 75 -26.11 2.63 9.28
C ASP A 75 -26.14 3.99 10.01
N SER A 76 -25.03 4.45 10.57
CA SER A 76 -25.01 5.74 11.27
C SER A 76 -25.26 6.86 10.26
N VAL A 77 -24.74 6.75 9.04
CA VAL A 77 -24.92 7.79 7.99
C VAL A 77 -26.35 7.70 7.43
N ARG A 78 -26.84 6.50 7.17
CA ARG A 78 -28.27 6.31 6.81
C ARG A 78 -29.14 7.06 7.82
N GLU A 79 -28.92 6.84 9.12
CA GLU A 79 -29.72 7.43 10.24
C GLU A 79 -29.64 8.96 10.18
N ILE A 80 -28.48 9.55 9.93
CA ILE A 80 -28.34 11.04 9.83
C ILE A 80 -29.18 11.60 8.65
N PHE A 81 -29.34 10.88 7.55
CA PHE A 81 -30.26 11.30 6.44
C PHE A 81 -31.73 11.12 6.86
N GLN A 82 -32.06 9.94 7.38
CA GLN A 82 -33.44 9.46 7.69
C GLN A 82 -34.13 10.36 8.70
N ASN A 83 -33.39 10.88 9.68
CA ASN A 83 -33.97 11.61 10.83
C ASN A 83 -33.88 13.12 10.56
N GLY A 84 -33.35 13.52 9.40
CA GLY A 84 -33.28 14.93 8.94
C GLY A 84 -32.13 15.75 9.51
N HIS A 85 -31.28 15.17 10.36
CA HIS A 85 -30.07 15.87 10.88
C HIS A 85 -29.19 16.27 9.69
N VAL A 86 -29.21 15.54 8.59
CA VAL A 86 -28.46 15.97 7.36
C VAL A 86 -28.90 17.37 6.91
N ARG A 87 -30.13 17.83 7.20
CA ARG A 87 -30.61 19.16 6.72
C ARG A 87 -29.71 20.26 7.30
N ASP A 88 -29.16 20.03 8.49
CA ASP A 88 -28.24 20.97 9.15
C ASP A 88 -26.82 20.69 8.61
N GLU A 89 -26.26 21.62 7.87
CA GLU A 89 -25.00 21.42 7.10
C GLU A 89 -23.76 21.31 8.04
N ARG A 90 -23.92 21.55 9.34
CA ARG A 90 -22.90 21.26 10.38
C ARG A 90 -22.46 19.79 10.28
N ASN A 91 -23.41 18.91 9.96
CA ASN A 91 -23.24 17.45 10.02
C ASN A 91 -22.62 16.89 8.75
N MET A 92 -22.27 17.73 7.76
CA MET A 92 -21.69 17.21 6.50
C MET A 92 -20.25 16.71 6.73
N LEU A 93 -19.50 17.30 7.64
CA LEU A 93 -18.09 16.84 7.87
C LEU A 93 -18.08 15.40 8.43
N LYS A 94 -18.86 15.15 9.46
CA LYS A 94 -19.15 13.80 10.04
C LYS A 94 -19.61 12.84 8.93
N VAL A 95 -20.55 13.23 8.05
CA VAL A 95 -21.02 12.34 6.95
C VAL A 95 -19.83 11.98 6.05
N VAL A 96 -19.04 12.94 5.61
CA VAL A 96 -17.92 12.70 4.65
C VAL A 96 -16.81 11.91 5.35
N SER A 97 -16.44 12.22 6.60
CA SER A 97 -15.40 11.45 7.36
C SER A 97 -15.80 9.98 7.43
N ARG A 98 -17.07 9.67 7.74
CA ARG A 98 -17.49 8.26 7.96
C ARG A 98 -17.51 7.53 6.63
N MET A 99 -17.93 8.18 5.54
CA MET A 99 -18.00 7.56 4.20
C MET A 99 -16.59 7.39 3.63
N HIS A 100 -15.71 8.36 3.83
CA HIS A 100 -14.25 8.19 3.58
C HIS A 100 -13.68 7.02 4.42
N ARG A 101 -14.08 6.91 5.68
CA ARG A 101 -13.55 5.83 6.55
C ARG A 101 -13.95 4.50 5.92
N VAL A 102 -15.19 4.41 5.40
CA VAL A 102 -15.67 3.15 4.76
C VAL A 102 -14.73 2.82 3.60
N SER A 103 -14.30 3.80 2.79
CA SER A 103 -13.44 3.50 1.63
C SER A 103 -12.01 3.15 2.08
N VAL A 104 -11.50 3.76 3.15
CA VAL A 104 -10.19 3.38 3.74
C VAL A 104 -10.26 1.92 4.22
N ILE A 105 -11.32 1.54 4.92
CA ILE A 105 -11.51 0.13 5.32
C ILE A 105 -11.53 -0.73 4.06
N LEU A 106 -12.35 -0.39 3.05
CA LEU A 106 -12.50 -1.30 1.88
C LEU A 106 -11.14 -1.45 1.20
N LYS A 107 -10.36 -0.38 1.18
CA LYS A 107 -9.03 -0.40 0.52
C LYS A 107 -8.12 -1.40 1.24
N LEU A 108 -8.12 -1.42 2.58
CA LEU A 108 -7.41 -2.49 3.34
C LEU A 108 -8.01 -3.85 2.97
N LEU A 109 -9.34 -3.96 2.85
CA LEU A 109 -9.95 -5.30 2.58
C LEU A 109 -9.49 -5.84 1.22
N VAL A 110 -9.20 -4.95 0.27
CA VAL A 110 -8.70 -5.32 -1.08
C VAL A 110 -7.24 -5.80 -0.94
N GLN A 111 -6.43 -5.16 -0.10
CA GLN A 111 -5.01 -5.54 0.12
C GLN A 111 -4.94 -6.86 0.90
N GLN A 112 -5.94 -7.12 1.74
CA GLN A 112 -5.98 -8.28 2.64
C GLN A 112 -5.95 -9.58 1.83
N PHE A 113 -6.36 -9.55 0.56
CA PHE A 113 -6.32 -10.76 -0.30
C PHE A 113 -4.88 -11.25 -0.41
N SER A 114 -3.91 -10.33 -0.44
CA SER A 114 -2.48 -10.66 -0.59
C SER A 114 -2.06 -11.68 0.50
N ILE A 115 -2.73 -11.71 1.65
CA ILE A 115 -2.42 -12.70 2.72
C ILE A 115 -2.89 -14.09 2.27
N LEU A 116 -4.10 -14.20 1.74
CA LEU A 116 -4.66 -15.50 1.28
C LEU A 116 -3.93 -16.00 0.02
N GLU A 117 -3.27 -15.11 -0.71
CA GLU A 117 -2.43 -15.47 -1.87
C GLU A 117 -1.17 -16.24 -1.41
N THR A 118 -0.79 -16.16 -0.13
CA THR A 118 0.36 -16.95 0.39
C THR A 118 -0.04 -18.42 0.57
N MET A 119 -1.32 -18.75 0.35
CA MET A 119 -1.82 -20.15 0.40
C MET A 119 -1.90 -20.66 -1.04
N THR A 120 -1.24 -21.77 -1.33
CA THR A 120 -1.21 -22.36 -2.70
C THR A 120 -2.51 -23.11 -2.94
N ALA A 121 -2.85 -23.34 -4.19
CA ALA A 121 -3.99 -24.19 -4.61
C ALA A 121 -3.85 -25.60 -4.01
N LEU A 122 -2.65 -26.20 -4.08
CA LEU A 122 -2.31 -27.55 -3.53
C LEU A 122 -2.76 -27.66 -2.07
N ASP A 123 -2.39 -26.69 -1.24
CA ASP A 123 -2.66 -26.74 0.23
C ASP A 123 -4.15 -26.49 0.49
N PHE A 124 -4.78 -25.59 -0.26
CA PHE A 124 -6.24 -25.35 -0.13
C PHE A 124 -6.98 -26.66 -0.42
N ASN A 125 -6.54 -27.36 -1.47
CA ASN A 125 -7.13 -28.64 -1.91
C ASN A 125 -7.05 -29.68 -0.78
N ASP A 126 -6.14 -29.56 0.19
CA ASP A 126 -6.05 -30.55 1.28
C ASP A 126 -7.12 -30.38 2.34
N PHE A 127 -7.73 -29.19 2.51
CA PHE A 127 -8.80 -29.02 3.53
C PHE A 127 -10.14 -28.64 2.87
N ARG A 128 -10.16 -28.40 1.56
CA ARG A 128 -11.34 -27.88 0.82
C ARG A 128 -12.58 -28.74 1.09
N GLU A 129 -12.44 -30.07 0.95
CA GLU A 129 -13.54 -31.06 1.11
C GLU A 129 -14.24 -30.86 2.46
N TYR A 130 -13.53 -30.45 3.52
CA TYR A 130 -14.08 -30.30 4.89
C TYR A 130 -14.94 -29.04 5.02
N LEU A 131 -14.97 -28.18 3.99
CA LEU A 131 -15.75 -26.91 3.97
C LEU A 131 -17.16 -27.17 3.45
N SER A 132 -17.30 -28.10 2.53
CA SER A 132 -18.57 -28.41 1.82
C SER A 132 -19.65 -28.78 2.84
N PRO A 133 -20.89 -28.28 2.70
CA PRO A 133 -21.27 -27.34 1.64
C PRO A 133 -21.48 -25.88 2.05
N ALA A 134 -20.82 -25.39 3.11
CA ALA A 134 -20.83 -23.97 3.51
C ALA A 134 -20.38 -23.13 2.32
N SER A 135 -21.01 -21.96 2.10
CA SER A 135 -20.68 -21.06 0.95
C SER A 135 -20.60 -19.60 1.39
N GLY A 136 -19.87 -18.79 0.60
CA GLY A 136 -19.80 -17.32 0.68
C GLY A 136 -21.18 -16.68 0.59
N PHE A 137 -22.14 -17.27 -0.14
CA PHE A 137 -23.54 -16.77 -0.22
C PHE A 137 -24.15 -16.70 1.18
N GLN A 138 -23.59 -17.43 2.15
CA GLN A 138 -24.17 -17.52 3.52
C GLN A 138 -23.57 -16.45 4.44
N SER A 139 -22.73 -15.56 3.90
CA SER A 139 -22.29 -14.34 4.61
C SER A 139 -23.47 -13.36 4.73
N LEU A 140 -24.12 -13.31 5.88
CA LEU A 140 -25.21 -12.35 6.21
C LEU A 140 -24.73 -10.91 5.98
N GLN A 141 -23.62 -10.55 6.61
CA GLN A 141 -23.07 -9.15 6.60
C GLN A 141 -22.79 -8.67 5.18
N PHE A 142 -22.27 -9.52 4.31
CA PHE A 142 -21.98 -9.11 2.92
C PHE A 142 -23.29 -8.71 2.23
N ARG A 143 -24.38 -9.46 2.45
CA ARG A 143 -25.73 -9.17 1.88
C ARG A 143 -26.31 -7.91 2.54
N LEU A 144 -26.21 -7.79 3.87
CA LEU A 144 -26.70 -6.57 4.58
C LEU A 144 -26.01 -5.36 3.96
N LEU A 145 -24.74 -5.51 3.60
CA LEU A 145 -23.92 -4.35 3.19
C LEU A 145 -24.36 -3.97 1.78
N GLU A 146 -24.41 -4.93 0.86
CA GLU A 146 -25.00 -4.76 -0.50
C GLU A 146 -26.37 -4.10 -0.38
N ASN A 147 -27.28 -4.67 0.40
CA ASN A 147 -28.67 -4.15 0.49
C ASN A 147 -28.68 -2.70 1.01
N LYS A 148 -27.90 -2.41 2.07
CA LYS A 148 -27.93 -1.08 2.76
C LYS A 148 -27.30 0.00 1.88
N ILE A 149 -26.34 -0.33 1.01
CA ILE A 149 -25.81 0.68 0.03
C ILE A 149 -26.90 0.93 -1.02
N GLY A 150 -27.54 -0.13 -1.52
CA GLY A 150 -28.75 -0.02 -2.35
C GLY A 150 -28.76 -0.92 -3.57
N VAL A 151 -28.18 -2.12 -3.45
CA VAL A 151 -28.31 -3.18 -4.48
C VAL A 151 -29.76 -3.71 -4.42
N LEU A 152 -30.47 -3.70 -5.56
CA LEU A 152 -31.88 -4.16 -5.67
C LEU A 152 -31.91 -5.62 -6.14
N GLN A 153 -32.89 -6.41 -5.69
CA GLN A 153 -33.12 -7.81 -6.19
C GLN A 153 -33.05 -7.86 -7.72
N ASN A 154 -33.65 -6.88 -8.40
CA ASN A 154 -33.70 -6.73 -9.90
C ASN A 154 -32.29 -6.59 -10.49
N MET A 155 -31.39 -5.85 -9.82
CA MET A 155 -29.96 -5.71 -10.24
C MET A 155 -29.24 -7.07 -10.17
N ARG A 156 -29.62 -7.95 -9.22
CA ARG A 156 -28.82 -9.18 -8.88
C ARG A 156 -28.98 -10.26 -9.96
N VAL A 157 -27.90 -10.99 -10.24
CA VAL A 157 -27.90 -12.25 -11.06
C VAL A 157 -28.18 -13.41 -10.10
N PRO A 158 -29.05 -14.40 -10.48
CA PRO A 158 -29.23 -15.60 -9.65
C PRO A 158 -28.13 -16.67 -9.83
N TYR A 159 -27.94 -17.51 -8.79
CA TYR A 159 -27.09 -18.74 -8.73
C TYR A 159 -25.60 -18.39 -8.57
N HIS A 163 -33.34 -14.90 -5.10
CA HIS A 163 -32.81 -16.27 -4.86
C HIS A 163 -31.75 -16.26 -3.74
N TYR A 164 -31.00 -15.17 -3.57
CA TYR A 164 -29.87 -15.05 -2.60
C TYR A 164 -30.37 -15.26 -1.17
N ARG A 165 -31.64 -14.88 -0.90
CA ARG A 165 -32.22 -14.86 0.48
C ARG A 165 -32.69 -16.27 0.91
N ASP A 166 -32.76 -17.23 -0.02
CA ASP A 166 -33.15 -18.64 0.28
C ASP A 166 -32.03 -19.33 1.07
N ASN A 167 -30.82 -18.76 1.05
CA ASN A 167 -29.63 -19.26 1.79
C ASN A 167 -29.77 -18.99 3.30
N PHE A 168 -30.81 -18.26 3.75
CA PHE A 168 -30.95 -17.77 5.15
C PHE A 168 -32.32 -18.13 5.73
N LYS A 169 -32.44 -18.08 7.07
CA LYS A 169 -33.61 -18.55 7.86
C LYS A 169 -33.72 -17.77 9.18
N GLY A 170 -34.90 -17.74 9.79
CA GLY A 170 -35.11 -17.24 11.17
C GLY A 170 -34.83 -15.75 11.29
N GLU A 171 -34.12 -15.34 12.36
CA GLU A 171 -33.74 -13.93 12.63
C GLU A 171 -32.78 -13.39 11.55
N GLU A 172 -31.87 -14.21 11.02
CA GLU A 172 -30.99 -13.82 9.88
C GLU A 172 -31.86 -13.43 8.68
N ASN A 173 -32.89 -14.23 8.36
CA ASN A 173 -33.81 -13.95 7.23
C ASN A 173 -34.59 -12.66 7.54
N GLU A 174 -34.97 -12.48 8.81
CA GLU A 174 -35.69 -11.27 9.31
C GLU A 174 -34.80 -10.03 9.07
N LEU A 175 -33.52 -10.09 9.40
CA LEU A 175 -32.58 -8.93 9.30
C LEU A 175 -32.39 -8.56 7.83
N LEU A 176 -32.25 -9.56 6.96
CA LEU A 176 -32.07 -9.32 5.51
C LEU A 176 -33.30 -8.57 4.96
N LEU A 177 -34.49 -9.00 5.34
CA LEU A 177 -35.77 -8.40 4.88
C LEU A 177 -35.75 -6.93 5.27
N LYS A 178 -35.41 -6.64 6.54
CA LYS A 178 -35.29 -5.28 7.08
C LYS A 178 -34.32 -4.48 6.22
N SER A 179 -33.19 -5.10 5.85
CA SER A 179 -32.12 -4.49 5.02
C SER A 179 -32.69 -4.14 3.63
N GLU A 180 -33.68 -4.89 3.13
CA GLU A 180 -34.31 -4.61 1.81
C GLU A 180 -35.44 -3.57 1.96
N GLN A 181 -36.14 -3.54 3.10
CA GLN A 181 -37.38 -2.74 3.30
C GLN A 181 -37.04 -1.34 3.82
N GLU A 182 -36.06 -1.21 4.72
CA GLU A 182 -35.63 0.10 5.26
C GLU A 182 -34.98 0.92 4.14
N LYS A 183 -34.93 2.23 4.31
CA LYS A 183 -34.37 3.18 3.32
C LYS A 183 -32.88 2.90 3.13
N THR A 184 -32.46 2.72 1.88
CA THR A 184 -31.06 2.42 1.48
C THR A 184 -30.28 3.72 1.38
N LEU A 185 -28.94 3.66 1.40
CA LEU A 185 -28.11 4.87 1.20
C LEU A 185 -28.49 5.50 -0.14
N LEU A 186 -28.74 4.72 -1.19
CA LEU A 186 -29.13 5.26 -2.52
C LEU A 186 -30.39 6.12 -2.37
N GLU A 187 -31.44 5.62 -1.70
CA GLU A 187 -32.73 6.34 -1.56
C GLU A 187 -32.54 7.62 -0.74
N LEU A 188 -31.73 7.55 0.32
CA LEU A 188 -31.59 8.67 1.27
C LEU A 188 -30.77 9.78 0.60
N VAL A 189 -29.73 9.41 -0.15
CA VAL A 189 -28.90 10.37 -0.94
C VAL A 189 -29.78 10.98 -2.05
N GLU A 190 -30.63 10.20 -2.70
CA GLU A 190 -31.54 10.66 -3.78
C GLU A 190 -32.45 11.77 -3.23
N ALA A 191 -33.19 11.50 -2.15
CA ALA A 191 -34.05 12.49 -1.46
C ALA A 191 -33.26 13.77 -1.20
N TRP A 192 -32.03 13.66 -0.71
CA TRP A 192 -31.23 14.85 -0.32
C TRP A 192 -30.78 15.58 -1.59
N LEU A 193 -30.41 14.87 -2.64
CA LEU A 193 -29.97 15.50 -3.93
C LEU A 193 -31.15 16.26 -4.59
N GLU A 194 -32.38 15.75 -4.47
CA GLU A 194 -33.59 16.45 -5.01
C GLU A 194 -33.76 17.84 -4.39
N ARG A 195 -33.21 18.10 -3.18
CA ARG A 195 -33.40 19.38 -2.45
C ARG A 195 -32.20 20.30 -2.66
N THR A 196 -31.30 19.96 -3.60
CA THR A 196 -30.04 20.72 -3.82
C THR A 196 -30.42 22.15 -4.21
N PRO A 197 -29.95 23.19 -3.50
CA PRO A 197 -30.19 24.58 -3.90
C PRO A 197 -29.69 24.91 -5.32
N GLY A 198 -30.41 25.81 -6.02
CA GLY A 198 -30.15 26.20 -7.42
C GLY A 198 -31.08 25.53 -8.41
N LEU A 199 -31.80 24.47 -8.05
CA LEU A 199 -32.69 23.76 -9.03
C LEU A 199 -34.01 24.53 -9.21
N GLU A 200 -34.40 25.35 -8.26
CA GLU A 200 -35.77 25.94 -8.19
C GLU A 200 -35.99 26.80 -9.44
N PRO A 201 -37.03 26.48 -10.26
CA PRO A 201 -37.36 27.28 -11.44
C PRO A 201 -37.54 28.78 -11.09
N HIS A 202 -38.10 29.09 -9.92
CA HIS A 202 -38.23 30.49 -9.41
C HIS A 202 -36.85 31.11 -9.19
N GLY A 203 -35.88 30.35 -8.69
CA GLY A 203 -34.55 30.86 -8.29
C GLY A 203 -33.55 30.81 -9.42
N PHE A 204 -32.43 30.13 -9.21
CA PHE A 204 -31.29 30.08 -10.17
C PHE A 204 -31.69 29.30 -11.42
N ASN A 205 -32.63 28.36 -11.30
CA ASN A 205 -33.22 27.67 -12.47
C ASN A 205 -32.09 27.03 -13.27
N PHE A 206 -31.29 26.19 -12.62
CA PHE A 206 -30.02 25.64 -13.16
C PHE A 206 -30.32 24.94 -14.49
N TRP A 207 -31.36 24.12 -14.50
CA TRP A 207 -31.60 23.16 -15.61
C TRP A 207 -31.95 23.95 -16.88
N GLY A 208 -32.82 24.95 -16.73
CA GLY A 208 -33.22 25.90 -17.78
C GLY A 208 -32.02 26.62 -18.35
N LYS A 209 -31.17 27.21 -17.50
CA LYS A 209 -29.97 27.95 -17.96
C LYS A 209 -28.96 26.98 -18.60
N LEU A 210 -28.88 25.75 -18.10
CA LEU A 210 -27.91 24.75 -18.61
C LEU A 210 -28.34 24.36 -20.04
N GLU A 211 -29.62 24.07 -20.24
CA GLU A 211 -30.14 23.71 -21.59
C GLU A 211 -29.87 24.86 -22.57
N LYS A 212 -30.19 26.08 -22.16
CA LYS A 212 -29.98 27.30 -22.99
C LYS A 212 -28.51 27.32 -23.39
N ASN A 213 -27.60 27.27 -22.43
CA ASN A 213 -26.14 27.48 -22.69
C ASN A 213 -25.53 26.35 -23.52
N ILE A 214 -26.00 25.12 -23.37
CA ILE A 214 -25.51 23.97 -24.16
C ILE A 214 -26.08 24.08 -25.58
N THR A 215 -27.38 24.40 -25.71
CA THR A 215 -27.98 24.70 -27.05
C THR A 215 -27.19 25.83 -27.73
N ARG A 216 -26.96 26.93 -27.03
CA ARG A 216 -26.20 28.09 -27.58
C ARG A 216 -24.77 27.63 -27.92
N GLY A 217 -24.05 26.99 -26.97
CA GLY A 217 -22.67 26.52 -27.18
C GLY A 217 -22.57 25.54 -28.34
N LEU A 218 -23.53 24.62 -28.48
CA LEU A 218 -23.53 23.64 -29.60
C LEU A 218 -23.70 24.39 -30.93
N GLU A 219 -24.55 25.42 -30.99
CA GLU A 219 -24.75 26.28 -32.22
C GLU A 219 -23.41 26.93 -32.60
N GLU A 220 -22.72 27.58 -31.64
CA GLU A 220 -21.45 28.29 -31.89
C GLU A 220 -20.40 27.30 -32.43
N GLU A 221 -20.45 26.06 -31.95
CA GLU A 221 -19.46 24.99 -32.24
C GLU A 221 -19.71 24.45 -33.66
N PHE A 222 -20.98 24.17 -34.00
CA PHE A 222 -21.43 23.78 -35.36
C PHE A 222 -20.95 24.83 -36.37
N ILE A 223 -20.98 26.10 -35.99
CA ILE A 223 -20.64 27.26 -36.86
C ILE A 223 -19.13 27.25 -37.09
N ARG A 224 -18.32 27.15 -36.04
CA ARG A 224 -16.83 27.11 -36.11
C ARG A 224 -16.38 26.01 -37.07
N ILE A 225 -17.06 24.85 -37.05
CA ILE A 225 -16.71 23.62 -37.81
C ILE A 225 -17.13 23.82 -39.28
N GLN A 226 -18.34 24.35 -39.51
CA GLN A 226 -18.88 24.56 -40.87
C GLN A 226 -17.99 25.58 -41.60
N ALA A 227 -17.29 26.45 -40.85
CA ALA A 227 -16.42 27.53 -41.39
C ALA A 227 -15.16 26.93 -42.04
N LYS A 228 -14.73 25.74 -41.60
CA LYS A 228 -13.45 25.14 -42.04
C LYS A 228 -13.60 24.63 -43.49
N GLU A 229 -12.48 24.58 -44.23
CA GLU A 229 -12.41 24.17 -45.66
C GLU A 229 -12.73 22.67 -45.76
N GLU A 230 -13.49 22.25 -46.79
CA GLU A 230 -13.95 20.85 -46.99
C GLU A 230 -12.73 19.92 -46.97
N SER A 231 -12.58 19.13 -45.91
CA SER A 231 -11.48 18.15 -45.71
C SER A 231 -12.02 16.93 -44.94
N GLU A 232 -11.42 15.76 -45.14
CA GLU A 232 -11.75 14.52 -44.38
C GLU A 232 -11.75 14.82 -42.88
N GLU A 233 -10.72 15.53 -42.37
CA GLU A 233 -10.64 16.02 -40.98
C GLU A 233 -11.96 16.72 -40.58
N LYS A 234 -12.40 17.70 -41.36
CA LYS A 234 -13.68 18.44 -41.14
C LYS A 234 -14.85 17.45 -41.01
N GLU A 235 -15.00 16.52 -41.95
CA GLU A 235 -16.10 15.52 -41.95
C GLU A 235 -15.97 14.60 -40.73
N GLU A 236 -14.75 14.44 -40.19
CA GLU A 236 -14.50 13.67 -38.93
C GLU A 236 -15.00 14.51 -37.74
N GLN A 237 -14.78 15.83 -37.75
CA GLN A 237 -15.25 16.78 -36.72
C GLN A 237 -16.79 16.91 -36.78
N VAL A 238 -17.39 16.89 -37.98
CA VAL A 238 -18.88 16.98 -38.15
C VAL A 238 -19.50 15.80 -37.39
N ALA A 239 -19.12 14.57 -37.75
CA ALA A 239 -19.70 13.32 -37.19
C ALA A 239 -19.43 13.26 -35.67
N GLU A 240 -18.24 13.70 -35.22
CA GLU A 240 -17.90 13.81 -33.77
C GLU A 240 -18.92 14.75 -33.09
N PHE A 241 -19.12 15.97 -33.63
CA PHE A 241 -20.09 16.97 -33.13
C PHE A 241 -21.50 16.37 -33.08
N GLN A 242 -21.95 15.68 -34.14
CA GLN A 242 -23.36 15.22 -34.24
C GLN A 242 -23.66 14.21 -33.13
N LYS A 243 -22.71 13.33 -32.81
CA LYS A 243 -22.85 12.34 -31.71
C LYS A 243 -22.80 13.07 -30.36
N GLN A 244 -21.86 14.00 -30.20
CA GLN A 244 -21.71 14.84 -28.97
C GLN A 244 -23.00 15.63 -28.73
N LYS A 245 -23.59 16.15 -29.82
CA LYS A 245 -24.84 16.95 -29.72
C LYS A 245 -25.97 16.02 -29.26
N GLU A 246 -26.03 14.78 -29.78
CA GLU A 246 -27.07 13.79 -29.38
C GLU A 246 -26.93 13.47 -27.88
N VAL A 247 -25.69 13.26 -27.41
CA VAL A 247 -25.43 12.89 -25.99
C VAL A 247 -25.86 14.06 -25.10
N LEU A 248 -25.32 15.26 -25.36
CA LEU A 248 -25.50 16.44 -24.48
C LEU A 248 -26.99 16.78 -24.40
N LEU A 249 -27.71 16.75 -25.53
CA LEU A 249 -29.10 17.23 -25.56
C LEU A 249 -30.03 16.15 -25.00
N SER A 250 -29.65 14.87 -25.10
CA SER A 250 -30.39 13.75 -24.47
C SER A 250 -30.46 13.95 -22.96
N LEU A 251 -29.57 14.75 -22.37
CA LEU A 251 -29.62 15.10 -20.93
C LEU A 251 -30.97 15.71 -20.58
N PHE A 252 -31.57 16.46 -21.52
CA PHE A 252 -32.79 17.27 -21.26
C PHE A 252 -34.03 16.46 -21.61
N ASP A 253 -33.88 15.20 -22.05
CA ASP A 253 -34.99 14.30 -22.41
C ASP A 253 -35.37 13.49 -21.17
N GLU A 254 -36.30 14.01 -20.37
CA GLU A 254 -36.80 13.39 -19.13
C GLU A 254 -37.37 12.00 -19.41
N LYS A 255 -37.98 11.80 -20.58
CA LYS A 255 -38.65 10.51 -20.91
C LYS A 255 -37.57 9.49 -21.31
N ARG A 256 -36.47 9.91 -21.93
CA ARG A 256 -35.30 9.01 -22.12
C ARG A 256 -34.81 8.56 -20.74
N HIS A 257 -34.87 9.43 -19.72
CA HIS A 257 -34.38 9.14 -18.35
C HIS A 257 -35.24 8.04 -17.72
N GLU A 258 -36.57 8.15 -17.82
CA GLU A 258 -37.51 7.14 -17.28
C GLU A 258 -37.24 5.81 -17.97
N HIS A 259 -36.93 5.84 -19.27
CA HIS A 259 -36.68 4.61 -20.08
C HIS A 259 -35.40 3.94 -19.55
N LEU A 260 -34.34 4.72 -19.30
CA LEU A 260 -33.07 4.17 -18.76
C LEU A 260 -33.27 3.71 -17.30
N LEU A 261 -34.11 4.39 -16.52
CA LEU A 261 -34.47 3.89 -15.16
C LEU A 261 -35.00 2.46 -15.27
N SER A 262 -35.94 2.23 -16.20
CA SER A 262 -36.71 0.95 -16.35
C SER A 262 -35.78 -0.20 -16.75
N LYS A 263 -34.79 0.06 -17.61
CA LYS A 263 -33.76 -0.91 -18.09
C LYS A 263 -32.67 -1.08 -17.02
N GLY A 264 -32.71 -0.31 -15.93
CA GLY A 264 -31.70 -0.30 -14.86
C GLY A 264 -30.36 0.32 -15.27
N GLU A 265 -30.28 0.99 -16.41
CA GLU A 265 -29.02 1.70 -16.82
C GLU A 265 -28.79 2.92 -15.92
N ARG A 266 -29.84 3.50 -15.35
CA ARG A 266 -29.79 4.61 -14.36
C ARG A 266 -30.55 4.20 -13.10
N ARG A 267 -30.35 4.92 -11.98
CA ARG A 267 -31.02 4.59 -10.67
C ARG A 267 -31.57 5.86 -10.02
N LEU A 268 -30.86 6.97 -10.12
CA LEU A 268 -31.27 8.25 -9.50
C LEU A 268 -32.44 8.85 -10.30
N SER A 269 -33.39 9.45 -9.58
CA SER A 269 -34.48 10.30 -10.12
C SER A 269 -33.86 11.42 -10.95
N TYR A 270 -34.62 11.88 -11.95
CA TYR A 270 -34.22 12.98 -12.84
C TYR A 270 -33.80 14.16 -11.98
N ARG A 271 -34.57 14.45 -10.94
CA ARG A 271 -34.30 15.66 -10.14
C ARG A 271 -33.02 15.44 -9.32
N ALA A 272 -32.81 14.23 -8.79
CA ALA A 272 -31.57 13.87 -8.06
C ALA A 272 -30.38 14.07 -9.02
N LEU A 273 -30.51 13.64 -10.28
CA LEU A 273 -29.42 13.76 -11.29
C LEU A 273 -29.08 15.24 -11.46
N GLN A 274 -30.09 16.09 -11.45
CA GLN A 274 -29.92 17.56 -11.58
C GLN A 274 -29.09 18.09 -10.40
N GLY A 275 -29.45 17.66 -9.19
CA GLY A 275 -28.77 18.08 -7.94
C GLY A 275 -27.31 17.70 -7.95
N ALA A 276 -27.02 16.43 -8.26
CA ALA A 276 -25.66 15.89 -8.47
C ALA A 276 -24.89 16.83 -9.42
N LEU A 277 -25.46 17.12 -10.59
CA LEU A 277 -24.75 17.85 -11.68
C LEU A 277 -24.53 19.30 -11.25
N MET A 278 -25.42 19.84 -10.42
CA MET A 278 -25.29 21.21 -9.86
C MET A 278 -24.07 21.25 -8.93
N ILE A 279 -23.95 20.27 -8.01
CA ILE A 279 -22.80 20.16 -7.05
C ILE A 279 -21.50 19.99 -7.85
N TYR A 280 -21.53 19.12 -8.86
CA TYR A 280 -20.40 18.80 -9.76
C TYR A 280 -19.82 20.07 -10.42
N PHE A 281 -20.67 20.90 -11.04
CA PHE A 281 -20.26 22.10 -11.82
C PHE A 281 -19.93 23.24 -10.87
N TYR A 282 -20.61 23.38 -9.73
CA TYR A 282 -20.39 24.50 -8.77
C TYR A 282 -19.71 24.01 -7.47
N ARG A 283 -18.93 22.92 -7.55
CA ARG A 283 -18.19 22.25 -6.43
C ARG A 283 -17.44 23.27 -5.53
N GLU A 284 -16.85 24.31 -6.11
CA GLU A 284 -15.99 25.28 -5.38
C GLU A 284 -16.84 26.24 -4.52
N GLU A 285 -18.16 26.40 -4.81
CA GLU A 285 -19.04 27.28 -3.98
C GLU A 285 -19.06 26.68 -2.58
N PRO A 286 -18.83 27.48 -1.51
CA PRO A 286 -18.62 26.94 -0.17
C PRO A 286 -19.58 25.85 0.32
N ARG A 287 -20.89 26.04 0.13
CA ARG A 287 -21.95 25.11 0.56
C ARG A 287 -21.86 23.83 -0.26
N PHE A 288 -21.19 23.83 -1.40
CA PHE A 288 -21.07 22.60 -2.25
C PHE A 288 -19.70 21.88 -2.08
N GLN A 289 -18.73 22.43 -1.35
CA GLN A 289 -17.37 21.83 -1.26
C GLN A 289 -17.44 20.44 -0.63
N VAL A 290 -17.96 20.34 0.58
CA VAL A 290 -18.05 19.03 1.27
C VAL A 290 -19.07 18.15 0.59
N PRO A 291 -20.25 18.65 0.12
CA PRO A 291 -21.14 17.79 -0.66
C PRO A 291 -20.50 17.14 -1.89
N PHE A 292 -19.59 17.86 -2.57
CA PHE A 292 -18.80 17.30 -3.69
C PHE A 292 -17.92 16.15 -3.19
N GLN A 293 -17.25 16.33 -2.05
CA GLN A 293 -16.40 15.26 -1.45
C GLN A 293 -17.31 14.06 -1.14
N LEU A 294 -18.56 14.28 -0.73
CA LEU A 294 -19.44 13.14 -0.42
C LEU A 294 -19.75 12.40 -1.73
N LEU A 295 -20.02 13.11 -2.83
CA LEU A 295 -20.32 12.44 -4.12
C LEU A 295 -19.10 11.62 -4.54
N THR A 296 -17.91 12.18 -4.42
CA THR A 296 -16.60 11.50 -4.67
C THR A 296 -16.46 10.22 -3.84
N SER A 297 -16.75 10.26 -2.54
CA SER A 297 -16.62 9.09 -1.62
C SER A 297 -17.61 8.00 -2.04
N LEU A 298 -18.80 8.37 -2.48
CA LEU A 298 -19.79 7.37 -2.93
C LEU A 298 -19.26 6.66 -4.17
N MET A 299 -18.59 7.36 -5.10
CA MET A 299 -17.98 6.70 -6.28
C MET A 299 -16.87 5.75 -5.79
N ASP A 300 -16.02 6.24 -4.88
CA ASP A 300 -14.89 5.46 -4.30
C ASP A 300 -15.44 4.16 -3.73
N ILE A 301 -16.49 4.24 -2.91
CA ILE A 301 -17.08 3.04 -2.26
C ILE A 301 -17.49 2.05 -3.35
N ASP A 302 -18.22 2.47 -4.40
CA ASP A 302 -18.58 1.59 -5.55
C ASP A 302 -17.32 1.00 -6.22
N SER A 303 -16.29 1.79 -6.51
CA SER A 303 -15.05 1.31 -7.19
C SER A 303 -14.39 0.21 -6.37
N LEU A 304 -14.25 0.45 -5.07
CA LEU A 304 -13.53 -0.44 -4.11
C LEU A 304 -14.37 -1.69 -3.85
N MET A 305 -15.71 -1.60 -3.81
CA MET A 305 -16.57 -2.80 -3.75
C MET A 305 -16.31 -3.62 -5.01
N THR A 306 -16.21 -2.98 -6.17
CA THR A 306 -16.01 -3.71 -7.45
C THR A 306 -14.60 -4.32 -7.43
N LYS A 307 -13.59 -3.59 -6.96
CA LYS A 307 -12.20 -4.13 -6.79
C LYS A 307 -12.19 -5.32 -5.81
N TRP A 308 -12.97 -5.27 -4.76
CA TRP A 308 -13.11 -6.46 -3.87
C TRP A 308 -13.61 -7.63 -4.71
N ARG A 309 -14.68 -7.41 -5.47
CA ARG A 309 -15.35 -8.47 -6.26
C ARG A 309 -14.33 -9.06 -7.24
N TYR A 310 -13.49 -8.20 -7.83
CA TYR A 310 -12.47 -8.57 -8.86
C TYR A 310 -11.38 -9.44 -8.23
N ASN A 311 -10.80 -8.99 -7.12
CA ASN A 311 -9.77 -9.76 -6.37
C ASN A 311 -10.40 -11.09 -5.92
N HIS A 312 -11.64 -11.12 -5.46
CA HIS A 312 -12.28 -12.39 -5.02
C HIS A 312 -12.39 -13.37 -6.20
N VAL A 313 -12.78 -12.88 -7.38
CA VAL A 313 -12.92 -13.71 -8.62
C VAL A 313 -11.57 -14.34 -8.97
N CYS A 314 -10.50 -13.53 -9.10
CA CYS A 314 -9.09 -13.91 -9.36
C CYS A 314 -8.59 -14.94 -8.33
N MET A 315 -8.92 -14.74 -7.05
CA MET A 315 -8.63 -15.68 -5.94
C MET A 315 -9.29 -17.04 -6.23
N VAL A 316 -10.56 -17.06 -6.61
CA VAL A 316 -11.31 -18.32 -6.88
C VAL A 316 -10.66 -19.03 -8.08
N HIS A 317 -10.29 -18.27 -9.12
CA HIS A 317 -9.62 -18.80 -10.34
C HIS A 317 -8.29 -19.46 -9.95
N ARG A 318 -7.46 -18.79 -9.15
CA ARG A 318 -6.13 -19.27 -8.70
C ARG A 318 -6.29 -20.60 -7.93
N MET A 319 -7.39 -20.79 -7.20
CA MET A 319 -7.63 -21.95 -6.32
C MET A 319 -8.40 -23.08 -7.02
N LEU A 320 -9.25 -22.81 -8.00
CA LEU A 320 -10.15 -23.85 -8.58
C LEU A 320 -9.96 -24.02 -10.11
N GLY A 321 -9.43 -23.01 -10.83
CA GLY A 321 -9.23 -23.10 -12.28
C GLY A 321 -10.49 -22.87 -13.12
N SER A 322 -11.61 -23.55 -12.82
CA SER A 322 -12.89 -23.49 -13.61
C SER A 322 -14.10 -23.59 -12.67
N TYR A 332 -18.92 -19.61 -10.63
CA TYR A 332 -17.69 -18.92 -11.11
C TYR A 332 -18.05 -17.86 -12.16
N HIS A 333 -18.86 -18.23 -13.17
CA HIS A 333 -19.35 -17.29 -14.22
C HIS A 333 -20.28 -16.25 -13.59
N TYR A 334 -21.08 -16.65 -12.57
CA TYR A 334 -21.86 -15.75 -11.69
C TYR A 334 -20.96 -14.64 -11.12
N LEU A 335 -19.81 -15.03 -10.54
CA LEU A 335 -18.88 -14.10 -9.85
C LEU A 335 -18.36 -13.05 -10.83
N ARG A 336 -18.03 -13.45 -12.06
CA ARG A 336 -17.53 -12.55 -13.15
C ARG A 336 -18.61 -11.53 -13.53
N SER A 337 -19.90 -11.93 -13.50
CA SER A 337 -21.09 -11.06 -13.71
C SER A 337 -21.13 -9.93 -12.68
N THR A 338 -20.70 -10.20 -11.44
CA THR A 338 -20.79 -9.24 -10.31
C THR A 338 -19.76 -8.13 -10.50
N VAL A 339 -18.75 -8.34 -11.34
CA VAL A 339 -17.66 -7.33 -11.61
C VAL A 339 -18.11 -6.48 -12.80
N SER A 340 -19.11 -5.63 -12.60
CA SER A 340 -19.78 -4.85 -13.66
C SER A 340 -20.59 -3.71 -13.04
N ASP A 341 -20.97 -2.74 -13.85
CA ASP A 341 -21.74 -1.54 -13.43
C ASP A 341 -23.14 -1.94 -12.92
N ARG A 342 -23.63 -3.14 -13.25
CA ARG A 342 -24.94 -3.66 -12.78
C ARG A 342 -25.00 -3.64 -11.24
N TYR A 343 -23.87 -3.88 -10.56
CA TYR A 343 -23.75 -3.89 -9.08
C TYR A 343 -23.25 -2.55 -8.53
N LYS A 344 -22.91 -1.56 -9.38
CA LYS A 344 -22.53 -0.19 -8.92
C LYS A 344 -23.77 0.64 -8.60
N VAL A 345 -24.04 0.88 -7.31
CA VAL A 345 -25.27 1.58 -6.82
C VAL A 345 -25.28 3.04 -7.33
N PHE A 346 -24.13 3.70 -7.37
CA PHE A 346 -24.00 5.14 -7.69
C PHE A 346 -23.39 5.30 -9.08
N VAL A 347 -23.71 4.36 -9.97
CA VAL A 347 -23.28 4.36 -11.40
C VAL A 347 -23.58 5.73 -12.05
N ASP A 348 -24.68 6.38 -11.66
CA ASP A 348 -25.07 7.70 -12.23
C ASP A 348 -24.00 8.75 -11.93
N LEU A 349 -23.33 8.66 -10.79
CA LEU A 349 -22.32 9.67 -10.38
C LEU A 349 -21.06 9.49 -11.25
N PHE A 350 -20.69 8.26 -11.58
CA PHE A 350 -19.63 8.00 -12.58
C PHE A 350 -20.03 8.61 -13.92
N ASN A 351 -21.26 8.32 -14.36
CA ASN A 351 -21.71 8.66 -15.73
C ASN A 351 -21.95 10.18 -15.92
N LEU A 352 -21.85 11.02 -14.89
CA LEU A 352 -21.93 12.49 -15.07
C LEU A 352 -20.78 12.99 -15.98
N SER A 353 -19.64 12.28 -16.05
CA SER A 353 -18.45 12.65 -16.88
C SER A 353 -18.82 12.70 -18.36
N THR A 354 -19.71 11.79 -18.80
CA THR A 354 -20.36 11.76 -20.15
C THR A 354 -20.85 13.16 -20.56
N TYR A 355 -21.40 13.94 -19.61
CA TYR A 355 -22.07 15.25 -19.82
C TYR A 355 -21.15 16.43 -19.44
N LEU A 356 -19.83 16.22 -19.47
CA LEU A 356 -18.86 17.35 -19.33
C LEU A 356 -18.94 18.30 -20.54
N ILE A 357 -18.94 19.59 -20.25
CA ILE A 357 -19.01 20.67 -21.26
C ILE A 357 -17.85 21.62 -21.00
N PRO A 358 -17.49 22.48 -22.00
CA PRO A 358 -16.52 23.55 -21.79
C PRO A 358 -16.88 24.43 -20.58
N ARG A 359 -15.87 24.91 -19.86
CA ARG A 359 -16.05 25.71 -18.63
C ARG A 359 -16.96 26.92 -18.94
N HIS A 360 -16.73 27.62 -20.05
CA HIS A 360 -17.43 28.89 -20.39
C HIS A 360 -18.93 28.64 -20.62
N TRP A 361 -19.36 27.42 -20.99
CA TRP A 361 -20.81 27.10 -21.17
C TRP A 361 -21.50 26.98 -19.81
N ILE A 362 -20.78 26.79 -18.71
CA ILE A 362 -21.45 26.58 -17.40
C ILE A 362 -22.10 27.91 -17.04
N PRO A 363 -23.42 27.94 -16.73
CA PRO A 363 -24.10 29.18 -16.40
C PRO A 363 -23.38 29.95 -15.27
N LYS A 364 -23.18 31.26 -15.48
CA LYS A 364 -22.48 32.13 -14.52
C LYS A 364 -23.36 32.34 -13.30
N MET A 365 -22.78 32.67 -12.15
CA MET A 365 -23.52 33.00 -10.91
C MET A 365 -23.43 34.50 -10.63
N ASN A 366 -24.59 35.12 -10.36
CA ASN A 366 -24.77 36.55 -9.95
C ASN A 366 -24.48 36.65 -8.44
N PRO A 367 -24.25 37.88 -7.91
CA PRO A 367 -23.92 38.06 -6.49
C PRO A 367 -24.95 37.44 -5.52
N THR A 368 -26.25 37.49 -5.87
CA THR A 368 -27.38 36.97 -5.04
C THR A 368 -27.27 35.44 -4.87
N ILE A 369 -26.93 34.71 -5.94
CA ILE A 369 -26.86 33.21 -5.88
C ILE A 369 -25.49 32.81 -5.31
N HIS A 370 -24.43 33.61 -5.49
CA HIS A 370 -23.12 33.45 -4.79
C HIS A 370 -23.32 33.50 -3.26
N LYS A 371 -24.09 34.48 -2.75
CA LYS A 371 -24.33 34.69 -1.28
C LYS A 371 -25.18 33.56 -0.71
N PHE A 372 -26.13 33.02 -1.49
CA PHE A 372 -27.01 31.89 -1.08
C PHE A 372 -26.17 30.60 -0.91
N LEU A 373 -25.08 30.44 -1.69
CA LEU A 373 -24.16 29.26 -1.64
C LEU A 373 -22.95 29.54 -0.73
N GLU A 374 -23.01 30.61 0.08
CA GLU A 374 -22.02 30.95 1.13
C GLU A 374 -22.62 30.51 2.48
N HIS A 375 -21.77 30.00 3.36
CA HIS A 375 -22.17 29.46 4.68
C HIS A 375 -22.91 30.55 5.47
N GLY B 22 -28.01 -31.42 8.44
CA GLY B 22 -27.11 -30.75 9.43
C GLY B 22 -25.77 -30.39 8.82
N GLY B 23 -25.77 -29.91 7.57
CA GLY B 23 -24.57 -29.51 6.82
C GLY B 23 -23.90 -28.27 7.41
N LEU B 24 -22.60 -28.10 7.12
CA LEU B 24 -21.78 -26.98 7.64
C LEU B 24 -22.27 -25.66 7.01
N ILE B 25 -22.57 -24.67 7.85
CA ILE B 25 -22.97 -23.26 7.50
C ILE B 25 -21.79 -22.30 7.79
N TYR B 26 -21.53 -21.36 6.86
CA TYR B 26 -20.48 -20.30 6.90
C TYR B 26 -20.30 -19.73 8.31
N GLY B 27 -21.38 -19.19 8.88
CA GLY B 27 -21.38 -18.50 10.18
C GLY B 27 -20.95 -19.42 11.29
N ASN B 28 -21.37 -20.70 11.25
CA ASN B 28 -21.07 -21.71 12.29
C ASN B 28 -19.59 -22.09 12.17
N TYR B 29 -19.14 -22.36 10.94
CA TYR B 29 -17.73 -22.73 10.61
C TYR B 29 -16.77 -21.69 11.22
N LEU B 30 -17.07 -20.39 11.06
CA LEU B 30 -16.22 -19.24 11.49
C LEU B 30 -16.59 -18.79 12.89
N HIS B 31 -17.53 -19.47 13.54
CA HIS B 31 -17.97 -19.16 14.91
C HIS B 31 -18.28 -17.68 15.01
N LEU B 32 -19.03 -17.16 14.03
CA LEU B 32 -19.36 -15.71 13.98
C LEU B 32 -20.27 -15.36 15.15
N GLU B 33 -20.96 -16.36 15.73
CA GLU B 33 -21.79 -16.18 16.95
C GLU B 33 -20.89 -15.70 18.08
N LYS B 34 -19.58 -15.99 18.04
CA LYS B 34 -18.64 -15.37 19.01
C LYS B 34 -18.01 -14.11 18.40
N VAL B 35 -17.46 -14.22 17.19
CA VAL B 35 -16.64 -13.11 16.60
C VAL B 35 -17.51 -11.85 16.54
N LEU B 36 -18.76 -11.97 16.09
CA LEU B 36 -19.65 -10.80 15.83
C LEU B 36 -20.56 -10.48 17.02
N ASN B 37 -20.29 -11.07 18.19
CA ASN B 37 -21.01 -10.76 19.45
C ASN B 37 -20.02 -10.40 20.52
N ALA B 38 -18.96 -9.69 20.14
CA ALA B 38 -17.75 -9.41 20.97
C ALA B 38 -17.53 -7.91 21.07
N GLN B 39 -18.53 -7.14 20.67
CA GLN B 39 -18.41 -5.67 20.47
C GLN B 39 -19.28 -4.98 21.52
N GLU B 40 -18.65 -4.50 22.59
CA GLU B 40 -19.37 -3.82 23.70
C GLU B 40 -18.70 -2.47 23.95
N LEU B 41 -19.38 -1.39 23.61
CA LEU B 41 -18.87 -0.02 23.83
C LEU B 41 -19.10 0.32 25.31
N GLN B 42 -18.03 0.59 26.04
CA GLN B 42 -18.08 1.02 27.45
C GLN B 42 -18.83 2.35 27.52
N SER B 43 -18.64 3.22 26.53
CA SER B 43 -19.33 4.51 26.46
C SER B 43 -20.83 4.27 26.50
N GLU B 44 -21.30 3.24 25.80
CA GLU B 44 -22.74 2.84 25.75
C GLU B 44 -23.17 2.22 27.09
N THR B 45 -22.35 1.32 27.65
CA THR B 45 -22.64 0.57 28.90
C THR B 45 -22.81 1.56 30.05
N LYS B 46 -22.15 2.73 29.98
CA LYS B 46 -22.23 3.82 30.99
C LYS B 46 -23.09 5.00 30.48
N GLY B 47 -24.00 4.75 29.53
CA GLY B 47 -25.10 5.65 29.13
C GLY B 47 -24.68 6.88 28.32
N ASN B 48 -23.55 6.83 27.61
CA ASN B 48 -23.03 7.95 26.78
C ASN B 48 -22.34 7.40 25.52
N LYS B 49 -23.05 6.59 24.74
CA LYS B 49 -22.57 5.95 23.49
C LYS B 49 -21.74 6.94 22.67
N ILE B 50 -20.48 6.61 22.37
CA ILE B 50 -19.60 7.42 21.49
C ILE B 50 -19.30 6.58 20.24
N HIS B 51 -19.75 7.04 19.07
CA HIS B 51 -19.73 6.27 17.79
C HIS B 51 -18.34 5.68 17.48
N ASP B 52 -17.26 6.46 17.59
CA ASP B 52 -15.90 6.00 17.18
C ASP B 52 -15.36 4.91 18.12
N GLU B 53 -15.93 4.70 19.30
CA GLU B 53 -15.44 3.60 20.17
C GLU B 53 -15.55 2.27 19.40
N HIS B 54 -16.56 2.10 18.57
CA HIS B 54 -16.77 0.85 17.80
C HIS B 54 -15.52 0.60 16.95
N LEU B 55 -14.99 1.65 16.34
CA LEU B 55 -13.79 1.53 15.48
C LEU B 55 -12.59 1.02 16.30
N PHE B 56 -12.37 1.65 17.45
CA PHE B 56 -11.25 1.34 18.37
C PHE B 56 -11.28 -0.17 18.68
N ILE B 57 -12.48 -0.68 18.93
CA ILE B 57 -12.68 -2.10 19.30
C ILE B 57 -12.38 -3.00 18.11
N ILE B 58 -13.01 -2.77 16.96
CA ILE B 58 -12.83 -3.67 15.79
C ILE B 58 -11.36 -3.67 15.39
N THR B 59 -10.72 -2.49 15.35
CA THR B 59 -9.31 -2.42 14.92
C THR B 59 -8.50 -3.37 15.81
N HIS B 60 -8.71 -3.31 17.12
CA HIS B 60 -7.89 -4.12 18.08
C HIS B 60 -8.20 -5.61 17.91
N GLN B 61 -9.47 -5.95 17.71
CA GLN B 61 -9.87 -7.36 17.51
C GLN B 61 -9.24 -7.88 16.23
N ALA B 62 -9.09 -7.05 15.20
CA ALA B 62 -8.52 -7.50 13.92
C ALA B 62 -7.01 -7.69 14.08
N TYR B 63 -6.31 -6.78 14.75
CA TYR B 63 -4.90 -6.97 15.17
C TYR B 63 -4.73 -8.29 15.92
N GLU B 64 -5.56 -8.54 16.92
CA GLU B 64 -5.46 -9.79 17.75
C GLU B 64 -5.76 -11.05 16.92
N LEU B 65 -6.68 -11.03 15.95
CA LEU B 65 -6.83 -12.24 15.09
C LEU B 65 -5.51 -12.49 14.34
N TRP B 66 -4.92 -11.41 13.83
CA TRP B 66 -3.71 -11.49 12.99
C TRP B 66 -2.50 -11.88 13.86
N PHE B 67 -2.44 -11.42 15.11
CA PHE B 67 -1.42 -11.89 16.08
C PHE B 67 -1.60 -13.40 16.27
N LYS B 68 -2.84 -13.88 16.35
CA LYS B 68 -3.08 -15.33 16.53
C LYS B 68 -2.57 -16.08 15.30
N GLN B 69 -2.85 -15.57 14.09
CA GLN B 69 -2.31 -16.22 12.88
C GLN B 69 -0.79 -16.28 12.91
N ILE B 70 -0.13 -15.20 13.31
CA ILE B 70 1.35 -15.13 13.29
C ILE B 70 1.90 -16.15 14.30
N LEU B 71 1.32 -16.24 15.48
CA LEU B 71 1.73 -17.25 16.49
C LEU B 71 1.56 -18.66 15.93
N TRP B 72 0.48 -18.93 15.22
CA TRP B 72 0.24 -20.24 14.57
C TRP B 72 1.38 -20.57 13.60
N GLU B 73 1.78 -19.64 12.74
CA GLU B 73 2.82 -19.84 11.71
C GLU B 73 4.17 -20.02 12.43
N LEU B 74 4.45 -19.15 13.39
CA LEU B 74 5.75 -19.09 14.08
C LEU B 74 5.96 -20.35 14.95
N ASP B 75 4.96 -20.75 15.74
CA ASP B 75 5.01 -22.03 16.50
C ASP B 75 5.23 -23.22 15.55
N SER B 76 4.62 -23.27 14.36
CA SER B 76 4.83 -24.40 13.41
C SER B 76 6.27 -24.41 12.90
N VAL B 77 6.87 -23.24 12.68
CA VAL B 77 8.26 -23.14 12.17
C VAL B 77 9.21 -23.55 13.30
N ARG B 78 8.98 -23.05 14.52
CA ARG B 78 9.74 -23.44 15.74
C ARG B 78 9.75 -24.96 15.85
N GLU B 79 8.59 -25.60 15.76
CA GLU B 79 8.49 -27.07 15.93
C GLU B 79 9.32 -27.77 14.84
N ILE B 80 9.25 -27.31 13.58
CA ILE B 80 10.03 -27.94 12.47
C ILE B 80 11.54 -27.86 12.77
N PHE B 81 11.99 -26.84 13.53
CA PHE B 81 13.40 -26.74 13.94
C PHE B 81 13.60 -27.70 15.14
N GLN B 82 12.79 -27.59 16.21
CA GLN B 82 12.92 -28.40 17.46
C GLN B 82 12.94 -29.91 17.17
N ASN B 83 12.07 -30.41 16.31
CA ASN B 83 11.90 -31.86 16.12
C ASN B 83 12.90 -32.39 15.08
N GLY B 84 13.81 -31.54 14.58
CA GLY B 84 14.86 -31.92 13.62
C GLY B 84 14.40 -32.05 12.17
N HIS B 85 13.12 -31.81 11.83
CA HIS B 85 12.62 -31.92 10.43
C HIS B 85 13.36 -30.94 9.51
N VAL B 86 13.75 -29.77 10.01
CA VAL B 86 14.53 -28.76 9.23
C VAL B 86 15.83 -29.37 8.68
N ARG B 87 16.43 -30.35 9.38
CA ARG B 87 17.63 -31.11 8.90
C ARG B 87 17.36 -31.69 7.51
N ASP B 88 16.14 -32.10 7.24
CA ASP B 88 15.72 -32.58 5.89
C ASP B 88 15.32 -31.35 5.05
N GLU B 89 16.10 -31.06 4.00
CA GLU B 89 16.11 -29.79 3.27
C GLU B 89 14.90 -29.74 2.35
N ARG B 90 14.09 -30.80 2.28
CA ARG B 90 12.79 -30.78 1.57
C ARG B 90 11.90 -29.74 2.25
N ASN B 91 12.10 -29.53 3.54
CA ASN B 91 11.18 -28.71 4.37
C ASN B 91 11.55 -27.22 4.33
N MET B 92 12.61 -26.80 3.62
CA MET B 92 13.04 -25.38 3.64
C MET B 92 12.02 -24.51 2.87
N LEU B 93 11.29 -25.06 1.90
CA LEU B 93 10.24 -24.29 1.17
C LEU B 93 9.08 -23.93 2.13
N LYS B 94 8.61 -24.91 2.87
CA LYS B 94 7.55 -24.74 3.87
C LYS B 94 8.02 -23.70 4.89
N VAL B 95 9.28 -23.75 5.31
CA VAL B 95 9.80 -22.86 6.39
C VAL B 95 9.84 -21.41 5.87
N VAL B 96 10.37 -21.21 4.67
CA VAL B 96 10.46 -19.87 4.06
C VAL B 96 9.06 -19.35 3.66
N SER B 97 8.13 -20.17 3.17
CA SER B 97 6.77 -19.72 2.75
C SER B 97 6.02 -19.25 3.99
N ARG B 98 6.19 -19.91 5.12
CA ARG B 98 5.47 -19.52 6.35
C ARG B 98 6.08 -18.25 6.96
N MET B 99 7.39 -18.13 6.98
CA MET B 99 8.07 -16.90 7.48
C MET B 99 7.72 -15.75 6.52
N HIS B 100 7.74 -15.98 5.22
CA HIS B 100 7.33 -14.96 4.23
C HIS B 100 5.88 -14.53 4.50
N ARG B 101 4.99 -15.48 4.83
CA ARG B 101 3.57 -15.22 5.15
C ARG B 101 3.49 -14.35 6.39
N VAL B 102 4.30 -14.62 7.40
CA VAL B 102 4.31 -13.77 8.60
C VAL B 102 4.66 -12.33 8.17
N SER B 103 5.60 -12.12 7.25
CA SER B 103 5.94 -10.73 6.88
C SER B 103 4.80 -10.09 6.07
N VAL B 104 4.08 -10.86 5.24
CA VAL B 104 2.91 -10.33 4.45
C VAL B 104 1.82 -9.87 5.42
N ILE B 105 1.58 -10.61 6.49
CA ILE B 105 0.59 -10.24 7.55
C ILE B 105 1.11 -8.98 8.26
N LEU B 106 2.35 -8.96 8.70
CA LEU B 106 2.89 -7.76 9.39
C LEU B 106 2.75 -6.51 8.49
N LYS B 107 3.04 -6.62 7.21
CA LYS B 107 2.85 -5.52 6.23
C LYS B 107 1.39 -5.03 6.29
N LEU B 108 0.40 -5.92 6.25
CA LEU B 108 -1.03 -5.54 6.42
C LEU B 108 -1.26 -4.86 7.79
N LEU B 109 -0.62 -5.34 8.86
CA LEU B 109 -0.84 -4.76 10.19
C LEU B 109 -0.30 -3.34 10.25
N VAL B 110 0.84 -3.07 9.59
CA VAL B 110 1.39 -1.69 9.49
C VAL B 110 0.43 -0.82 8.68
N GLN B 111 -0.13 -1.33 7.58
CA GLN B 111 -1.05 -0.56 6.70
C GLN B 111 -2.32 -0.27 7.49
N GLN B 112 -2.68 -1.17 8.40
CA GLN B 112 -3.98 -1.17 9.12
C GLN B 112 -4.07 0.06 10.05
N PHE B 113 -2.97 0.71 10.43
CA PHE B 113 -3.06 1.98 11.21
C PHE B 113 -3.80 3.05 10.39
N SER B 114 -3.75 2.96 9.07
CA SER B 114 -4.41 3.94 8.18
C SER B 114 -5.90 4.03 8.58
N ILE B 115 -6.51 2.93 9.00
CA ILE B 115 -7.95 2.95 9.41
C ILE B 115 -8.12 3.74 10.69
N LEU B 116 -7.26 3.53 11.67
CA LEU B 116 -7.40 4.20 12.98
C LEU B 116 -6.97 5.67 12.85
N GLU B 117 -6.19 6.03 11.84
CA GLU B 117 -5.91 7.47 11.51
C GLU B 117 -7.19 8.21 11.02
N THR B 118 -8.28 7.53 10.65
CA THR B 118 -9.55 8.22 10.29
C THR B 118 -10.27 8.62 11.58
N MET B 119 -9.75 8.28 12.76
CA MET B 119 -10.32 8.72 14.06
C MET B 119 -9.53 9.96 14.54
N THR B 120 -10.20 11.11 14.73
CA THR B 120 -9.51 12.33 15.22
C THR B 120 -9.20 12.18 16.71
N ALA B 121 -8.18 12.90 17.17
CA ALA B 121 -7.80 13.04 18.59
C ALA B 121 -9.00 13.52 19.39
N LEU B 122 -9.83 14.38 18.82
CA LEU B 122 -10.97 14.99 19.54
C LEU B 122 -12.07 13.96 19.80
N ASP B 123 -12.32 13.08 18.86
CA ASP B 123 -13.33 12.00 19.03
C ASP B 123 -12.78 10.90 19.93
N PHE B 124 -11.49 10.60 19.84
CA PHE B 124 -10.81 9.67 20.78
C PHE B 124 -11.03 10.22 22.19
N ASN B 125 -10.85 11.52 22.35
CA ASN B 125 -11.00 12.22 23.65
C ASN B 125 -12.40 12.03 24.26
N ASP B 126 -13.44 11.81 23.44
CA ASP B 126 -14.83 11.63 23.92
C ASP B 126 -15.08 10.24 24.54
N PHE B 127 -14.24 9.23 24.31
CA PHE B 127 -14.43 7.88 24.91
C PHE B 127 -13.20 7.34 25.66
N ARG B 128 -12.05 8.00 25.65
CA ARG B 128 -10.81 7.45 26.26
C ARG B 128 -11.01 7.17 27.76
N GLU B 129 -11.76 8.01 28.50
CA GLU B 129 -11.98 7.88 29.96
C GLU B 129 -12.57 6.49 30.26
N TYR B 130 -13.45 5.96 29.39
CA TYR B 130 -14.12 4.65 29.55
C TYR B 130 -13.13 3.49 29.36
N LEU B 131 -11.91 3.75 28.91
CA LEU B 131 -10.91 2.67 28.67
C LEU B 131 -10.09 2.42 29.95
N SER B 132 -9.93 3.44 30.81
CA SER B 132 -9.07 3.37 32.02
C SER B 132 -9.57 2.24 32.94
N PRO B 133 -8.68 1.40 33.51
CA PRO B 133 -7.23 1.50 33.29
C PRO B 133 -6.62 0.42 32.37
N ALA B 134 -7.42 -0.19 31.50
CA ALA B 134 -6.95 -1.22 30.55
C ALA B 134 -5.71 -0.69 29.84
N SER B 135 -4.70 -1.54 29.63
CA SER B 135 -3.38 -1.16 29.04
C SER B 135 -3.09 -2.08 27.85
N GLY B 136 -2.42 -1.56 26.81
CA GLY B 136 -1.82 -2.34 25.71
C GLY B 136 -0.79 -3.33 26.22
N PHE B 137 -0.12 -3.01 27.33
CA PHE B 137 0.81 -3.93 28.03
C PHE B 137 0.05 -5.23 28.36
N GLN B 138 -1.27 -5.20 28.31
CA GLN B 138 -2.10 -6.35 28.72
C GLN B 138 -2.43 -7.22 27.49
N SER B 139 -1.84 -6.93 26.35
CA SER B 139 -1.97 -7.83 25.17
C SER B 139 -1.07 -9.05 25.40
N LEU B 140 -1.63 -10.17 25.82
CA LEU B 140 -0.89 -11.45 25.95
C LEU B 140 -0.15 -11.73 24.64
N GLN B 141 -0.88 -11.75 23.53
CA GLN B 141 -0.37 -12.32 22.25
C GLN B 141 0.82 -11.47 21.79
N PHE B 142 0.79 -10.16 22.02
CA PHE B 142 1.91 -9.31 21.60
C PHE B 142 3.17 -9.73 22.38
N ARG B 143 3.03 -10.03 23.67
CA ARG B 143 4.17 -10.53 24.51
C ARG B 143 4.63 -11.90 24.01
N LEU B 144 3.69 -12.78 23.67
CA LEU B 144 4.01 -14.15 23.25
C LEU B 144 4.83 -14.10 21.95
N LEU B 145 4.40 -13.24 21.05
CA LEU B 145 5.05 -13.03 19.74
C LEU B 145 6.47 -12.49 19.96
N GLU B 146 6.65 -11.41 20.71
CA GLU B 146 7.99 -10.89 21.09
C GLU B 146 8.87 -12.00 21.71
N ASN B 147 8.33 -12.76 22.67
CA ASN B 147 9.17 -13.80 23.34
C ASN B 147 9.53 -14.94 22.37
N LYS B 148 8.61 -15.32 21.50
CA LYS B 148 8.78 -16.53 20.67
C LYS B 148 9.73 -16.23 19.53
N ILE B 149 9.86 -14.96 19.13
CA ILE B 149 10.85 -14.57 18.08
C ILE B 149 12.23 -14.54 18.73
N GLY B 150 12.31 -13.97 19.94
CA GLY B 150 13.50 -14.08 20.80
C GLY B 150 13.95 -12.74 21.34
N VAL B 151 13.02 -11.85 21.75
CA VAL B 151 13.35 -10.53 22.37
C VAL B 151 13.94 -10.76 23.78
N LEU B 152 15.04 -10.08 24.10
CA LEU B 152 15.72 -10.12 25.44
C LEU B 152 14.72 -9.84 26.56
N GLN B 153 14.78 -10.56 27.68
CA GLN B 153 14.06 -10.19 28.95
C GLN B 153 14.78 -9.03 29.66
N ASN B 154 16.06 -8.80 29.32
CA ASN B 154 16.90 -7.69 29.87
C ASN B 154 16.45 -6.35 29.27
N MET B 155 15.21 -5.93 29.58
CA MET B 155 14.59 -4.63 29.19
C MET B 155 13.78 -4.09 30.38
N TYR B 164 8.79 -5.49 35.06
CA TYR B 164 7.60 -5.30 34.19
C TYR B 164 6.96 -6.67 33.89
N ARG B 165 5.88 -6.66 33.09
CA ARG B 165 5.13 -7.86 32.60
C ARG B 165 4.58 -8.67 33.79
N ASP B 166 4.14 -7.98 34.84
CA ASP B 166 3.41 -8.55 36.00
C ASP B 166 1.91 -8.21 35.83
N ASN B 167 1.53 -7.87 34.60
CA ASN B 167 0.15 -7.43 34.22
C ASN B 167 -0.75 -8.64 33.97
N PHE B 168 -0.28 -9.86 34.26
CA PHE B 168 -0.96 -11.14 33.91
C PHE B 168 -1.03 -12.05 35.14
N LYS B 169 -1.89 -13.07 35.08
CA LYS B 169 -2.15 -14.05 36.18
C LYS B 169 -2.68 -15.35 35.58
N GLY B 170 -2.51 -16.49 36.27
CA GLY B 170 -3.23 -17.75 35.97
C GLY B 170 -2.75 -18.38 34.68
N GLU B 171 -3.66 -18.99 33.92
CA GLU B 171 -3.35 -19.65 32.61
C GLU B 171 -2.52 -18.71 31.71
N GLU B 172 -2.83 -17.40 31.67
CA GLU B 172 -2.10 -16.36 30.88
C GLU B 172 -0.66 -16.21 31.39
N ASN B 173 -0.47 -16.04 32.70
CA ASN B 173 0.88 -15.89 33.31
C ASN B 173 1.69 -17.17 33.05
N GLU B 174 1.00 -18.31 32.92
CA GLU B 174 1.60 -19.65 32.65
C GLU B 174 2.09 -19.69 31.20
N LEU B 175 1.28 -19.21 30.23
CA LEU B 175 1.66 -19.22 28.80
C LEU B 175 2.87 -18.30 28.59
N LEU B 176 2.91 -17.15 29.26
CA LEU B 176 4.05 -16.20 29.22
C LEU B 176 5.33 -16.91 29.66
N LEU B 177 5.29 -17.65 30.77
CA LEU B 177 6.46 -18.37 31.34
C LEU B 177 6.92 -19.44 30.34
N LYS B 178 6.00 -20.25 29.79
CA LYS B 178 6.32 -21.21 28.69
C LYS B 178 7.07 -20.46 27.58
N SER B 179 6.54 -19.32 27.11
CA SER B 179 7.10 -18.54 25.97
C SER B 179 8.51 -18.03 26.34
N GLU B 180 8.76 -17.79 27.63
CA GLU B 180 10.06 -17.28 28.17
C GLU B 180 11.11 -18.39 28.19
N GLN B 181 10.71 -19.63 28.48
CA GLN B 181 11.65 -20.78 28.70
C GLN B 181 11.73 -21.67 27.46
N GLU B 182 10.69 -21.75 26.64
CA GLU B 182 10.72 -22.60 25.42
C GLU B 182 11.73 -21.97 24.44
N LYS B 183 12.32 -22.77 23.57
CA LYS B 183 13.36 -22.31 22.62
C LYS B 183 12.73 -21.24 21.75
N THR B 184 13.39 -20.09 21.59
CA THR B 184 12.95 -19.01 20.70
C THR B 184 13.34 -19.35 19.27
N LEU B 185 12.66 -18.77 18.30
CA LEU B 185 13.10 -18.86 16.89
C LEU B 185 14.58 -18.45 16.77
N LEU B 186 15.01 -17.41 17.46
CA LEU B 186 16.41 -16.96 17.37
C LEU B 186 17.34 -18.12 17.80
N GLU B 187 17.02 -18.76 18.93
CA GLU B 187 17.85 -19.88 19.47
C GLU B 187 17.85 -21.05 18.48
N LEU B 188 16.72 -21.31 17.83
CA LEU B 188 16.56 -22.49 16.94
C LEU B 188 17.31 -22.20 15.63
N VAL B 189 17.20 -20.97 15.15
CA VAL B 189 17.97 -20.55 13.95
C VAL B 189 19.47 -20.60 14.31
N GLU B 190 19.83 -20.11 15.50
CA GLU B 190 21.25 -20.15 15.95
C GLU B 190 21.80 -21.58 15.82
N ALA B 191 21.11 -22.56 16.40
CA ALA B 191 21.57 -23.98 16.39
C ALA B 191 21.72 -24.45 14.94
N TRP B 192 20.75 -24.14 14.10
CA TRP B 192 20.82 -24.55 12.66
C TRP B 192 21.96 -23.82 11.94
N LEU B 193 22.20 -22.52 12.23
CA LEU B 193 23.35 -21.79 11.61
C LEU B 193 24.67 -22.46 12.02
N GLU B 194 24.78 -22.95 13.26
CA GLU B 194 26.00 -23.64 13.78
C GLU B 194 26.28 -24.94 13.01
N ARG B 195 25.30 -25.54 12.33
CA ARG B 195 25.53 -26.76 11.52
C ARG B 195 25.72 -26.42 10.03
N THR B 196 25.92 -25.16 9.68
CA THR B 196 25.99 -24.77 8.25
C THR B 196 27.17 -25.52 7.63
N PRO B 197 26.99 -26.23 6.50
CA PRO B 197 28.10 -26.87 5.80
C PRO B 197 29.18 -25.90 5.27
N GLY B 198 30.44 -26.27 5.45
CA GLY B 198 31.62 -25.49 5.01
C GLY B 198 32.41 -24.89 6.16
N LEU B 199 31.89 -24.90 7.37
CA LEU B 199 32.56 -24.27 8.53
C LEU B 199 33.67 -25.19 9.06
N GLU B 200 33.68 -26.47 8.67
CA GLU B 200 34.55 -27.54 9.25
C GLU B 200 36.02 -27.24 8.97
N PRO B 201 36.85 -27.03 10.02
CA PRO B 201 38.27 -26.77 9.80
C PRO B 201 39.03 -27.79 8.91
N HIS B 202 38.61 -29.06 8.91
CA HIS B 202 39.23 -30.16 8.11
C HIS B 202 38.42 -30.39 6.83
N GLY B 203 37.34 -29.64 6.63
CA GLY B 203 36.62 -29.53 5.34
C GLY B 203 37.03 -28.28 4.56
N PHE B 204 36.05 -27.51 4.11
CA PHE B 204 36.23 -26.29 3.29
C PHE B 204 36.95 -25.21 4.12
N ASN B 205 36.78 -25.22 5.43
CA ASN B 205 37.48 -24.33 6.38
C ASN B 205 37.21 -22.86 6.01
N PHE B 206 35.93 -22.48 5.93
CA PHE B 206 35.50 -21.12 5.49
C PHE B 206 36.26 -20.06 6.33
N TRP B 207 36.28 -20.22 7.64
CA TRP B 207 36.75 -19.13 8.55
C TRP B 207 38.25 -18.93 8.37
N GLY B 208 39.02 -20.01 8.39
CA GLY B 208 40.48 -20.04 8.17
C GLY B 208 40.84 -19.35 6.87
N LYS B 209 40.09 -19.64 5.82
CA LYS B 209 40.40 -19.12 4.47
C LYS B 209 39.99 -17.65 4.39
N LEU B 210 38.88 -17.29 5.03
CA LEU B 210 38.38 -15.89 4.97
C LEU B 210 39.39 -14.98 5.66
N GLU B 211 39.89 -15.38 6.83
CA GLU B 211 40.88 -14.60 7.60
C GLU B 211 42.15 -14.43 6.76
N LYS B 212 42.62 -15.50 6.11
CA LYS B 212 43.81 -15.46 5.24
C LYS B 212 43.60 -14.50 4.07
N ASN B 213 42.47 -14.61 3.34
CA ASN B 213 42.23 -13.80 2.12
C ASN B 213 42.05 -12.33 2.50
N ILE B 214 41.38 -12.05 3.63
CA ILE B 214 41.19 -10.64 4.07
C ILE B 214 42.56 -10.06 4.49
N THR B 215 43.39 -10.82 5.20
CA THR B 215 44.74 -10.41 5.64
C THR B 215 45.56 -10.09 4.39
N ARG B 216 45.67 -11.04 3.45
CA ARG B 216 46.47 -10.83 2.21
C ARG B 216 45.91 -9.63 1.47
N GLY B 217 44.58 -9.57 1.31
CA GLY B 217 43.87 -8.49 0.59
C GLY B 217 44.25 -7.12 1.13
N LEU B 218 44.26 -6.96 2.45
CA LEU B 218 44.64 -5.71 3.15
C LEU B 218 46.14 -5.41 2.91
N GLU B 219 47.04 -6.38 3.13
CA GLU B 219 48.50 -6.22 2.84
C GLU B 219 48.73 -5.71 1.40
N GLU B 220 48.02 -6.27 0.43
CA GLU B 220 48.12 -5.88 -1.00
C GLU B 220 47.61 -4.45 -1.18
N GLU B 221 46.48 -4.12 -0.54
CA GLU B 221 45.81 -2.81 -0.65
C GLU B 221 46.74 -1.74 -0.03
N PHE B 222 47.48 -2.08 1.03
CA PHE B 222 48.42 -1.15 1.68
C PHE B 222 49.59 -0.83 0.75
N ILE B 223 50.23 -1.86 0.19
CA ILE B 223 51.40 -1.75 -0.75
C ILE B 223 50.99 -0.88 -1.95
N ARG B 224 49.83 -1.14 -2.57
CA ARG B 224 49.23 -0.29 -3.63
C ARG B 224 49.22 1.17 -3.16
N ILE B 225 48.79 1.42 -1.91
CA ILE B 225 48.55 2.78 -1.34
C ILE B 225 49.90 3.50 -1.10
N GLN B 226 50.87 2.79 -0.50
CA GLN B 226 52.21 3.32 -0.13
C GLN B 226 53.03 3.65 -1.38
N ALA B 227 52.79 2.93 -2.49
CA ALA B 227 53.51 3.11 -3.77
C ALA B 227 53.21 4.50 -4.34
N LYS B 228 52.11 5.15 -3.91
CA LYS B 228 51.63 6.43 -4.48
C LYS B 228 52.52 7.61 -4.02
N GLU B 229 52.42 8.74 -4.73
CA GLU B 229 53.03 10.04 -4.32
C GLU B 229 52.19 10.64 -3.18
N GLU B 230 52.78 11.54 -2.39
CA GLU B 230 52.25 12.00 -1.09
C GLU B 230 51.15 13.06 -1.27
N SER B 231 50.01 12.71 -1.88
CA SER B 231 48.82 13.60 -2.03
C SER B 231 47.99 13.58 -0.75
N GLU B 232 47.21 14.64 -0.49
CA GLU B 232 46.23 14.62 0.63
C GLU B 232 45.20 13.53 0.31
N GLU B 233 44.92 13.31 -0.99
CA GLU B 233 44.15 12.13 -1.46
C GLU B 233 44.75 10.87 -0.79
N LYS B 234 46.07 10.69 -0.94
CA LYS B 234 46.81 9.53 -0.36
C LYS B 234 46.60 9.47 1.16
N GLU B 235 46.54 10.60 1.85
CA GLU B 235 46.31 10.59 3.32
C GLU B 235 44.88 10.15 3.63
N GLU B 236 43.88 10.58 2.85
CA GLU B 236 42.46 10.22 3.12
C GLU B 236 42.26 8.73 2.82
N GLN B 237 43.06 8.16 1.89
CA GLN B 237 43.11 6.71 1.54
C GLN B 237 43.75 5.87 2.67
N VAL B 238 44.94 6.26 3.16
CA VAL B 238 45.61 5.61 4.34
C VAL B 238 44.59 5.53 5.49
N ALA B 239 43.89 6.63 5.78
CA ALA B 239 42.98 6.75 6.94
C ALA B 239 41.74 5.89 6.71
N GLU B 240 41.29 5.79 5.46
CA GLU B 240 40.16 4.91 5.04
C GLU B 240 40.62 3.45 5.18
N PHE B 241 41.80 3.11 4.65
CA PHE B 241 42.40 1.77 4.79
C PHE B 241 42.41 1.36 6.27
N GLN B 242 42.87 2.23 7.17
CA GLN B 242 43.05 1.84 8.60
C GLN B 242 41.68 1.55 9.23
N LYS B 243 40.65 2.30 8.86
CA LYS B 243 39.26 2.12 9.33
C LYS B 243 38.74 0.74 8.85
N GLN B 244 38.85 0.45 7.55
CA GLN B 244 38.45 -0.83 6.87
C GLN B 244 39.18 -1.99 7.58
N LYS B 245 40.48 -1.87 7.76
CA LYS B 245 41.33 -2.93 8.35
C LYS B 245 40.80 -3.27 9.75
N GLU B 246 40.47 -2.27 10.56
CA GLU B 246 40.07 -2.53 11.96
C GLU B 246 38.73 -3.27 11.98
N VAL B 247 37.81 -2.83 11.13
CA VAL B 247 36.44 -3.39 11.06
C VAL B 247 36.53 -4.85 10.61
N LEU B 248 37.27 -5.12 9.54
CA LEU B 248 37.28 -6.45 8.91
C LEU B 248 38.00 -7.43 9.82
N LEU B 249 39.09 -7.00 10.43
CA LEU B 249 39.91 -7.91 11.26
C LEU B 249 39.18 -8.17 12.58
N SER B 250 38.34 -7.23 13.04
CA SER B 250 37.54 -7.36 14.28
C SER B 250 36.59 -8.56 14.19
N LEU B 251 36.20 -8.95 12.98
CA LEU B 251 35.34 -10.12 12.71
C LEU B 251 35.99 -11.39 13.30
N PHE B 252 37.32 -11.43 13.39
CA PHE B 252 38.11 -12.63 13.80
C PHE B 252 38.42 -12.59 15.30
N ASP B 253 37.95 -11.56 15.99
CA ASP B 253 38.15 -11.41 17.46
C ASP B 253 36.98 -12.08 18.16
N GLU B 254 37.17 -13.31 18.61
CA GLU B 254 36.11 -14.08 19.33
C GLU B 254 35.88 -13.52 20.75
N LYS B 255 36.92 -13.04 21.44
CA LYS B 255 36.77 -12.43 22.79
C LYS B 255 35.80 -11.24 22.69
N ARG B 256 36.03 -10.37 21.70
CA ARG B 256 35.20 -9.16 21.42
C ARG B 256 33.75 -9.62 21.20
N HIS B 257 33.54 -10.68 20.43
CA HIS B 257 32.17 -11.19 20.15
C HIS B 257 31.48 -11.58 21.46
N GLU B 258 32.16 -12.35 22.33
CA GLU B 258 31.61 -12.77 23.65
C GLU B 258 31.32 -11.57 24.53
N HIS B 259 32.20 -10.57 24.54
CA HIS B 259 32.00 -9.33 25.32
C HIS B 259 30.71 -8.66 24.84
N LEU B 260 30.57 -8.48 23.53
CA LEU B 260 29.36 -7.83 22.93
C LEU B 260 28.12 -8.71 23.14
N LEU B 261 28.25 -10.04 23.08
CA LEU B 261 27.15 -10.98 23.43
C LEU B 261 26.65 -10.70 24.85
N SER B 262 27.58 -10.58 25.82
CA SER B 262 27.27 -10.41 27.26
C SER B 262 26.61 -9.04 27.49
N LYS B 263 26.95 -8.01 26.71
CA LYS B 263 26.32 -6.66 26.83
C LYS B 263 24.97 -6.59 26.10
N GLY B 264 24.56 -7.63 25.35
CA GLY B 264 23.30 -7.66 24.59
C GLY B 264 23.38 -6.99 23.21
N GLU B 265 24.54 -6.49 22.81
CA GLU B 265 24.69 -5.82 21.50
C GLU B 265 24.75 -6.87 20.39
N ARG B 266 25.18 -8.09 20.68
CA ARG B 266 25.13 -9.22 19.71
C ARG B 266 24.25 -10.32 20.32
N ARG B 267 23.69 -11.22 19.51
CA ARG B 267 22.72 -12.25 19.98
C ARG B 267 23.14 -13.65 19.53
N LEU B 268 23.70 -13.79 18.34
CA LEU B 268 24.09 -15.12 17.82
C LEU B 268 25.45 -15.52 18.40
N SER B 269 25.61 -16.82 18.66
CA SER B 269 26.94 -17.40 18.93
C SER B 269 27.90 -17.05 17.77
N TYR B 270 29.19 -17.14 18.08
CA TYR B 270 30.28 -16.88 17.12
C TYR B 270 30.14 -17.84 15.94
N ARG B 271 29.91 -19.12 16.21
CA ARG B 271 29.81 -20.12 15.11
C ARG B 271 28.54 -19.85 14.28
N ALA B 272 27.44 -19.38 14.86
CA ALA B 272 26.21 -19.10 14.08
C ALA B 272 26.48 -17.90 13.16
N LEU B 273 27.21 -16.91 13.65
CA LEU B 273 27.67 -15.76 12.82
C LEU B 273 28.43 -16.26 11.60
N GLN B 274 29.32 -17.23 11.79
CA GLN B 274 30.15 -17.80 10.70
C GLN B 274 29.26 -18.47 9.65
N GLY B 275 28.24 -19.22 10.10
CA GLY B 275 27.28 -19.91 9.24
C GLY B 275 26.43 -18.92 8.46
N ALA B 276 25.95 -17.88 9.10
CA ALA B 276 25.19 -16.80 8.42
C ALA B 276 26.05 -16.18 7.31
N LEU B 277 27.31 -15.89 7.59
CA LEU B 277 28.18 -15.21 6.59
C LEU B 277 28.45 -16.17 5.42
N MET B 278 28.66 -17.44 5.72
CA MET B 278 28.84 -18.50 4.71
C MET B 278 27.63 -18.44 3.76
N ILE B 279 26.43 -18.40 4.29
CA ILE B 279 25.18 -18.41 3.49
C ILE B 279 25.11 -17.09 2.70
N TYR B 280 25.49 -15.98 3.32
CA TYR B 280 25.52 -14.67 2.61
C TYR B 280 26.44 -14.71 1.42
N PHE B 281 27.69 -15.09 1.61
CA PHE B 281 28.69 -15.05 0.53
C PHE B 281 28.42 -16.12 -0.52
N TYR B 282 27.82 -17.26 -0.17
CA TYR B 282 27.67 -18.38 -1.13
C TYR B 282 26.18 -18.63 -1.43
N ARG B 283 25.36 -17.58 -1.39
CA ARG B 283 23.87 -17.55 -1.56
C ARG B 283 23.46 -18.27 -2.86
N GLU B 284 24.27 -18.16 -3.91
CA GLU B 284 23.90 -18.70 -5.26
C GLU B 284 24.07 -20.22 -5.27
N GLU B 285 24.87 -20.80 -4.36
CA GLU B 285 25.07 -22.26 -4.28
C GLU B 285 23.71 -22.88 -4.01
N PRO B 286 23.25 -23.86 -4.81
CA PRO B 286 21.88 -24.40 -4.68
C PRO B 286 21.40 -24.66 -3.26
N ARG B 287 22.22 -25.25 -2.38
CA ARG B 287 21.78 -25.60 -1.01
C ARG B 287 21.63 -24.35 -0.13
N PHE B 288 22.23 -23.24 -0.55
CA PHE B 288 22.21 -21.97 0.22
C PHE B 288 21.13 -21.00 -0.29
N GLN B 289 20.48 -21.31 -1.42
CA GLN B 289 19.55 -20.37 -2.09
C GLN B 289 18.37 -20.12 -1.15
N VAL B 290 17.67 -21.17 -0.73
CA VAL B 290 16.49 -20.99 0.14
C VAL B 290 16.90 -20.56 1.54
N PRO B 291 17.99 -21.10 2.14
CA PRO B 291 18.49 -20.56 3.40
C PRO B 291 18.75 -19.04 3.35
N PHE B 292 19.30 -18.52 2.24
CA PHE B 292 19.47 -17.05 2.08
C PHE B 292 18.10 -16.35 2.11
N GLN B 293 17.08 -16.92 1.46
CA GLN B 293 15.70 -16.35 1.52
C GLN B 293 15.22 -16.36 2.98
N LEU B 294 15.56 -17.38 3.76
CA LEU B 294 15.14 -17.42 5.18
C LEU B 294 15.77 -16.22 5.91
N LEU B 295 17.07 -16.05 5.76
CA LEU B 295 17.79 -15.02 6.55
C LEU B 295 17.15 -13.67 6.20
N THR B 296 16.84 -13.46 4.92
CA THR B 296 16.21 -12.23 4.38
C THR B 296 14.88 -12.02 5.06
N SER B 297 14.09 -13.09 5.14
CA SER B 297 12.73 -13.05 5.70
C SER B 297 12.81 -12.76 7.20
N LEU B 298 13.85 -13.25 7.89
CA LEU B 298 13.98 -12.95 9.33
C LEU B 298 14.28 -11.46 9.50
N MET B 299 15.13 -10.92 8.63
CA MET B 299 15.42 -9.46 8.67
C MET B 299 14.13 -8.69 8.34
N ASP B 300 13.33 -9.16 7.37
CA ASP B 300 12.06 -8.48 7.01
C ASP B 300 11.13 -8.43 8.22
N ILE B 301 11.00 -9.53 8.97
CA ILE B 301 10.12 -9.62 10.18
C ILE B 301 10.58 -8.60 11.22
N ASP B 302 11.88 -8.48 11.44
CA ASP B 302 12.47 -7.47 12.38
C ASP B 302 12.10 -6.07 11.91
N SER B 303 12.32 -5.76 10.64
CA SER B 303 12.00 -4.43 10.07
C SER B 303 10.51 -4.14 10.26
N LEU B 304 9.64 -5.09 9.90
CA LEU B 304 8.17 -4.84 9.93
C LEU B 304 7.67 -4.68 11.37
N MET B 305 8.22 -5.44 12.31
CA MET B 305 7.86 -5.30 13.74
C MET B 305 8.23 -3.88 14.20
N THR B 306 9.42 -3.39 13.86
CA THR B 306 9.80 -2.02 14.32
C THR B 306 8.97 -1.00 13.51
N LYS B 307 8.56 -1.26 12.29
CA LYS B 307 7.58 -0.34 11.61
C LYS B 307 6.26 -0.35 12.40
N TRP B 308 5.78 -1.52 12.84
CA TRP B 308 4.59 -1.62 13.72
C TRP B 308 4.77 -0.69 14.93
N ARG B 309 5.88 -0.84 15.67
CA ARG B 309 6.14 -0.08 16.92
C ARG B 309 6.23 1.42 16.63
N TYR B 310 6.81 1.80 15.51
CA TYR B 310 6.92 3.23 15.09
C TYR B 310 5.55 3.82 14.72
N ASN B 311 4.78 3.16 13.85
CA ASN B 311 3.42 3.65 13.54
C ASN B 311 2.61 3.73 14.84
N HIS B 312 2.77 2.82 15.78
CA HIS B 312 2.02 2.88 17.06
C HIS B 312 2.43 4.11 17.88
N VAL B 313 3.73 4.37 18.00
CA VAL B 313 4.29 5.53 18.75
C VAL B 313 3.69 6.81 18.16
N CYS B 314 3.71 6.92 16.84
CA CYS B 314 3.15 8.03 16.06
C CYS B 314 1.66 8.21 16.37
N MET B 315 0.88 7.12 16.35
CA MET B 315 -0.55 7.09 16.71
C MET B 315 -0.74 7.68 18.13
N VAL B 316 0.01 7.20 19.13
CA VAL B 316 -0.08 7.66 20.55
C VAL B 316 0.20 9.17 20.64
N HIS B 317 1.20 9.68 19.93
CA HIS B 317 1.57 11.13 19.92
C HIS B 317 0.44 11.96 19.28
N ARG B 318 -0.10 11.56 18.14
CA ARG B 318 -1.22 12.27 17.47
C ARG B 318 -2.43 12.35 18.41
N MET B 319 -2.71 11.31 19.19
CA MET B 319 -3.90 11.27 20.07
C MET B 319 -3.67 12.09 21.35
N LEU B 320 -2.45 12.08 21.93
CA LEU B 320 -2.25 12.59 23.32
C LEU B 320 -1.29 13.78 23.35
N GLY B 321 -0.62 14.08 22.24
CA GLY B 321 0.33 15.20 22.09
C GLY B 321 1.57 15.08 22.99
N SER B 322 2.14 16.23 23.38
CA SER B 322 3.29 16.40 24.31
C SER B 322 3.22 15.34 25.41
N LYS B 323 2.09 15.28 26.13
CA LYS B 323 1.86 14.45 27.35
C LYS B 323 3.21 13.92 27.86
N TYR B 334 9.16 5.30 26.82
CA TYR B 334 9.32 3.82 26.74
C TYR B 334 8.97 3.32 25.35
N LEU B 335 7.84 3.74 24.76
CA LEU B 335 7.44 3.21 23.44
C LEU B 335 8.49 3.63 22.42
N ARG B 336 8.97 4.88 22.52
CA ARG B 336 10.02 5.48 21.63
C ARG B 336 11.32 4.67 21.76
N SER B 337 11.61 4.16 22.96
CA SER B 337 12.82 3.36 23.25
C SER B 337 12.76 2.00 22.53
N THR B 338 11.55 1.46 22.29
CA THR B 338 11.31 0.16 21.60
C THR B 338 11.56 0.29 20.09
N VAL B 339 11.57 1.50 19.55
CA VAL B 339 11.92 1.73 18.11
C VAL B 339 13.44 1.89 18.01
N SER B 340 14.15 0.77 18.14
CA SER B 340 15.64 0.71 18.09
C SER B 340 16.10 -0.68 17.69
N ASP B 341 17.41 -0.82 17.45
CA ASP B 341 18.11 -2.10 17.20
C ASP B 341 18.15 -2.98 18.47
N ARG B 342 18.00 -2.40 19.66
CA ARG B 342 17.90 -3.13 20.95
C ARG B 342 16.80 -4.21 20.87
N TYR B 343 15.73 -3.96 20.10
CA TYR B 343 14.53 -4.83 19.98
C TYR B 343 14.57 -5.67 18.70
N LYS B 344 15.60 -5.49 17.86
CA LYS B 344 15.81 -6.30 16.63
C LYS B 344 16.51 -7.59 17.06
N VAL B 345 15.75 -8.68 17.02
CA VAL B 345 16.19 -10.02 17.44
C VAL B 345 17.33 -10.48 16.52
N PHE B 346 17.22 -10.20 15.22
CA PHE B 346 18.22 -10.63 14.23
C PHE B 346 19.13 -9.47 13.85
N VAL B 347 19.45 -8.62 14.81
CA VAL B 347 20.44 -7.51 14.65
C VAL B 347 21.73 -8.03 14.00
N ASP B 348 22.21 -9.23 14.31
CA ASP B 348 23.47 -9.78 13.73
C ASP B 348 23.34 -10.00 12.22
N LEU B 349 22.15 -10.33 11.71
CA LEU B 349 21.93 -10.56 10.26
C LEU B 349 22.07 -9.22 9.54
N PHE B 350 21.47 -8.15 10.05
CA PHE B 350 21.66 -6.77 9.55
C PHE B 350 23.15 -6.44 9.54
N ASN B 351 23.88 -6.73 10.61
CA ASN B 351 25.24 -6.16 10.80
C ASN B 351 26.27 -6.91 9.94
N LEU B 352 25.92 -7.99 9.26
CA LEU B 352 26.81 -8.64 8.26
C LEU B 352 27.16 -7.71 7.09
N SER B 353 26.30 -6.76 6.69
CA SER B 353 26.62 -5.70 5.69
C SER B 353 27.92 -4.94 6.07
N THR B 354 28.17 -4.71 7.35
CA THR B 354 29.43 -4.09 7.89
C THR B 354 30.68 -4.77 7.30
N TYR B 355 30.65 -6.10 7.10
CA TYR B 355 31.82 -6.94 6.74
C TYR B 355 31.78 -7.41 5.30
N LEU B 356 31.17 -6.62 4.41
CA LEU B 356 31.29 -6.80 2.94
C LEU B 356 32.73 -6.49 2.48
N ILE B 357 33.24 -7.37 1.60
CA ILE B 357 34.64 -7.39 1.11
C ILE B 357 34.62 -7.46 -0.40
N PRO B 358 35.70 -7.08 -1.11
CA PRO B 358 35.73 -7.27 -2.56
C PRO B 358 35.39 -8.73 -2.88
N ARG B 359 34.58 -8.96 -3.92
CA ARG B 359 34.16 -10.31 -4.39
C ARG B 359 35.37 -11.24 -4.51
N HIS B 360 36.50 -10.76 -5.02
CA HIS B 360 37.72 -11.56 -5.31
C HIS B 360 38.35 -12.06 -4.01
N TRP B 361 38.03 -11.48 -2.85
CA TRP B 361 38.61 -11.92 -1.55
C TRP B 361 37.83 -13.13 -1.02
N ILE B 362 36.66 -13.41 -1.56
CA ILE B 362 35.80 -14.51 -1.03
C ILE B 362 36.47 -15.82 -1.44
N PRO B 363 36.78 -16.72 -0.49
CA PRO B 363 37.43 -17.99 -0.84
C PRO B 363 36.65 -18.69 -1.96
N LYS B 364 37.38 -19.18 -2.96
CA LYS B 364 36.83 -19.88 -4.15
C LYS B 364 36.31 -21.25 -3.71
N MET B 365 35.21 -21.71 -4.31
CA MET B 365 34.72 -23.11 -4.21
C MET B 365 35.24 -23.92 -5.40
N ASN B 366 36.01 -24.97 -5.10
CA ASN B 366 36.52 -25.97 -6.06
C ASN B 366 35.40 -26.96 -6.38
N PRO B 367 35.52 -27.81 -7.43
CA PRO B 367 34.45 -28.74 -7.82
C PRO B 367 33.92 -29.64 -6.67
N THR B 368 34.80 -30.09 -5.76
CA THR B 368 34.48 -31.02 -4.63
C THR B 368 33.46 -30.37 -3.69
N ILE B 369 33.65 -29.10 -3.31
CA ILE B 369 32.73 -28.43 -2.33
C ILE B 369 31.57 -27.78 -3.10
N HIS B 370 31.74 -27.40 -4.38
CA HIS B 370 30.64 -26.98 -5.31
C HIS B 370 29.54 -28.07 -5.38
N LYS B 371 29.92 -29.37 -5.37
CA LYS B 371 29.01 -30.55 -5.57
C LYS B 371 28.42 -31.02 -4.23
N PHE B 372 29.13 -30.81 -3.10
CA PHE B 372 28.61 -31.01 -1.71
C PHE B 372 27.44 -30.03 -1.48
N LEU B 373 27.50 -28.83 -2.09
CA LEU B 373 26.46 -27.76 -1.99
C LEU B 373 25.51 -27.80 -3.19
N GLY C 23 34.91 15.52 -9.70
CA GLY C 23 34.11 14.74 -8.73
C GLY C 23 32.67 14.61 -9.22
N LEU C 24 32.12 13.39 -9.15
CA LEU C 24 30.73 13.03 -9.54
C LEU C 24 29.71 13.73 -8.61
N ILE C 25 28.65 14.28 -9.19
CA ILE C 25 27.57 15.00 -8.45
C ILE C 25 26.25 14.24 -8.67
N TYR C 26 25.38 14.21 -7.66
CA TYR C 26 24.06 13.53 -7.66
C TYR C 26 23.29 13.84 -8.95
N GLY C 27 23.05 15.13 -9.23
CA GLY C 27 22.24 15.60 -10.38
C GLY C 27 22.81 15.15 -11.72
N ASN C 28 24.13 15.15 -11.89
CA ASN C 28 24.80 14.75 -13.15
C ASN C 28 24.76 13.22 -13.27
N TYR C 29 25.04 12.50 -12.18
CA TYR C 29 24.99 11.01 -12.15
C TYR C 29 23.61 10.56 -12.65
N LEU C 30 22.55 11.23 -12.19
CA LEU C 30 21.14 10.88 -12.52
C LEU C 30 20.65 11.56 -13.80
N HIS C 31 21.46 12.42 -14.41
CA HIS C 31 21.10 13.15 -15.67
C HIS C 31 19.75 13.85 -15.45
N LEU C 32 19.61 14.51 -14.29
CA LEU C 32 18.43 15.34 -13.95
C LEU C 32 18.31 16.48 -14.96
N GLU C 33 19.42 16.92 -15.58
CA GLU C 33 19.38 18.02 -16.59
C GLU C 33 18.44 17.61 -17.73
N LYS C 34 18.25 16.30 -17.95
CA LYS C 34 17.27 15.75 -18.92
C LYS C 34 15.92 15.46 -18.25
N VAL C 35 15.91 14.77 -17.11
CA VAL C 35 14.69 14.21 -16.48
C VAL C 35 13.78 15.34 -15.97
N LEU C 36 14.36 16.37 -15.33
CA LEU C 36 13.66 17.52 -14.71
C LEU C 36 13.56 18.71 -15.68
N ASN C 37 13.87 18.51 -16.96
CA ASN C 37 13.68 19.54 -18.04
C ASN C 37 12.96 18.85 -19.21
N ALA C 38 11.94 18.03 -18.91
CA ALA C 38 11.19 17.23 -19.90
C ALA C 38 9.69 17.46 -19.73
N GLN C 39 9.31 18.51 -18.99
CA GLN C 39 7.91 18.78 -18.59
C GLN C 39 7.43 20.02 -19.35
N GLU C 40 6.67 19.78 -20.42
CA GLU C 40 6.09 20.84 -21.29
C GLU C 40 4.57 20.69 -21.30
N LEU C 41 3.87 21.58 -20.59
CA LEU C 41 2.39 21.60 -20.63
C LEU C 41 1.95 22.19 -21.97
N GLN C 42 1.22 21.39 -22.75
CA GLN C 42 0.66 21.80 -24.06
C GLN C 42 -0.35 22.93 -23.82
N SER C 43 -1.12 22.84 -22.74
CA SER C 43 -2.10 23.88 -22.35
C SER C 43 -1.36 25.22 -22.22
N GLU C 44 -0.17 25.24 -21.62
CA GLU C 44 0.66 26.45 -21.41
C GLU C 44 1.23 26.93 -22.75
N THR C 45 1.72 26.00 -23.58
CA THR C 45 2.32 26.23 -24.91
C THR C 45 1.33 27.01 -25.79
N LYS C 46 0.02 26.76 -25.64
CA LYS C 46 -1.07 27.43 -26.37
C LYS C 46 -1.71 28.52 -25.51
N GLY C 47 -0.98 29.04 -24.52
CA GLY C 47 -1.36 30.20 -23.67
C GLY C 47 -2.64 30.03 -22.86
N ASN C 48 -3.00 28.80 -22.46
CA ASN C 48 -4.10 28.53 -21.48
C ASN C 48 -3.66 27.44 -20.49
N LYS C 49 -2.59 27.71 -19.74
CA LYS C 49 -1.94 26.83 -18.72
C LYS C 49 -2.96 26.17 -17.79
N ILE C 50 -3.09 24.85 -17.85
CA ILE C 50 -4.01 24.09 -16.95
C ILE C 50 -3.18 23.35 -15.89
N HIS C 51 -3.41 23.67 -14.62
CA HIS C 51 -2.58 23.21 -13.47
C HIS C 51 -2.42 21.70 -13.48
N ASP C 52 -3.49 20.92 -13.66
CA ASP C 52 -3.45 19.45 -13.41
C ASP C 52 -2.70 18.75 -14.56
N GLU C 53 -2.43 19.43 -15.68
CA GLU C 53 -1.68 18.80 -16.82
C GLU C 53 -0.29 18.36 -16.33
N HIS C 54 0.36 19.13 -15.47
CA HIS C 54 1.68 18.74 -14.92
C HIS C 54 1.60 17.34 -14.27
N LEU C 55 0.57 17.06 -13.46
CA LEU C 55 0.36 15.74 -12.81
C LEU C 55 0.30 14.64 -13.87
N PHE C 56 -0.45 14.91 -14.94
CA PHE C 56 -0.69 13.93 -16.03
C PHE C 56 0.65 13.55 -16.66
N ILE C 57 1.52 14.53 -16.86
CA ILE C 57 2.85 14.33 -17.53
C ILE C 57 3.79 13.54 -16.59
N ILE C 58 3.97 14.01 -15.35
CA ILE C 58 4.88 13.35 -14.36
C ILE C 58 4.42 11.90 -14.17
N THR C 59 3.11 11.65 -14.01
CA THR C 59 2.58 10.29 -13.78
C THR C 59 3.05 9.38 -14.92
N HIS C 60 2.82 9.78 -16.18
CA HIS C 60 3.23 9.00 -17.38
C HIS C 60 4.75 8.85 -17.40
N GLN C 61 5.49 9.89 -17.08
CA GLN C 61 6.98 9.80 -17.09
C GLN C 61 7.44 8.76 -16.06
N ALA C 62 6.82 8.71 -14.89
CA ALA C 62 7.18 7.74 -13.84
C ALA C 62 6.83 6.34 -14.34
N TYR C 63 5.64 6.12 -14.92
CA TYR C 63 5.28 4.78 -15.47
C TYR C 63 6.39 4.34 -16.44
N GLU C 64 6.82 5.23 -17.32
CA GLU C 64 7.78 4.90 -18.39
C GLU C 64 9.18 4.65 -17.78
N LEU C 65 9.61 5.40 -16.78
CA LEU C 65 10.87 5.00 -16.07
C LEU C 65 10.72 3.56 -15.58
N TRP C 66 9.59 3.21 -14.97
CA TRP C 66 9.41 1.89 -14.36
C TRP C 66 9.28 0.85 -15.45
N PHE C 67 8.67 1.18 -16.60
CA PHE C 67 8.58 0.19 -17.70
C PHE C 67 10.00 -0.14 -18.19
N LYS C 68 10.82 0.89 -18.30
CA LYS C 68 12.24 0.72 -18.70
C LYS C 68 12.94 -0.24 -17.72
N GLN C 69 12.69 -0.11 -16.41
CA GLN C 69 13.33 -0.98 -15.38
C GLN C 69 12.82 -2.40 -15.56
N ILE C 70 11.53 -2.58 -15.83
CA ILE C 70 10.96 -3.94 -16.04
C ILE C 70 11.62 -4.58 -17.27
N LEU C 71 11.85 -3.81 -18.33
CA LEU C 71 12.45 -4.33 -19.59
C LEU C 71 13.90 -4.73 -19.30
N TRP C 72 14.62 -3.96 -18.51
CA TRP C 72 16.02 -4.26 -18.08
C TRP C 72 16.10 -5.59 -17.33
N GLU C 73 15.17 -5.81 -16.40
CA GLU C 73 15.08 -7.06 -15.61
C GLU C 73 14.71 -8.20 -16.56
N LEU C 74 13.59 -8.03 -17.26
CA LEU C 74 12.99 -9.04 -18.17
C LEU C 74 14.02 -9.44 -19.24
N ASP C 75 14.77 -8.51 -19.80
CA ASP C 75 15.78 -8.82 -20.84
C ASP C 75 16.91 -9.62 -20.20
N SER C 76 17.43 -9.19 -19.03
CA SER C 76 18.53 -9.91 -18.33
C SER C 76 18.11 -11.35 -18.06
N VAL C 77 16.82 -11.58 -17.77
CA VAL C 77 16.32 -12.95 -17.45
C VAL C 77 16.26 -13.75 -18.75
N ARG C 78 15.64 -13.19 -19.78
CA ARG C 78 15.57 -13.81 -21.12
C ARG C 78 17.00 -14.27 -21.51
N GLU C 79 17.98 -13.38 -21.38
CA GLU C 79 19.39 -13.64 -21.78
C GLU C 79 19.97 -14.79 -20.94
N ILE C 80 19.63 -14.91 -19.65
CA ILE C 80 20.15 -15.99 -18.77
C ILE C 80 19.62 -17.34 -19.29
N PHE C 81 18.42 -17.36 -19.86
CA PHE C 81 17.83 -18.58 -20.48
C PHE C 81 18.55 -18.83 -21.81
N GLN C 82 18.59 -17.80 -22.67
CA GLN C 82 19.03 -17.87 -24.09
C GLN C 82 20.49 -18.34 -24.17
N ASN C 83 21.37 -17.81 -23.32
CA ASN C 83 22.82 -18.09 -23.33
C ASN C 83 23.17 -19.35 -22.53
N GLY C 84 22.18 -20.13 -22.08
CA GLY C 84 22.36 -21.44 -21.40
C GLY C 84 22.70 -21.35 -19.90
N HIS C 85 23.02 -20.18 -19.34
CA HIS C 85 23.37 -20.05 -17.89
C HIS C 85 22.26 -20.61 -16.98
N VAL C 86 20.99 -20.54 -17.36
CA VAL C 86 19.90 -21.09 -16.49
C VAL C 86 20.11 -22.59 -16.27
N ARG C 87 20.91 -23.26 -17.10
CA ARG C 87 21.09 -24.74 -17.02
C ARG C 87 21.90 -25.05 -15.74
N ASP C 88 22.85 -24.17 -15.40
CA ASP C 88 23.54 -24.12 -14.09
C ASP C 88 22.54 -23.63 -13.04
N GLU C 89 22.16 -24.50 -12.11
CA GLU C 89 21.05 -24.24 -11.17
C GLU C 89 21.46 -23.21 -10.12
N ARG C 90 22.74 -22.85 -10.02
CA ARG C 90 23.21 -21.79 -9.10
C ARG C 90 22.63 -20.42 -9.55
N ASN C 91 22.12 -20.34 -10.77
CA ASN C 91 21.59 -19.07 -11.33
C ASN C 91 20.10 -18.92 -11.01
N MET C 92 19.44 -19.90 -10.42
CA MET C 92 17.99 -19.84 -10.17
C MET C 92 17.66 -18.73 -9.14
N LEU C 93 18.53 -18.46 -8.17
CA LEU C 93 18.22 -17.41 -7.15
C LEU C 93 18.11 -16.06 -7.85
N LYS C 94 19.09 -15.73 -8.69
CA LYS C 94 19.17 -14.50 -9.52
C LYS C 94 17.92 -14.39 -10.40
N VAL C 95 17.50 -15.48 -11.02
CA VAL C 95 16.34 -15.48 -11.94
C VAL C 95 15.07 -15.21 -11.13
N VAL C 96 14.86 -15.88 -10.00
CA VAL C 96 13.62 -15.68 -9.20
C VAL C 96 13.65 -14.27 -8.54
N SER C 97 14.82 -13.77 -8.12
CA SER C 97 14.95 -12.44 -7.48
C SER C 97 14.43 -11.39 -8.45
N ARG C 98 14.92 -11.43 -9.68
CA ARG C 98 14.64 -10.40 -10.71
C ARG C 98 13.18 -10.50 -11.17
N MET C 99 12.61 -11.69 -11.30
CA MET C 99 11.19 -11.84 -11.68
C MET C 99 10.32 -11.35 -10.50
N HIS C 100 10.78 -11.58 -9.27
CA HIS C 100 10.07 -11.07 -8.07
C HIS C 100 10.15 -9.54 -8.06
N ARG C 101 11.31 -8.98 -8.35
CA ARG C 101 11.49 -7.51 -8.49
C ARG C 101 10.50 -6.95 -9.52
N VAL C 102 10.30 -7.61 -10.65
CA VAL C 102 9.32 -7.16 -11.68
C VAL C 102 7.95 -7.10 -11.01
N SER C 103 7.56 -8.11 -10.22
CA SER C 103 6.25 -8.18 -9.52
C SER C 103 6.09 -7.00 -8.56
N VAL C 104 7.15 -6.70 -7.83
CA VAL C 104 7.12 -5.61 -6.81
C VAL C 104 6.96 -4.25 -7.51
N ILE C 105 7.65 -4.03 -8.62
CA ILE C 105 7.50 -2.80 -9.45
C ILE C 105 6.06 -2.72 -9.97
N LEU C 106 5.57 -3.79 -10.56
CA LEU C 106 4.19 -3.82 -11.12
C LEU C 106 3.19 -3.50 -10.00
N LYS C 107 3.43 -3.96 -8.78
CA LYS C 107 2.53 -3.68 -7.62
C LYS C 107 2.54 -2.15 -7.40
N LEU C 108 3.72 -1.53 -7.37
CA LEU C 108 3.78 -0.07 -7.21
C LEU C 108 2.99 0.62 -8.34
N LEU C 109 3.16 0.18 -9.59
CA LEU C 109 2.47 0.79 -10.76
C LEU C 109 0.95 0.66 -10.63
N VAL C 110 0.43 -0.43 -10.05
CA VAL C 110 -1.04 -0.61 -9.81
C VAL C 110 -1.48 0.43 -8.78
N GLN C 111 -0.70 0.63 -7.71
CA GLN C 111 -0.98 1.60 -6.63
C GLN C 111 -0.87 3.03 -7.13
N GLN C 112 0.00 3.27 -8.12
CA GLN C 112 0.36 4.61 -8.64
C GLN C 112 -0.87 5.26 -9.32
N PHE C 113 -1.84 4.50 -9.79
CA PHE C 113 -3.12 5.07 -10.29
C PHE C 113 -3.80 5.91 -9.21
N SER C 114 -3.56 5.60 -7.93
CA SER C 114 -4.14 6.34 -6.78
C SER C 114 -3.81 7.84 -6.92
N ILE C 115 -2.65 8.18 -7.48
CA ILE C 115 -2.25 9.61 -7.63
C ILE C 115 -3.09 10.28 -8.72
N LEU C 116 -3.24 9.65 -9.87
CA LEU C 116 -4.06 10.25 -10.97
C LEU C 116 -5.56 10.30 -10.56
N GLU C 117 -6.00 9.44 -9.63
CA GLU C 117 -7.37 9.52 -9.06
C GLU C 117 -7.58 10.84 -8.31
N THR C 118 -6.54 11.55 -7.87
CA THR C 118 -6.69 12.89 -7.24
C THR C 118 -6.96 13.96 -8.32
N MET C 119 -6.95 13.60 -9.61
CA MET C 119 -7.37 14.50 -10.73
C MET C 119 -8.86 14.27 -11.02
N THR C 120 -9.71 15.29 -10.86
CA THR C 120 -11.16 15.13 -11.19
C THR C 120 -11.33 15.07 -12.71
N ALA C 121 -12.40 14.43 -13.17
CA ALA C 121 -12.86 14.41 -14.58
C ALA C 121 -12.97 15.83 -15.15
N LEU C 122 -13.52 16.77 -14.37
CA LEU C 122 -13.71 18.19 -14.74
C LEU C 122 -12.36 18.83 -15.05
N ASP C 123 -11.35 18.58 -14.22
CA ASP C 123 -10.02 19.24 -14.34
C ASP C 123 -9.29 18.61 -15.54
N PHE C 124 -9.41 17.30 -15.72
CA PHE C 124 -8.86 16.60 -16.91
C PHE C 124 -9.52 17.18 -18.16
N ASN C 125 -10.82 17.42 -18.08
CA ASN C 125 -11.64 17.97 -19.19
C ASN C 125 -11.10 19.32 -19.67
N ASP C 126 -10.46 20.08 -18.79
CA ASP C 126 -9.89 21.43 -19.11
C ASP C 126 -8.64 21.32 -19.99
N PHE C 127 -7.99 20.16 -20.15
CA PHE C 127 -6.72 20.09 -20.92
C PHE C 127 -6.68 18.90 -21.86
N ARG C 128 -7.68 18.02 -21.86
CA ARG C 128 -7.68 16.79 -22.68
C ARG C 128 -7.63 17.14 -24.19
N GLU C 129 -8.29 18.23 -24.62
CA GLU C 129 -8.25 18.75 -26.02
C GLU C 129 -6.78 18.90 -26.49
N TYR C 130 -5.85 19.34 -25.63
CA TYR C 130 -4.45 19.66 -26.02
C TYR C 130 -3.60 18.39 -26.16
N LEU C 131 -4.16 17.22 -25.81
CA LEU C 131 -3.51 15.88 -25.91
C LEU C 131 -3.70 15.32 -27.32
N SER C 132 -4.85 15.61 -27.93
CA SER C 132 -5.22 15.04 -29.25
C SER C 132 -4.17 15.40 -30.30
N PRO C 133 -3.74 14.46 -31.17
CA PRO C 133 -4.24 13.07 -31.18
C PRO C 133 -3.32 11.99 -30.59
N ALA C 134 -2.38 12.35 -29.71
CA ALA C 134 -1.48 11.38 -29.02
C ALA C 134 -2.33 10.25 -28.41
N SER C 135 -1.85 9.00 -28.46
CA SER C 135 -2.57 7.82 -27.88
C SER C 135 -1.67 6.99 -26.96
N GLY C 136 -2.30 6.32 -25.99
CA GLY C 136 -1.68 5.24 -25.19
C GLY C 136 -1.07 4.15 -26.06
N PHE C 137 -1.72 3.82 -27.19
CA PHE C 137 -1.28 2.82 -28.21
C PHE C 137 0.13 3.14 -28.72
N GLN C 138 0.58 4.38 -28.53
CA GLN C 138 1.93 4.87 -28.96
C GLN C 138 2.97 4.73 -27.84
N SER C 139 2.68 4.07 -26.70
CA SER C 139 3.72 3.73 -25.70
C SER C 139 4.53 2.56 -26.26
N LEU C 140 5.72 2.84 -26.75
CA LEU C 140 6.64 1.81 -27.30
C LEU C 140 6.89 0.75 -26.20
N GLN C 141 7.34 1.20 -25.02
CA GLN C 141 7.86 0.30 -23.95
C GLN C 141 6.75 -0.65 -23.54
N PHE C 142 5.51 -0.18 -23.51
CA PHE C 142 4.39 -1.04 -23.07
C PHE C 142 4.24 -2.22 -24.04
N ARG C 143 4.40 -1.95 -25.34
CA ARG C 143 4.35 -2.99 -26.42
C ARG C 143 5.56 -3.90 -26.32
N LEU C 144 6.76 -3.34 -26.27
CA LEU C 144 8.02 -4.08 -26.01
C LEU C 144 7.81 -5.06 -24.85
N LEU C 145 7.18 -4.59 -23.78
CA LEU C 145 6.98 -5.36 -22.53
C LEU C 145 6.06 -6.54 -22.83
N GLU C 146 4.87 -6.26 -23.35
CA GLU C 146 3.87 -7.30 -23.71
C GLU C 146 4.51 -8.35 -24.63
N ASN C 147 5.31 -7.91 -25.61
CA ASN C 147 5.89 -8.81 -26.63
C ASN C 147 6.95 -9.71 -25.97
N LYS C 148 7.94 -9.10 -25.29
CA LYS C 148 9.06 -9.79 -24.61
C LYS C 148 8.53 -10.85 -23.64
N ILE C 149 7.42 -10.60 -22.95
CA ILE C 149 6.82 -11.62 -22.03
C ILE C 149 6.27 -12.76 -22.87
N GLY C 150 5.46 -12.42 -23.89
CA GLY C 150 4.98 -13.34 -24.95
C GLY C 150 3.46 -13.31 -25.15
N VAL C 151 2.85 -12.12 -25.16
CA VAL C 151 1.45 -11.92 -25.65
C VAL C 151 1.48 -12.19 -27.16
N LEU C 152 0.74 -13.18 -27.69
CA LEU C 152 0.89 -13.49 -29.14
C LEU C 152 0.09 -12.48 -29.97
N GLN C 153 0.63 -12.10 -31.15
CA GLN C 153 0.05 -11.08 -32.08
C GLN C 153 -1.32 -11.55 -32.59
N ASN C 154 -1.42 -12.80 -33.03
CA ASN C 154 -2.68 -13.43 -33.56
C ASN C 154 -3.83 -13.32 -32.53
N MET C 155 -3.55 -13.08 -31.24
CA MET C 155 -4.57 -13.01 -30.15
C MET C 155 -4.96 -11.55 -29.81
N ARG C 156 -4.36 -10.53 -30.46
CA ARG C 156 -4.63 -9.09 -30.12
C ARG C 156 -5.98 -8.66 -30.71
N TYR C 164 -1.78 -2.62 -33.97
CA TYR C 164 -1.11 -1.75 -32.96
C TYR C 164 0.17 -1.13 -33.52
N ARG C 165 0.84 -1.78 -34.49
CA ARG C 165 2.21 -1.44 -34.97
C ARG C 165 2.19 -0.29 -36.01
N ASP C 166 1.02 0.04 -36.59
CA ASP C 166 0.85 1.19 -37.53
C ASP C 166 1.24 2.50 -36.82
N ASN C 167 1.08 2.53 -35.49
CA ASN C 167 1.29 3.71 -34.60
C ASN C 167 2.78 4.09 -34.50
N PHE C 168 3.69 3.31 -35.12
CA PHE C 168 5.17 3.51 -35.04
C PHE C 168 5.83 3.42 -36.43
N LYS C 169 7.00 4.04 -36.55
CA LYS C 169 7.88 4.08 -37.75
C LYS C 169 9.34 4.14 -37.27
N GLY C 170 10.30 4.04 -38.18
CA GLY C 170 11.74 4.27 -37.92
C GLY C 170 12.34 3.22 -37.00
N GLU C 171 13.34 3.61 -36.20
CA GLU C 171 14.05 2.76 -35.21
C GLU C 171 13.04 2.06 -34.29
N GLU C 172 12.04 2.82 -33.81
CA GLU C 172 10.95 2.31 -32.95
C GLU C 172 10.24 1.12 -33.63
N ASN C 173 9.91 1.24 -34.91
CA ASN C 173 9.21 0.15 -35.64
C ASN C 173 10.16 -1.05 -35.76
N GLU C 174 11.47 -0.77 -35.87
CA GLU C 174 12.55 -1.80 -35.93
C GLU C 174 12.59 -2.56 -34.59
N LEU C 175 12.69 -1.85 -33.46
CA LEU C 175 12.75 -2.46 -32.09
C LEU C 175 11.53 -3.36 -31.87
N LEU C 176 10.33 -2.92 -32.28
CA LEU C 176 9.06 -3.68 -32.14
C LEU C 176 9.13 -5.00 -32.92
N LEU C 177 9.77 -4.99 -34.10
CA LEU C 177 9.93 -6.21 -34.94
C LEU C 177 10.85 -7.19 -34.20
N LYS C 178 12.03 -6.72 -33.77
CA LYS C 178 12.99 -7.49 -32.93
C LYS C 178 12.23 -8.17 -31.78
N SER C 179 11.36 -7.42 -31.08
CA SER C 179 10.61 -7.90 -29.89
C SER C 179 9.59 -8.98 -30.29
N GLU C 180 9.13 -8.96 -31.54
CA GLU C 180 8.17 -9.99 -32.04
C GLU C 180 8.92 -11.25 -32.48
N GLN C 181 10.15 -11.09 -32.98
CA GLN C 181 10.92 -12.16 -33.67
C GLN C 181 11.90 -12.85 -32.69
N GLU C 182 12.55 -12.08 -31.80
CA GLU C 182 13.44 -12.61 -30.72
C GLU C 182 12.63 -13.51 -29.79
N LYS C 183 13.26 -14.50 -29.15
CA LYS C 183 12.56 -15.51 -28.30
C LYS C 183 11.94 -14.78 -27.11
N THR C 184 10.72 -15.16 -26.74
CA THR C 184 9.96 -14.53 -25.63
C THR C 184 10.31 -15.26 -24.33
N LEU C 185 9.95 -14.65 -23.20
CA LEU C 185 10.09 -15.28 -21.87
C LEU C 185 9.31 -16.59 -21.92
N LEU C 186 8.12 -16.58 -22.52
CA LEU C 186 7.27 -17.80 -22.55
C LEU C 186 8.02 -18.90 -23.31
N GLU C 187 8.67 -18.56 -24.42
CA GLU C 187 9.33 -19.56 -25.30
C GLU C 187 10.53 -20.16 -24.54
N LEU C 188 11.31 -19.29 -23.89
CA LEU C 188 12.52 -19.69 -23.13
C LEU C 188 12.11 -20.55 -21.93
N VAL C 189 11.03 -20.18 -21.23
CA VAL C 189 10.52 -20.96 -20.06
C VAL C 189 10.03 -22.32 -20.56
N GLU C 190 9.29 -22.33 -21.69
CA GLU C 190 8.82 -23.55 -22.40
C GLU C 190 10.00 -24.53 -22.62
N ALA C 191 11.02 -24.11 -23.37
CA ALA C 191 12.27 -24.86 -23.65
C ALA C 191 12.81 -25.47 -22.33
N TRP C 192 13.01 -24.63 -21.31
CA TRP C 192 13.58 -25.05 -19.99
C TRP C 192 12.66 -26.05 -19.29
N LEU C 193 11.34 -25.87 -19.33
CA LEU C 193 10.40 -26.80 -18.67
C LEU C 193 10.46 -28.18 -19.35
N GLU C 194 10.78 -28.22 -20.64
CA GLU C 194 10.80 -29.46 -21.46
C GLU C 194 11.91 -30.39 -20.94
N ARG C 195 13.02 -29.83 -20.47
CA ARG C 195 14.19 -30.54 -19.90
C ARG C 195 14.02 -30.86 -18.41
N THR C 196 12.85 -30.59 -17.79
CA THR C 196 12.60 -30.88 -16.35
C THR C 196 12.87 -32.35 -16.04
N PRO C 197 13.84 -32.69 -15.17
CA PRO C 197 14.09 -34.08 -14.80
C PRO C 197 12.83 -34.74 -14.22
N GLY C 198 12.63 -36.02 -14.57
CA GLY C 198 11.55 -36.88 -14.05
C GLY C 198 10.59 -37.32 -15.14
N LEU C 199 10.73 -36.78 -16.34
CA LEU C 199 9.76 -37.02 -17.45
C LEU C 199 10.25 -38.19 -18.30
N GLU C 200 11.57 -38.40 -18.38
CA GLU C 200 12.23 -39.47 -19.18
C GLU C 200 11.45 -40.77 -19.01
N PRO C 201 10.88 -41.35 -20.11
CA PRO C 201 10.11 -42.60 -20.04
C PRO C 201 10.91 -43.79 -19.49
N HIS C 202 12.23 -43.78 -19.68
CA HIS C 202 13.17 -44.87 -19.30
C HIS C 202 13.71 -44.59 -17.89
N GLY C 203 13.27 -43.49 -17.25
CA GLY C 203 13.62 -43.09 -15.88
C GLY C 203 12.42 -43.12 -14.94
N PHE C 204 12.14 -42.02 -14.24
CA PHE C 204 11.07 -41.92 -13.21
C PHE C 204 9.70 -42.09 -13.89
N ASN C 205 9.61 -41.68 -15.16
CA ASN C 205 8.43 -41.87 -16.04
C ASN C 205 7.19 -41.26 -15.34
N PHE C 206 7.21 -39.94 -15.12
CA PHE C 206 6.19 -39.23 -14.31
C PHE C 206 4.81 -39.40 -14.96
N TRP C 207 4.72 -39.15 -16.26
CA TRP C 207 3.44 -39.11 -17.03
C TRP C 207 2.80 -40.49 -17.05
N GLY C 208 3.56 -41.50 -17.49
CA GLY C 208 3.17 -42.91 -17.42
C GLY C 208 2.56 -43.24 -16.07
N LYS C 209 3.31 -43.01 -14.98
CA LYS C 209 2.89 -43.41 -13.61
C LYS C 209 1.67 -42.60 -13.17
N LEU C 210 1.60 -41.32 -13.58
CA LEU C 210 0.49 -40.42 -13.19
C LEU C 210 -0.80 -40.91 -13.86
N GLU C 211 -0.76 -41.23 -15.16
CA GLU C 211 -1.92 -41.77 -15.92
C GLU C 211 -2.44 -43.02 -15.20
N LYS C 212 -1.53 -43.96 -14.89
CA LYS C 212 -1.82 -45.21 -14.14
C LYS C 212 -2.61 -44.86 -12.86
N ASN C 213 -1.99 -44.09 -11.96
CA ASN C 213 -2.48 -43.87 -10.58
C ASN C 213 -3.86 -43.18 -10.60
N ILE C 214 -4.08 -42.25 -11.52
CA ILE C 214 -5.38 -41.52 -11.62
C ILE C 214 -6.47 -42.55 -11.99
N THR C 215 -6.29 -43.28 -13.09
CA THR C 215 -7.27 -44.28 -13.61
C THR C 215 -7.59 -45.30 -12.50
N ARG C 216 -6.57 -45.85 -11.84
CA ARG C 216 -6.70 -46.84 -10.71
C ARG C 216 -7.38 -46.15 -9.51
N GLY C 217 -7.06 -44.88 -9.25
CA GLY C 217 -7.67 -44.06 -8.18
C GLY C 217 -9.14 -43.79 -8.46
N LEU C 218 -9.51 -43.64 -9.73
CA LEU C 218 -10.91 -43.34 -10.14
C LEU C 218 -11.81 -44.57 -9.93
N GLU C 219 -11.24 -45.78 -9.76
CA GLU C 219 -12.01 -47.01 -9.38
C GLU C 219 -12.73 -46.71 -8.05
N GLU C 220 -14.06 -46.85 -8.07
CA GLU C 220 -14.99 -46.31 -7.03
C GLU C 220 -16.36 -47.00 -7.10
N GLU C 221 -17.08 -46.98 -5.98
CA GLU C 221 -18.46 -47.51 -5.81
C GLU C 221 -19.44 -46.55 -6.50
N GLU C 235 -31.56 -40.11 -4.26
CA GLU C 235 -30.66 -41.01 -3.50
C GLU C 235 -29.33 -40.30 -3.28
N GLU C 236 -28.68 -39.85 -4.35
CA GLU C 236 -27.27 -39.38 -4.34
C GLU C 236 -27.02 -38.36 -5.47
N GLN C 237 -25.75 -37.99 -5.67
CA GLN C 237 -25.28 -37.01 -6.71
C GLN C 237 -24.07 -37.60 -7.44
N VAL C 238 -24.26 -38.77 -8.09
CA VAL C 238 -23.18 -39.53 -8.79
C VAL C 238 -22.64 -38.70 -9.97
N ALA C 239 -23.36 -37.64 -10.35
CA ALA C 239 -23.08 -36.75 -11.50
C ALA C 239 -21.65 -36.20 -11.43
N GLU C 240 -21.23 -35.76 -10.23
CA GLU C 240 -19.93 -35.06 -10.05
C GLU C 240 -18.79 -35.98 -10.54
N PHE C 241 -18.80 -37.27 -10.16
CA PHE C 241 -17.76 -38.26 -10.52
C PHE C 241 -17.48 -38.21 -12.02
N GLN C 242 -18.54 -38.20 -12.83
CA GLN C 242 -18.43 -38.33 -14.31
C GLN C 242 -17.64 -37.15 -14.86
N LYS C 243 -18.14 -35.91 -14.69
CA LYS C 243 -17.45 -34.71 -15.23
C LYS C 243 -16.01 -34.65 -14.71
N GLN C 244 -15.79 -34.97 -13.42
CA GLN C 244 -14.44 -35.05 -12.79
C GLN C 244 -13.52 -35.97 -13.62
N LYS C 245 -13.98 -37.19 -13.92
CA LYS C 245 -13.23 -38.23 -14.69
C LYS C 245 -12.82 -37.63 -16.05
N GLU C 246 -13.72 -36.91 -16.70
CA GLU C 246 -13.50 -36.37 -18.06
C GLU C 246 -12.39 -35.31 -17.98
N VAL C 247 -12.42 -34.47 -16.93
CA VAL C 247 -11.43 -33.38 -16.65
C VAL C 247 -10.04 -34.02 -16.50
N LEU C 248 -9.91 -34.94 -15.55
CA LEU C 248 -8.60 -35.56 -15.19
C LEU C 248 -8.01 -36.27 -16.42
N LEU C 249 -8.80 -37.03 -17.18
CA LEU C 249 -8.30 -37.90 -18.28
C LEU C 249 -8.00 -37.07 -19.53
N SER C 250 -8.67 -35.92 -19.71
CA SER C 250 -8.40 -34.98 -20.83
C SER C 250 -6.95 -34.49 -20.75
N LEU C 251 -6.30 -34.64 -19.60
CA LEU C 251 -4.87 -34.27 -19.36
C LEU C 251 -3.99 -35.11 -20.29
N PHE C 252 -4.37 -36.37 -20.54
CA PHE C 252 -3.56 -37.39 -21.26
C PHE C 252 -3.94 -37.43 -22.74
N ASP C 253 -4.77 -36.49 -23.18
CA ASP C 253 -5.14 -36.34 -24.61
C ASP C 253 -4.18 -35.33 -25.25
N GLU C 254 -3.03 -35.80 -25.72
CA GLU C 254 -1.99 -34.95 -26.39
C GLU C 254 -2.54 -34.29 -27.67
N LYS C 255 -3.53 -34.90 -28.35
CA LYS C 255 -4.08 -34.37 -29.63
C LYS C 255 -5.02 -33.21 -29.31
N ARG C 256 -5.87 -33.37 -28.29
CA ARG C 256 -6.71 -32.27 -27.74
C ARG C 256 -5.82 -31.05 -27.47
N HIS C 257 -4.67 -31.28 -26.82
CA HIS C 257 -3.72 -30.22 -26.39
C HIS C 257 -3.18 -29.48 -27.62
N GLU C 258 -2.72 -30.20 -28.64
CA GLU C 258 -2.16 -29.59 -29.89
C GLU C 258 -3.23 -28.76 -30.61
N HIS C 259 -4.50 -29.21 -30.56
CA HIS C 259 -5.66 -28.53 -31.20
C HIS C 259 -5.83 -27.17 -30.51
N LEU C 260 -5.91 -27.19 -29.17
CA LEU C 260 -6.02 -25.99 -28.30
C LEU C 260 -4.77 -25.10 -28.42
N LEU C 261 -3.59 -25.68 -28.63
CA LEU C 261 -2.30 -24.98 -28.88
C LEU C 261 -2.41 -24.11 -30.13
N SER C 262 -2.97 -24.64 -31.23
CA SER C 262 -3.10 -23.95 -32.55
C SER C 262 -4.15 -22.84 -32.46
N LYS C 263 -5.22 -23.05 -31.67
CA LYS C 263 -6.26 -22.03 -31.36
C LYS C 263 -5.66 -20.85 -30.57
N GLY C 264 -4.60 -21.10 -29.79
CA GLY C 264 -4.04 -20.13 -28.82
C GLY C 264 -4.81 -20.11 -27.50
N GLU C 265 -5.60 -21.15 -27.21
CA GLU C 265 -6.32 -21.35 -25.93
C GLU C 265 -5.39 -22.05 -24.90
N ARG C 266 -4.25 -22.59 -25.36
CA ARG C 266 -3.10 -23.04 -24.53
C ARG C 266 -1.87 -22.43 -25.22
N ARG C 267 -0.72 -22.41 -24.55
CA ARG C 267 0.49 -21.71 -25.06
C ARG C 267 1.72 -22.62 -24.96
N LEU C 268 1.75 -23.46 -23.92
CA LEU C 268 2.91 -24.34 -23.62
C LEU C 268 2.76 -25.64 -24.41
N SER C 269 3.83 -26.09 -25.07
CA SER C 269 3.99 -27.46 -25.63
C SER C 269 3.56 -28.50 -24.59
N TYR C 270 3.06 -29.65 -25.07
CA TYR C 270 2.63 -30.75 -24.18
C TYR C 270 3.75 -31.11 -23.20
N ARG C 271 5.01 -31.11 -23.63
CA ARG C 271 6.12 -31.58 -22.76
C ARG C 271 6.41 -30.51 -21.70
N ALA C 272 6.29 -29.22 -22.04
CA ALA C 272 6.40 -28.08 -21.09
C ALA C 272 5.38 -28.25 -19.95
N LEU C 273 4.15 -28.57 -20.30
CA LEU C 273 3.03 -28.76 -19.36
C LEU C 273 3.33 -29.94 -18.40
N GLN C 274 4.02 -30.97 -18.89
CA GLN C 274 4.46 -32.14 -18.08
C GLN C 274 5.53 -31.67 -17.08
N GLY C 275 6.55 -30.96 -17.56
CA GLY C 275 7.58 -30.29 -16.73
C GLY C 275 6.91 -29.49 -15.62
N ALA C 276 5.98 -28.60 -15.99
CA ALA C 276 5.36 -27.67 -15.05
C ALA C 276 4.66 -28.47 -13.97
N LEU C 277 3.98 -29.55 -14.34
CA LEU C 277 3.12 -30.29 -13.38
C LEU C 277 4.01 -31.07 -12.41
N MET C 278 5.17 -31.50 -12.90
CA MET C 278 6.24 -32.19 -12.12
C MET C 278 6.72 -31.25 -10.99
N ILE C 279 7.05 -30.02 -11.36
CA ILE C 279 7.50 -28.99 -10.38
C ILE C 279 6.36 -28.74 -9.36
N TYR C 280 5.11 -28.69 -9.81
CA TYR C 280 3.94 -28.39 -8.94
C TYR C 280 3.82 -29.48 -7.89
N PHE C 281 3.76 -30.75 -8.31
CA PHE C 281 3.47 -31.87 -7.38
C PHE C 281 4.68 -32.14 -6.50
N TYR C 282 5.91 -31.90 -6.96
CA TYR C 282 7.14 -32.23 -6.20
C TYR C 282 7.89 -30.97 -5.76
N ARG C 283 7.17 -29.89 -5.40
CA ARG C 283 7.76 -28.53 -5.10
C ARG C 283 8.76 -28.63 -3.94
N GLU C 284 8.51 -29.51 -2.98
CA GLU C 284 9.35 -29.67 -1.76
C GLU C 284 10.72 -30.25 -2.15
N GLU C 285 10.82 -31.04 -3.23
CA GLU C 285 12.11 -31.68 -3.60
C GLU C 285 13.11 -30.55 -3.80
N PRO C 286 14.27 -30.59 -3.11
CA PRO C 286 15.21 -29.47 -3.12
C PRO C 286 15.42 -28.83 -4.50
N ARG C 287 15.68 -29.62 -5.54
CA ARG C 287 15.97 -29.07 -6.89
C ARG C 287 14.76 -28.36 -7.52
N PHE C 288 13.56 -28.57 -6.98
CA PHE C 288 12.30 -28.00 -7.51
C PHE C 288 11.81 -26.79 -6.69
N GLN C 289 12.37 -26.53 -5.51
CA GLN C 289 11.84 -25.49 -4.59
C GLN C 289 11.91 -24.14 -5.30
N VAL C 290 13.07 -23.74 -5.79
CA VAL C 290 13.21 -22.39 -6.43
C VAL C 290 12.48 -22.41 -7.78
N PRO C 291 12.60 -23.47 -8.61
CA PRO C 291 11.75 -23.60 -9.80
C PRO C 291 10.26 -23.36 -9.52
N PHE C 292 9.75 -23.85 -8.39
CA PHE C 292 8.33 -23.65 -7.99
C PHE C 292 8.08 -22.16 -7.73
N GLN C 293 9.04 -21.50 -7.07
CA GLN C 293 8.95 -20.04 -6.83
C GLN C 293 8.88 -19.32 -8.17
N LEU C 294 9.65 -19.78 -9.17
CA LEU C 294 9.71 -19.07 -10.47
C LEU C 294 8.32 -19.19 -11.12
N LEU C 295 7.71 -20.38 -11.06
CA LEU C 295 6.40 -20.58 -11.71
C LEU C 295 5.39 -19.64 -11.04
N THR C 296 5.42 -19.56 -9.71
CA THR C 296 4.57 -18.64 -8.90
C THR C 296 4.79 -17.20 -9.35
N SER C 297 6.04 -16.76 -9.44
CA SER C 297 6.39 -15.40 -9.90
C SER C 297 5.77 -15.11 -11.28
N LEU C 298 5.79 -16.06 -12.21
CA LEU C 298 5.29 -15.87 -13.60
C LEU C 298 3.77 -15.67 -13.56
N MET C 299 3.06 -16.41 -12.71
CA MET C 299 1.62 -16.21 -12.47
C MET C 299 1.40 -14.82 -11.84
N ASP C 300 2.24 -14.42 -10.89
CA ASP C 300 2.15 -13.10 -10.21
C ASP C 300 2.20 -11.99 -11.28
N ILE C 301 3.07 -12.14 -12.25
CA ILE C 301 3.31 -11.09 -13.26
C ILE C 301 2.08 -10.97 -14.16
N ASP C 302 1.49 -12.10 -14.57
CA ASP C 302 0.24 -12.15 -15.37
C ASP C 302 -0.88 -11.45 -14.59
N SER C 303 -1.08 -11.81 -13.32
CA SER C 303 -2.09 -11.21 -12.42
C SER C 303 -1.88 -9.69 -12.33
N LEU C 304 -0.64 -9.23 -12.16
CA LEU C 304 -0.40 -7.80 -11.87
C LEU C 304 -0.53 -6.97 -13.17
N MET C 305 -0.12 -7.54 -14.30
CA MET C 305 -0.35 -6.92 -15.64
C MET C 305 -1.87 -6.78 -15.86
N THR C 306 -2.66 -7.81 -15.60
CA THR C 306 -4.15 -7.73 -15.74
C THR C 306 -4.68 -6.70 -14.73
N LYS C 307 -4.14 -6.64 -13.51
CA LYS C 307 -4.60 -5.67 -12.47
C LYS C 307 -4.28 -4.26 -12.95
N TRP C 308 -3.15 -4.08 -13.65
CA TRP C 308 -2.81 -2.77 -14.24
C TRP C 308 -3.83 -2.42 -15.34
N ARG C 309 -4.17 -3.38 -16.18
CA ARG C 309 -5.11 -3.18 -17.32
C ARG C 309 -6.46 -2.78 -16.74
N TYR C 310 -6.85 -3.42 -15.63
CA TYR C 310 -8.15 -3.21 -14.97
C TYR C 310 -8.19 -1.81 -14.36
N ASN C 311 -7.15 -1.42 -13.61
CA ASN C 311 -7.12 -0.06 -13.02
C ASN C 311 -7.18 0.95 -14.15
N HIS C 312 -6.47 0.73 -15.24
CA HIS C 312 -6.42 1.66 -16.39
C HIS C 312 -7.83 1.81 -16.97
N VAL C 313 -8.57 0.71 -17.07
CA VAL C 313 -9.94 0.66 -17.68
C VAL C 313 -10.87 1.52 -16.83
N CYS C 314 -10.86 1.29 -15.51
CA CYS C 314 -11.61 2.09 -14.51
C CYS C 314 -11.25 3.57 -14.66
N MET C 315 -9.98 3.87 -14.90
CA MET C 315 -9.49 5.26 -14.95
C MET C 315 -10.13 5.94 -16.17
N VAL C 316 -10.13 5.27 -17.33
CA VAL C 316 -10.80 5.75 -18.58
C VAL C 316 -12.29 6.01 -18.31
N HIS C 317 -12.99 5.08 -17.66
CA HIS C 317 -14.46 5.14 -17.33
C HIS C 317 -14.76 6.34 -16.40
N ARG C 318 -13.89 6.60 -15.41
CA ARG C 318 -14.02 7.71 -14.42
C ARG C 318 -13.95 9.06 -15.14
N MET C 319 -13.14 9.17 -16.17
CA MET C 319 -12.80 10.47 -16.79
C MET C 319 -13.68 10.76 -17.99
N LEU C 320 -14.06 9.75 -18.77
CA LEU C 320 -14.76 9.91 -20.08
C LEU C 320 -16.23 9.50 -19.96
N GLY C 321 -16.58 8.69 -18.97
CA GLY C 321 -17.95 8.16 -18.78
C GLY C 321 -18.24 7.06 -19.78
N SER C 322 -19.52 6.69 -19.96
CA SER C 322 -19.97 5.63 -20.89
C SER C 322 -20.66 6.27 -22.10
N TYR C 332 -12.49 1.93 -27.68
CA TYR C 332 -12.16 2.56 -26.37
C TYR C 332 -12.33 1.56 -25.23
N HIS C 333 -13.46 0.84 -25.14
CA HIS C 333 -13.63 -0.25 -24.16
C HIS C 333 -13.32 -1.60 -24.83
N TYR C 334 -12.61 -1.57 -25.98
CA TYR C 334 -11.72 -2.67 -26.44
C TYR C 334 -10.83 -3.09 -25.26
N LEU C 335 -10.46 -2.10 -24.44
CA LEU C 335 -9.62 -2.27 -23.21
C LEU C 335 -10.28 -3.29 -22.29
N ARG C 336 -11.63 -3.30 -22.18
CA ARG C 336 -12.35 -4.29 -21.34
C ARG C 336 -12.03 -5.70 -21.84
N SER C 337 -11.83 -5.86 -23.16
CA SER C 337 -11.44 -7.16 -23.78
C SER C 337 -10.04 -7.58 -23.31
N THR C 338 -9.12 -6.62 -23.11
CA THR C 338 -7.71 -6.89 -22.70
C THR C 338 -7.67 -7.43 -21.26
N VAL C 339 -8.70 -7.19 -20.45
CA VAL C 339 -8.85 -7.80 -19.08
C VAL C 339 -9.48 -9.18 -19.23
N SER C 340 -8.73 -10.15 -19.76
CA SER C 340 -9.19 -11.53 -20.05
C SER C 340 -7.99 -12.49 -20.05
N ASP C 341 -8.24 -13.78 -19.85
CA ASP C 341 -7.18 -14.83 -19.89
C ASP C 341 -6.58 -14.88 -21.30
N ARG C 342 -7.29 -14.41 -22.33
CA ARG C 342 -6.76 -14.25 -23.71
C ARG C 342 -5.37 -13.57 -23.63
N TYR C 343 -5.17 -12.63 -22.71
CA TYR C 343 -3.92 -11.81 -22.59
C TYR C 343 -3.02 -12.33 -21.45
N LYS C 344 -3.35 -13.48 -20.83
CA LYS C 344 -2.52 -14.16 -19.79
C LYS C 344 -1.58 -15.19 -20.43
N VAL C 345 -0.36 -14.76 -20.71
CA VAL C 345 0.74 -15.54 -21.34
C VAL C 345 0.95 -16.88 -20.62
N PHE C 346 0.87 -16.88 -19.30
CA PHE C 346 1.15 -18.10 -18.50
C PHE C 346 -0.15 -18.73 -18.02
N VAL C 347 -1.23 -18.64 -18.79
CA VAL C 347 -2.58 -19.22 -18.47
C VAL C 347 -2.46 -20.71 -18.13
N ASP C 348 -1.58 -21.46 -18.80
CA ASP C 348 -1.39 -22.92 -18.58
C ASP C 348 -0.96 -23.20 -17.12
N LEU C 349 -0.04 -22.37 -16.58
CA LEU C 349 0.45 -22.47 -15.17
C LEU C 349 -0.72 -22.25 -14.21
N PHE C 350 -1.59 -21.25 -14.46
CA PHE C 350 -2.80 -21.00 -13.63
C PHE C 350 -3.74 -22.21 -13.69
N ASN C 351 -3.86 -22.87 -14.84
CA ASN C 351 -4.96 -23.84 -15.09
C ASN C 351 -4.62 -25.20 -14.48
N LEU C 352 -3.38 -25.42 -14.04
CA LEU C 352 -2.98 -26.71 -13.41
C LEU C 352 -3.80 -26.99 -12.14
N SER C 353 -4.35 -25.95 -11.49
CA SER C 353 -5.29 -26.06 -10.34
C SER C 353 -6.48 -26.98 -10.66
N THR C 354 -6.97 -26.99 -11.91
CA THR C 354 -8.10 -27.86 -12.37
C THR C 354 -7.69 -29.34 -12.21
N TYR C 355 -6.43 -29.69 -12.51
CA TYR C 355 -5.89 -31.08 -12.44
C TYR C 355 -5.26 -31.35 -11.07
N LEU C 356 -5.92 -30.95 -9.99
CA LEU C 356 -5.48 -31.29 -8.60
C LEU C 356 -6.17 -32.59 -8.19
N ILE C 357 -5.37 -33.53 -7.67
CA ILE C 357 -5.79 -34.92 -7.33
C ILE C 357 -5.54 -35.17 -5.84
N PRO C 358 -6.19 -36.17 -5.21
CA PRO C 358 -5.83 -36.58 -3.85
C PRO C 358 -4.33 -36.93 -3.79
N ARG C 359 -3.64 -36.50 -2.72
CA ARG C 359 -2.18 -36.67 -2.54
C ARG C 359 -1.77 -38.13 -2.73
N HIS C 360 -2.59 -39.05 -2.20
CA HIS C 360 -2.35 -40.53 -2.15
C HIS C 360 -2.17 -41.07 -3.57
N TRP C 361 -2.72 -40.38 -4.58
CA TRP C 361 -2.64 -40.73 -6.02
C TRP C 361 -1.33 -40.26 -6.64
N ILE C 362 -0.64 -39.29 -6.05
CA ILE C 362 0.58 -38.70 -6.68
C ILE C 362 1.66 -39.78 -6.63
N PRO C 363 2.30 -40.12 -7.78
CA PRO C 363 3.35 -41.14 -7.82
C PRO C 363 4.41 -40.93 -6.72
N LYS C 364 4.55 -41.92 -5.85
CA LYS C 364 5.51 -41.85 -4.73
C LYS C 364 6.92 -41.84 -5.32
N MET C 365 7.83 -41.15 -4.64
CA MET C 365 9.22 -40.96 -5.10
C MET C 365 10.14 -41.93 -4.35
N ASN C 366 10.94 -42.70 -5.09
CA ASN C 366 11.92 -43.67 -4.55
C ASN C 366 13.19 -42.92 -4.16
N PRO C 367 14.08 -43.51 -3.32
CA PRO C 367 15.31 -42.84 -2.90
C PRO C 367 16.22 -42.38 -4.05
N THR C 368 16.35 -43.20 -5.10
CA THR C 368 17.29 -42.95 -6.24
C THR C 368 16.87 -41.66 -6.96
N ILE C 369 15.57 -41.41 -7.15
CA ILE C 369 15.08 -40.12 -7.76
C ILE C 369 15.05 -39.02 -6.69
N HIS C 370 14.73 -39.35 -5.42
CA HIS C 370 14.84 -38.40 -4.28
C HIS C 370 16.25 -37.78 -4.30
N LYS C 371 17.27 -38.62 -4.54
CA LYS C 371 18.72 -38.25 -4.59
C LYS C 371 19.02 -37.50 -5.89
N PHE C 372 18.37 -37.84 -7.01
CA PHE C 372 18.54 -37.14 -8.31
C PHE C 372 18.07 -35.68 -8.17
N LEU C 373 17.05 -35.43 -7.34
CA LEU C 373 16.48 -34.09 -7.05
C LEU C 373 17.11 -33.50 -5.77
N GLU C 374 18.33 -33.97 -5.43
CA GLU C 374 19.20 -33.54 -4.29
C GLU C 374 18.38 -33.58 -2.99
N GLY D 23 0.45 16.12 -36.01
CA GLY D 23 0.10 15.10 -34.98
C GLY D 23 1.09 15.08 -33.83
N LEU D 24 0.65 15.50 -32.63
CA LEU D 24 1.39 15.33 -31.35
C LEU D 24 1.53 13.84 -31.07
N ILE D 25 2.74 13.37 -30.80
CA ILE D 25 2.95 11.94 -30.46
C ILE D 25 3.19 11.83 -28.95
N TYR D 26 2.67 10.77 -28.34
CA TYR D 26 2.84 10.38 -26.91
C TYR D 26 4.27 10.59 -26.44
N GLY D 27 5.24 9.97 -27.11
CA GLY D 27 6.65 10.04 -26.69
C GLY D 27 7.17 11.46 -26.74
N ASN D 28 6.79 12.21 -27.79
CA ASN D 28 7.23 13.62 -27.97
C ASN D 28 6.55 14.49 -26.90
N TYR D 29 5.28 14.24 -26.59
CA TYR D 29 4.51 14.99 -25.57
C TYR D 29 5.18 14.79 -24.21
N LEU D 30 5.61 13.56 -23.93
CA LEU D 30 6.20 13.26 -22.60
C LEU D 30 7.70 13.49 -22.60
N HIS D 31 8.28 13.90 -23.72
CA HIS D 31 9.74 14.14 -23.88
C HIS D 31 10.51 12.90 -23.41
N LEU D 32 10.06 11.73 -23.86
CA LEU D 32 10.70 10.43 -23.55
C LEU D 32 12.10 10.38 -24.16
N GLU D 33 12.41 11.24 -25.13
CA GLU D 33 13.74 11.33 -25.79
C GLU D 33 14.76 11.84 -24.77
N LYS D 34 14.31 12.58 -23.75
CA LYS D 34 15.14 13.02 -22.59
C LYS D 34 15.03 11.99 -21.46
N VAL D 35 13.81 11.63 -21.06
CA VAL D 35 13.52 10.85 -19.83
C VAL D 35 14.12 9.43 -19.98
N LEU D 36 14.01 8.83 -21.16
CA LEU D 36 14.44 7.42 -21.39
C LEU D 36 15.81 7.40 -22.07
N ASN D 37 16.58 8.48 -22.00
CA ASN D 37 17.98 8.53 -22.46
C ASN D 37 18.78 9.25 -21.39
N ALA D 38 18.52 8.94 -20.11
CA ALA D 38 19.14 9.63 -18.95
C ALA D 38 19.73 8.58 -17.98
N GLN D 39 19.86 7.34 -18.46
CA GLN D 39 20.27 6.15 -17.69
C GLN D 39 21.67 5.72 -18.13
N GLU D 40 22.70 6.13 -17.36
CA GLU D 40 24.13 5.84 -17.61
C GLU D 40 24.72 5.14 -16.38
N LEU D 41 24.90 3.82 -16.42
CA LEU D 41 25.56 3.07 -15.32
C LEU D 41 27.04 3.49 -15.26
N GLN D 42 27.48 4.10 -14.16
CA GLN D 42 28.92 4.42 -13.94
C GLN D 42 29.76 3.13 -13.95
N SER D 43 29.22 2.03 -13.45
CA SER D 43 29.90 0.71 -13.48
C SER D 43 30.20 0.32 -14.95
N GLU D 44 29.28 0.57 -15.89
CA GLU D 44 29.46 0.29 -17.34
C GLU D 44 30.47 1.28 -17.94
N THR D 45 30.38 2.55 -17.57
CA THR D 45 31.25 3.65 -18.07
C THR D 45 32.71 3.33 -17.74
N LYS D 46 32.97 2.62 -16.64
CA LYS D 46 34.35 2.32 -16.20
C LYS D 46 34.63 0.83 -16.39
N GLY D 47 33.90 0.16 -17.31
CA GLY D 47 34.26 -1.15 -17.89
C GLY D 47 33.78 -2.37 -17.11
N ASN D 48 32.83 -2.23 -16.17
CA ASN D 48 32.44 -3.32 -15.23
C ASN D 48 30.95 -3.22 -14.88
N LYS D 49 30.08 -3.38 -15.89
CA LYS D 49 28.61 -3.18 -15.79
C LYS D 49 28.03 -4.04 -14.66
N ILE D 50 27.45 -3.43 -13.64
CA ILE D 50 26.70 -4.13 -12.54
C ILE D 50 25.19 -3.95 -12.77
N HIS D 51 24.46 -5.04 -12.99
CA HIS D 51 23.01 -5.06 -13.35
C HIS D 51 22.18 -4.11 -12.47
N ASP D 52 22.35 -4.17 -11.15
CA ASP D 52 21.44 -3.52 -10.15
C ASP D 52 21.63 -2.00 -10.13
N GLU D 53 22.73 -1.44 -10.65
CA GLU D 53 22.91 0.04 -10.66
C GLU D 53 21.77 0.68 -11.47
N HIS D 54 21.25 0.00 -12.48
CA HIS D 54 20.13 0.52 -13.31
C HIS D 54 18.91 0.73 -12.40
N LEU D 55 18.62 -0.21 -11.48
CA LEU D 55 17.52 -0.07 -10.48
C LEU D 55 17.78 1.17 -9.62
N PHE D 56 19.01 1.35 -9.17
CA PHE D 56 19.42 2.48 -8.30
C PHE D 56 19.08 3.80 -8.99
N ILE D 57 19.34 3.87 -10.29
CA ILE D 57 19.16 5.10 -11.11
C ILE D 57 17.67 5.34 -11.35
N ILE D 58 16.92 4.36 -11.85
CA ILE D 58 15.47 4.54 -12.11
C ILE D 58 14.80 5.01 -10.82
N THR D 59 15.12 4.37 -9.69
CA THR D 59 14.46 4.61 -8.39
C THR D 59 14.60 6.10 -8.07
N HIS D 60 15.82 6.61 -8.14
CA HIS D 60 16.08 8.04 -7.81
C HIS D 60 15.39 8.96 -8.80
N GLN D 61 15.42 8.62 -10.07
CA GLN D 61 14.82 9.46 -11.14
C GLN D 61 13.31 9.55 -10.88
N ALA D 62 12.66 8.44 -10.50
CA ALA D 62 11.23 8.40 -10.12
C ALA D 62 10.96 9.29 -8.90
N TYR D 63 11.75 9.19 -7.81
CA TYR D 63 11.64 10.11 -6.64
C TYR D 63 11.74 11.56 -7.12
N GLU D 64 12.70 11.89 -7.98
CA GLU D 64 12.94 13.31 -8.37
C GLU D 64 11.77 13.83 -9.24
N LEU D 65 11.22 13.05 -10.16
CA LEU D 65 9.98 13.45 -10.88
C LEU D 65 8.90 13.80 -9.84
N TRP D 66 8.71 12.93 -8.85
CA TRP D 66 7.64 13.11 -7.83
C TRP D 66 7.94 14.32 -6.94
N PHE D 67 9.20 14.56 -6.56
CA PHE D 67 9.58 15.80 -5.84
C PHE D 67 9.23 17.03 -6.68
N LYS D 68 9.42 16.95 -8.00
CA LYS D 68 9.03 18.07 -8.90
C LYS D 68 7.53 18.27 -8.76
N GLN D 69 6.74 17.19 -8.86
CA GLN D 69 5.26 17.27 -8.77
C GLN D 69 4.86 17.89 -7.42
N ILE D 70 5.50 17.50 -6.33
CA ILE D 70 5.16 18.04 -4.99
C ILE D 70 5.45 19.54 -4.94
N LEU D 71 6.61 19.99 -5.44
CA LEU D 71 6.99 21.42 -5.50
C LEU D 71 5.99 22.21 -6.37
N TRP D 72 5.53 21.65 -7.48
CA TRP D 72 4.49 22.25 -8.35
C TRP D 72 3.19 22.48 -7.56
N GLU D 73 2.69 21.46 -6.84
CA GLU D 73 1.49 21.57 -5.98
C GLU D 73 1.75 22.59 -4.86
N LEU D 74 2.83 22.41 -4.12
CA LEU D 74 3.25 23.26 -2.98
C LEU D 74 3.38 24.73 -3.40
N ASP D 75 4.13 25.01 -4.47
CA ASP D 75 4.31 26.41 -4.98
C ASP D 75 2.94 27.00 -5.38
N SER D 76 2.08 26.23 -6.04
CA SER D 76 0.74 26.73 -6.44
C SER D 76 -0.06 27.13 -5.17
N VAL D 77 0.05 26.36 -4.08
CA VAL D 77 -0.72 26.62 -2.82
C VAL D 77 -0.13 27.85 -2.12
N ARG D 78 1.19 27.91 -1.97
CA ARG D 78 1.89 29.12 -1.47
C ARG D 78 1.35 30.36 -2.23
N GLU D 79 1.30 30.31 -3.55
CA GLU D 79 0.85 31.48 -4.36
C GLU D 79 -0.58 31.87 -3.96
N ILE D 80 -1.46 30.90 -3.72
CA ILE D 80 -2.91 31.15 -3.42
C ILE D 80 -3.00 31.93 -2.09
N PHE D 81 -2.12 31.63 -1.13
CA PHE D 81 -2.07 32.40 0.14
C PHE D 81 -1.50 33.80 -0.14
N GLN D 82 -0.38 33.84 -0.86
CA GLN D 82 0.48 35.04 -1.03
C GLN D 82 -0.27 36.14 -1.80
N ASN D 83 -1.06 35.77 -2.81
CA ASN D 83 -1.77 36.73 -3.69
C ASN D 83 -3.16 37.04 -3.12
N GLY D 84 -3.45 36.61 -1.89
CA GLY D 84 -4.73 36.88 -1.23
C GLY D 84 -5.91 36.08 -1.75
N HIS D 85 -5.79 35.25 -2.79
CA HIS D 85 -6.94 34.46 -3.31
C HIS D 85 -7.52 33.55 -2.21
N VAL D 86 -6.70 33.07 -1.27
CA VAL D 86 -7.19 32.18 -0.17
C VAL D 86 -8.27 32.91 0.63
N ARG D 87 -8.30 34.25 0.58
CA ARG D 87 -9.24 35.05 1.41
C ARG D 87 -10.66 34.75 0.96
N ASP D 88 -10.88 34.47 -0.33
CA ASP D 88 -12.18 34.03 -0.90
C ASP D 88 -12.31 32.52 -0.61
N GLU D 89 -13.24 32.15 0.24
CA GLU D 89 -13.34 30.78 0.81
C GLU D 89 -13.76 29.76 -0.25
N ARG D 90 -14.13 30.19 -1.47
CA ARG D 90 -14.45 29.25 -2.58
C ARG D 90 -13.16 28.54 -3.01
N ASN D 91 -11.99 29.09 -2.70
CA ASN D 91 -10.67 28.52 -3.10
C ASN D 91 -10.20 27.41 -2.14
N MET D 92 -10.85 27.20 -1.00
CA MET D 92 -10.41 26.23 0.04
C MET D 92 -10.45 24.79 -0.51
N LEU D 93 -11.39 24.45 -1.40
CA LEU D 93 -11.48 23.05 -1.90
C LEU D 93 -10.23 22.74 -2.74
N LYS D 94 -9.82 23.68 -3.58
CA LYS D 94 -8.59 23.59 -4.40
C LYS D 94 -7.35 23.50 -3.48
N VAL D 95 -7.24 24.36 -2.49
CA VAL D 95 -6.10 24.30 -1.53
C VAL D 95 -6.04 22.89 -0.89
N VAL D 96 -7.14 22.40 -0.37
CA VAL D 96 -7.13 21.09 0.36
C VAL D 96 -6.94 19.91 -0.63
N SER D 97 -7.52 19.92 -1.83
CA SER D 97 -7.27 18.84 -2.84
C SER D 97 -5.78 18.74 -3.18
N ARG D 98 -5.10 19.88 -3.32
CA ARG D 98 -3.69 19.90 -3.77
C ARG D 98 -2.79 19.42 -2.65
N MET D 99 -3.11 19.81 -1.42
CA MET D 99 -2.39 19.38 -0.21
C MET D 99 -2.64 17.89 0.06
N HIS D 100 -3.88 17.42 -0.06
CA HIS D 100 -4.22 15.98 -0.01
C HIS D 100 -3.41 15.23 -1.09
N ARG D 101 -3.39 15.77 -2.32
CA ARG D 101 -2.60 15.19 -3.43
C ARG D 101 -1.13 15.02 -3.02
N VAL D 102 -0.52 16.04 -2.41
CA VAL D 102 0.88 15.96 -1.93
C VAL D 102 1.02 14.75 -0.99
N SER D 103 0.09 14.54 -0.06
CA SER D 103 0.18 13.41 0.90
C SER D 103 -0.02 12.09 0.13
N VAL D 104 -0.86 12.04 -0.88
CA VAL D 104 -1.05 10.79 -1.68
C VAL D 104 0.28 10.46 -2.40
N ILE D 105 0.97 11.45 -2.95
CA ILE D 105 2.28 11.23 -3.63
C ILE D 105 3.29 10.75 -2.58
N LEU D 106 3.33 11.40 -1.42
CA LEU D 106 4.29 11.03 -0.35
C LEU D 106 3.98 9.60 0.10
N LYS D 107 2.72 9.18 0.11
CA LYS D 107 2.39 7.78 0.48
C LYS D 107 3.08 6.87 -0.55
N LEU D 108 2.97 7.18 -1.84
CA LEU D 108 3.60 6.31 -2.86
C LEU D 108 5.14 6.29 -2.68
N LEU D 109 5.74 7.44 -2.40
CA LEU D 109 7.21 7.59 -2.24
C LEU D 109 7.69 6.72 -1.07
N VAL D 110 6.86 6.58 -0.04
CA VAL D 110 7.17 5.74 1.15
C VAL D 110 7.13 4.28 0.73
N GLN D 111 6.14 3.89 -0.07
CA GLN D 111 5.98 2.48 -0.56
C GLN D 111 7.05 2.14 -1.58
N GLN D 112 7.57 3.15 -2.31
CA GLN D 112 8.60 2.98 -3.37
C GLN D 112 9.90 2.42 -2.76
N PHE D 113 10.19 2.62 -1.48
CA PHE D 113 11.40 1.97 -0.89
C PHE D 113 11.33 0.45 -1.07
N SER D 114 10.14 -0.12 -1.12
CA SER D 114 9.95 -1.58 -1.25
C SER D 114 10.61 -2.10 -2.54
N ILE D 115 10.65 -1.31 -3.61
CA ILE D 115 11.35 -1.68 -4.87
C ILE D 115 12.86 -1.77 -4.61
N LEU D 116 13.42 -0.78 -3.94
CA LEU D 116 14.89 -0.74 -3.71
C LEU D 116 15.27 -1.75 -2.61
N GLU D 117 14.31 -2.25 -1.86
CA GLU D 117 14.53 -3.34 -0.86
C GLU D 117 14.79 -4.67 -1.58
N THR D 118 14.51 -4.77 -2.89
CA THR D 118 14.82 -6.01 -3.68
C THR D 118 16.29 -6.03 -4.12
N MET D 119 17.04 -4.95 -3.88
CA MET D 119 18.52 -4.90 -4.07
C MET D 119 19.22 -5.32 -2.75
N THR D 120 20.02 -6.39 -2.78
CA THR D 120 20.74 -6.89 -1.56
C THR D 120 21.96 -6.01 -1.31
N ALA D 121 22.41 -5.93 -0.06
CA ALA D 121 23.66 -5.27 0.39
C ALA D 121 24.85 -5.75 -0.45
N LEU D 122 24.97 -7.05 -0.69
CA LEU D 122 26.09 -7.62 -1.49
C LEU D 122 26.10 -7.00 -2.89
N ASP D 123 24.93 -6.86 -3.54
CA ASP D 123 24.82 -6.36 -4.93
C ASP D 123 25.07 -4.86 -4.95
N PHE D 124 24.53 -4.12 -3.98
CA PHE D 124 24.81 -2.68 -3.88
C PHE D 124 26.31 -2.48 -3.72
N ASN D 125 26.98 -3.33 -2.93
CA ASN D 125 28.43 -3.20 -2.65
C ASN D 125 29.25 -3.31 -3.94
N ASP D 126 28.78 -4.06 -4.93
CA ASP D 126 29.50 -4.17 -6.23
C ASP D 126 29.53 -2.85 -7.02
N PHE D 127 28.66 -1.87 -6.74
CA PHE D 127 28.68 -0.63 -7.55
C PHE D 127 28.83 0.63 -6.70
N ARG D 128 28.78 0.56 -5.37
CA ARG D 128 28.83 1.79 -4.50
C ARG D 128 30.09 2.63 -4.76
N GLU D 129 31.22 2.00 -5.10
CA GLU D 129 32.52 2.69 -5.34
C GLU D 129 32.37 3.68 -6.50
N TYR D 130 31.56 3.37 -7.52
CA TYR D 130 31.38 4.20 -8.73
C TYR D 130 30.49 5.42 -8.45
N LEU D 131 29.86 5.50 -7.27
CA LEU D 131 28.96 6.63 -6.90
C LEU D 131 29.76 7.76 -6.23
N SER D 132 30.95 7.45 -5.70
CA SER D 132 31.76 8.40 -4.89
C SER D 132 32.18 9.59 -5.74
N PRO D 133 32.17 10.84 -5.23
CA PRO D 133 31.59 11.21 -3.93
C PRO D 133 30.21 11.91 -4.02
N ALA D 134 29.36 11.52 -4.98
CA ALA D 134 27.95 11.97 -5.06
C ALA D 134 27.25 11.66 -3.74
N SER D 135 26.38 12.56 -3.29
CA SER D 135 25.74 12.48 -1.97
C SER D 135 24.26 12.89 -2.11
N GLY D 136 23.36 12.25 -1.35
CA GLY D 136 21.93 12.64 -1.25
C GLY D 136 21.76 14.08 -0.78
N PHE D 137 22.75 14.61 -0.05
CA PHE D 137 22.80 16.04 0.39
C PHE D 137 22.74 16.97 -0.82
N GLN D 138 23.07 16.47 -2.01
CA GLN D 138 23.09 17.24 -3.28
C GLN D 138 21.73 17.19 -4.00
N SER D 139 20.66 16.67 -3.39
CA SER D 139 19.30 16.73 -4.01
C SER D 139 18.75 18.14 -3.80
N LEU D 140 18.80 18.95 -4.86
CA LEU D 140 18.28 20.34 -4.85
C LEU D 140 16.78 20.27 -4.52
N GLN D 141 16.03 19.39 -5.19
CA GLN D 141 14.54 19.36 -5.04
C GLN D 141 14.18 19.01 -3.60
N PHE D 142 14.91 18.07 -2.99
CA PHE D 142 14.60 17.65 -1.59
C PHE D 142 14.78 18.85 -0.66
N ARG D 143 15.82 19.65 -0.86
CA ARG D 143 16.07 20.85 -0.01
C ARG D 143 15.02 21.93 -0.30
N LEU D 144 14.69 22.18 -1.57
CA LEU D 144 13.63 23.18 -1.94
C LEU D 144 12.35 22.80 -1.20
N LEU D 145 11.96 21.52 -1.28
CA LEU D 145 10.77 20.95 -0.62
C LEU D 145 10.81 21.25 0.89
N GLU D 146 11.88 20.88 1.59
CA GLU D 146 12.01 21.13 3.05
C GLU D 146 11.83 22.61 3.33
N ASN D 147 12.50 23.45 2.56
CA ASN D 147 12.52 24.93 2.75
C ASN D 147 11.12 25.53 2.52
N LYS D 148 10.47 25.13 1.44
CA LYS D 148 9.18 25.72 1.02
C LYS D 148 8.10 25.36 2.05
N ILE D 149 8.16 24.15 2.61
CA ILE D 149 7.23 23.70 3.68
C ILE D 149 7.53 24.60 4.88
N GLY D 150 8.81 24.71 5.25
CA GLY D 150 9.32 25.70 6.23
C GLY D 150 10.31 25.12 7.23
N VAL D 151 11.20 24.21 6.84
CA VAL D 151 12.34 23.81 7.72
C VAL D 151 13.31 24.99 7.83
N LEU D 152 13.49 25.57 9.02
CA LEU D 152 14.41 26.72 9.21
C LEU D 152 15.85 26.21 9.26
N GLN D 153 16.78 26.92 8.61
CA GLN D 153 18.20 26.50 8.49
C GLN D 153 18.88 26.54 9.89
N ASN D 154 18.49 27.45 10.79
CA ASN D 154 19.09 27.60 12.14
C ASN D 154 18.59 26.46 13.08
N MET D 155 17.62 25.64 12.66
CA MET D 155 17.08 24.49 13.43
C MET D 155 17.55 23.16 12.80
N ARG D 156 18.29 23.21 11.69
CA ARG D 156 18.79 21.98 11.02
C ARG D 156 19.95 21.43 11.88
N VAL D 157 19.93 20.11 12.09
CA VAL D 157 21.14 19.33 12.52
C VAL D 157 22.19 19.55 11.43
N PRO D 158 23.44 19.94 11.78
CA PRO D 158 24.55 19.85 10.86
C PRO D 158 25.02 18.38 10.71
N TYR D 159 25.31 18.01 9.46
CA TYR D 159 26.03 16.79 9.07
C TYR D 159 27.49 17.17 8.86
N ASN D 160 28.41 16.38 9.40
CA ASN D 160 29.87 16.57 9.25
C ASN D 160 30.25 17.99 9.69
N ARG D 161 29.56 18.52 10.72
CA ARG D 161 29.82 19.87 11.31
C ARG D 161 29.63 20.99 10.26
N ARG D 162 28.81 20.83 9.22
CA ARG D 162 28.66 21.85 8.15
C ARG D 162 27.19 22.12 7.82
N HIS D 163 26.93 23.34 7.33
CA HIS D 163 25.64 23.85 6.80
C HIS D 163 25.31 23.08 5.51
N TYR D 164 24.07 22.62 5.36
CA TYR D 164 23.61 21.81 4.20
C TYR D 164 23.81 22.59 2.86
N ARG D 165 23.74 23.92 2.87
CA ARG D 165 23.72 24.76 1.62
C ARG D 165 25.11 24.81 0.94
N ASP D 166 26.18 24.46 1.65
CA ASP D 166 27.57 24.46 1.13
C ASP D 166 27.79 23.18 0.29
N ASN D 167 26.83 22.26 0.26
CA ASN D 167 26.81 21.13 -0.72
C ASN D 167 26.50 21.66 -2.13
N PHE D 168 26.16 22.95 -2.26
CA PHE D 168 25.64 23.54 -3.52
C PHE D 168 26.38 24.83 -3.86
N LYS D 169 26.46 25.13 -5.16
CA LYS D 169 27.14 26.35 -5.68
C LYS D 169 26.27 27.03 -6.76
N GLY D 170 26.66 28.25 -7.17
CA GLY D 170 26.14 28.93 -8.38
C GLY D 170 24.63 29.16 -8.33
N GLU D 171 23.93 28.80 -9.40
CA GLU D 171 22.45 29.01 -9.58
C GLU D 171 21.67 28.24 -8.51
N GLU D 172 22.09 27.01 -8.20
CA GLU D 172 21.40 26.12 -7.23
C GLU D 172 21.44 26.73 -5.82
N ASN D 173 22.64 27.12 -5.34
CA ASN D 173 22.84 27.83 -4.04
C ASN D 173 21.90 29.04 -3.98
N GLU D 174 21.65 29.68 -5.13
CA GLU D 174 20.84 30.93 -5.19
C GLU D 174 19.36 30.57 -5.01
N LEU D 175 18.83 29.63 -5.81
CA LEU D 175 17.45 29.08 -5.66
C LEU D 175 17.19 28.69 -4.20
N LEU D 176 18.11 27.95 -3.57
CA LEU D 176 17.98 27.55 -2.14
C LEU D 176 17.80 28.79 -1.25
N LEU D 177 18.55 29.87 -1.51
CA LEU D 177 18.47 31.12 -0.70
C LEU D 177 17.08 31.73 -0.87
N LYS D 178 16.61 31.91 -2.12
CA LYS D 178 15.24 32.37 -2.44
C LYS D 178 14.23 31.49 -1.67
N SER D 179 14.38 30.16 -1.71
CA SER D 179 13.49 29.18 -1.03
C SER D 179 13.51 29.38 0.50
N GLU D 180 14.64 29.82 1.08
CA GLU D 180 14.74 30.15 2.54
C GLU D 180 14.17 31.54 2.88
N GLN D 181 14.28 32.52 1.97
CA GLN D 181 13.92 33.95 2.24
C GLN D 181 12.45 34.20 1.89
N GLU D 182 11.98 33.67 0.75
CA GLU D 182 10.55 33.74 0.32
C GLU D 182 9.63 33.13 1.38
N LYS D 183 8.37 33.56 1.40
CA LYS D 183 7.38 33.15 2.43
C LYS D 183 7.18 31.62 2.32
N THR D 184 7.29 30.91 3.45
CA THR D 184 7.16 29.45 3.53
C THR D 184 5.69 29.10 3.73
N LEU D 185 5.30 27.86 3.43
CA LEU D 185 3.92 27.40 3.70
C LEU D 185 3.61 27.65 5.17
N LEU D 186 4.54 27.42 6.10
CA LEU D 186 4.24 27.67 7.53
C LEU D 186 3.82 29.14 7.74
N GLU D 187 4.61 30.09 7.23
CA GLU D 187 4.36 31.54 7.42
C GLU D 187 3.02 31.95 6.79
N LEU D 188 2.69 31.40 5.63
CA LEU D 188 1.45 31.80 4.94
C LEU D 188 0.27 31.25 5.74
N VAL D 189 0.34 29.99 6.20
CA VAL D 189 -0.75 29.38 7.00
C VAL D 189 -0.90 30.17 8.31
N GLU D 190 0.24 30.49 8.94
CA GLU D 190 0.33 31.34 10.16
C GLU D 190 -0.48 32.63 9.99
N ALA D 191 -0.18 33.43 8.96
CA ALA D 191 -0.89 34.68 8.61
C ALA D 191 -2.40 34.42 8.48
N TRP D 192 -2.79 33.39 7.72
CA TRP D 192 -4.22 33.03 7.48
C TRP D 192 -4.89 32.67 8.81
N LEU D 193 -4.21 31.89 9.66
CA LEU D 193 -4.72 31.45 11.01
C LEU D 193 -4.97 32.67 11.90
N GLU D 194 -4.14 33.72 11.79
CA GLU D 194 -4.23 34.95 12.63
C GLU D 194 -5.60 35.63 12.43
N ARG D 195 -6.17 35.53 11.22
CA ARG D 195 -7.43 36.21 10.82
C ARG D 195 -8.64 35.30 11.05
N THR D 196 -8.52 34.21 11.81
CA THR D 196 -9.63 33.23 11.95
C THR D 196 -10.77 33.94 12.68
N PRO D 197 -12.00 33.99 12.12
CA PRO D 197 -13.13 34.58 12.83
C PRO D 197 -13.41 33.88 14.17
N GLY D 198 -13.79 34.67 15.18
CA GLY D 198 -14.09 34.18 16.52
C GLY D 198 -13.08 34.63 17.55
N LEU D 199 -11.90 35.10 17.14
CA LEU D 199 -10.81 35.51 18.08
C LEU D 199 -11.03 36.95 18.55
N GLU D 200 -11.84 37.75 17.86
CA GLU D 200 -12.05 39.20 18.15
C GLU D 200 -12.51 39.33 19.60
N PRO D 201 -11.77 40.04 20.49
CA PRO D 201 -12.19 40.25 21.88
C PRO D 201 -13.57 40.89 22.03
N HIS D 202 -13.96 41.78 21.10
CA HIS D 202 -15.25 42.52 21.12
C HIS D 202 -16.34 41.73 20.41
N GLY D 203 -16.01 40.53 19.91
CA GLY D 203 -16.95 39.61 19.22
C GLY D 203 -17.21 38.36 20.06
N PHE D 204 -17.06 37.17 19.47
CA PHE D 204 -17.23 35.84 20.13
C PHE D 204 -16.21 35.68 21.28
N ASN D 205 -15.03 36.30 21.16
CA ASN D 205 -14.01 36.34 22.23
C ASN D 205 -13.69 34.90 22.67
N PHE D 206 -13.26 34.08 21.72
CA PHE D 206 -12.92 32.64 21.92
C PHE D 206 -12.01 32.47 23.12
N TRP D 207 -10.85 33.14 23.12
CA TRP D 207 -9.74 32.91 24.09
C TRP D 207 -10.22 33.19 25.52
N GLY D 208 -10.85 34.36 25.70
CA GLY D 208 -11.47 34.79 26.96
C GLY D 208 -12.46 33.78 27.47
N LYS D 209 -13.44 33.38 26.64
CA LYS D 209 -14.47 32.36 27.04
C LYS D 209 -13.80 31.00 27.30
N LEU D 210 -12.76 30.65 26.54
CA LEU D 210 -12.08 29.35 26.72
C LEU D 210 -11.39 29.38 28.10
N GLU D 211 -10.63 30.43 28.43
CA GLU D 211 -9.91 30.56 29.74
C GLU D 211 -10.90 30.45 30.91
N LYS D 212 -12.03 31.14 30.82
CA LYS D 212 -13.08 31.11 31.87
C LYS D 212 -13.63 29.67 31.97
N ASN D 213 -14.03 29.04 30.86
CA ASN D 213 -14.65 27.69 30.86
C ASN D 213 -13.65 26.66 31.42
N ILE D 214 -12.35 26.82 31.18
CA ILE D 214 -11.30 25.88 31.67
C ILE D 214 -11.10 26.11 33.18
N THR D 215 -10.92 27.36 33.64
CA THR D 215 -10.95 27.70 35.09
C THR D 215 -12.16 27.00 35.75
N ARG D 216 -13.35 27.11 35.18
CA ARG D 216 -14.60 26.52 35.78
C ARG D 216 -14.52 25.00 35.80
N GLY D 217 -14.32 24.39 34.63
CA GLY D 217 -14.27 22.92 34.49
C GLY D 217 -13.30 22.29 35.47
N LEU D 218 -12.13 22.92 35.64
CA LEU D 218 -11.05 22.49 36.57
C LEU D 218 -11.57 22.55 38.02
N GLU D 219 -12.11 23.69 38.48
CA GLU D 219 -12.72 23.81 39.84
C GLU D 219 -13.79 22.72 40.01
N GLU D 220 -14.67 22.53 39.05
CA GLU D 220 -15.77 21.52 39.14
C GLU D 220 -15.16 20.12 39.30
N GLU D 221 -14.06 19.86 38.60
CA GLU D 221 -13.33 18.56 38.55
C GLU D 221 -12.65 18.32 39.91
N PHE D 222 -11.94 19.32 40.45
CA PHE D 222 -11.35 19.32 41.82
C PHE D 222 -12.39 18.85 42.83
N ILE D 223 -13.61 19.41 42.76
CA ILE D 223 -14.72 19.25 43.76
C ILE D 223 -15.28 17.83 43.68
N ARG D 224 -15.42 17.29 42.47
CA ARG D 224 -15.85 15.89 42.22
C ARG D 224 -14.83 14.94 42.88
N ILE D 225 -13.54 15.25 42.75
CA ILE D 225 -12.41 14.38 43.21
C ILE D 225 -12.31 14.43 44.74
N GLN D 226 -12.35 15.63 45.34
CA GLN D 226 -12.14 15.81 46.81
C GLN D 226 -13.31 15.17 47.57
N ALA D 227 -14.29 14.61 46.88
CA ALA D 227 -15.46 13.94 47.48
C ALA D 227 -15.31 12.42 47.38
N LYS D 228 -14.08 11.91 47.32
CA LYS D 228 -13.83 10.47 47.08
C LYS D 228 -12.80 9.92 48.08
N GLU D 229 -13.16 9.84 49.36
CA GLU D 229 -12.38 9.22 50.48
C GLU D 229 -10.91 9.68 50.46
N GLU D 230 -9.97 8.75 50.61
CA GLU D 230 -8.51 9.02 50.42
C GLU D 230 -7.86 7.82 49.73
N SER D 231 -8.66 7.03 49.02
CA SER D 231 -8.22 5.82 48.26
C SER D 231 -7.03 6.18 47.34
N GLU D 232 -6.15 5.21 47.10
CA GLU D 232 -4.98 5.32 46.19
C GLU D 232 -5.43 5.81 44.80
N GLU D 233 -6.63 5.41 44.38
CA GLU D 233 -7.26 5.82 43.09
C GLU D 233 -7.49 7.34 43.14
N LYS D 234 -8.03 7.82 44.26
CA LYS D 234 -8.23 9.27 44.52
C LYS D 234 -6.87 9.97 44.56
N GLU D 235 -5.88 9.39 45.26
CA GLU D 235 -4.50 9.92 45.33
C GLU D 235 -3.96 10.09 43.90
N GLU D 236 -4.18 9.11 43.01
CA GLU D 236 -3.73 9.13 41.59
C GLU D 236 -4.43 10.28 40.85
N GLN D 237 -5.77 10.31 40.90
CA GLN D 237 -6.58 11.35 40.22
C GLN D 237 -6.11 12.73 40.65
N VAL D 238 -5.53 12.88 41.86
CA VAL D 238 -5.06 14.21 42.38
C VAL D 238 -3.79 14.64 41.63
N ALA D 239 -2.81 13.75 41.49
CA ALA D 239 -1.55 14.02 40.75
C ALA D 239 -1.91 14.27 39.27
N GLU D 240 -2.78 13.43 38.71
CA GLU D 240 -3.24 13.50 37.30
C GLU D 240 -4.00 14.82 37.05
N PHE D 241 -4.89 15.19 37.97
CA PHE D 241 -5.59 16.51 37.96
C PHE D 241 -4.54 17.63 37.89
N GLN D 242 -3.53 17.57 38.78
CA GLN D 242 -2.50 18.63 39.02
C GLN D 242 -1.70 18.88 37.73
N LYS D 243 -1.39 17.82 36.99
CA LYS D 243 -0.62 17.86 35.73
C LYS D 243 -1.49 18.50 34.63
N GLN D 244 -2.73 18.05 34.48
CA GLN D 244 -3.67 18.55 33.44
C GLN D 244 -3.92 20.05 33.70
N LYS D 245 -4.10 20.45 34.95
CA LYS D 245 -4.31 21.87 35.34
C LYS D 245 -3.09 22.69 34.89
N GLU D 246 -1.88 22.18 35.08
CA GLU D 246 -0.63 22.92 34.74
C GLU D 246 -0.52 23.02 33.22
N VAL D 247 -0.83 21.92 32.54
CA VAL D 247 -0.86 21.85 31.05
C VAL D 247 -1.88 22.87 30.54
N LEU D 248 -3.14 22.79 30.97
CA LEU D 248 -4.24 23.60 30.39
C LEU D 248 -3.99 25.09 30.67
N LEU D 249 -3.56 25.46 31.88
CA LEU D 249 -3.47 26.90 32.26
C LEU D 249 -2.20 27.52 31.68
N SER D 250 -1.20 26.71 31.33
CA SER D 250 0.04 27.15 30.61
C SER D 250 -0.32 27.62 29.20
N LEU D 251 -1.41 27.10 28.64
CA LEU D 251 -1.95 27.53 27.33
C LEU D 251 -2.10 29.06 27.32
N PHE D 252 -2.48 29.66 28.46
CA PHE D 252 -2.89 31.09 28.54
C PHE D 252 -1.68 31.99 28.82
N ASP D 253 -0.53 31.39 29.16
CA ASP D 253 0.79 32.03 29.38
C ASP D 253 1.45 32.35 28.04
N GLU D 254 1.15 33.54 27.49
CA GLU D 254 1.67 34.03 26.18
C GLU D 254 3.18 34.27 26.28
N LYS D 255 3.73 34.54 27.47
CA LYS D 255 5.18 34.79 27.68
C LYS D 255 5.93 33.47 27.46
N ARG D 256 5.45 32.40 28.10
CA ARG D 256 6.03 31.04 27.93
C ARG D 256 6.06 30.67 26.44
N HIS D 257 5.00 30.98 25.69
CA HIS D 257 4.90 30.72 24.23
C HIS D 257 6.00 31.47 23.46
N GLU D 258 6.18 32.78 23.68
CA GLU D 258 7.21 33.62 22.98
C GLU D 258 8.62 33.06 23.25
N HIS D 259 8.87 32.63 24.50
CA HIS D 259 10.10 31.94 24.99
C HIS D 259 10.32 30.68 24.13
N LEU D 260 9.33 29.78 24.06
CA LEU D 260 9.41 28.51 23.26
C LEU D 260 9.49 28.82 21.74
N LEU D 261 8.86 29.89 21.24
CA LEU D 261 8.99 30.34 19.82
C LEU D 261 10.45 30.64 19.49
N SER D 262 11.16 31.34 20.38
CA SER D 262 12.57 31.76 20.21
C SER D 262 13.51 30.56 20.30
N LYS D 263 13.21 29.59 21.17
CA LYS D 263 13.98 28.32 21.32
C LYS D 263 13.58 27.30 20.24
N GLY D 264 12.66 27.67 19.32
CA GLY D 264 12.23 26.82 18.19
C GLY D 264 11.45 25.59 18.60
N GLU D 265 10.94 25.53 19.84
CA GLU D 265 10.13 24.37 20.34
C GLU D 265 8.65 24.61 19.95
N ARG D 266 8.37 25.76 19.32
CA ARG D 266 7.07 26.12 18.68
C ARG D 266 7.40 26.91 17.41
N ARG D 267 6.43 27.05 16.51
CA ARG D 267 6.64 27.75 15.21
C ARG D 267 5.55 28.79 14.98
N LEU D 268 4.33 28.52 15.45
CA LEU D 268 3.16 29.40 15.15
C LEU D 268 3.12 30.55 16.16
N SER D 269 2.84 31.77 15.68
CA SER D 269 2.48 32.95 16.52
C SER D 269 1.41 32.55 17.53
N TYR D 270 1.33 33.25 18.66
CA TYR D 270 0.29 32.99 19.69
C TYR D 270 -1.09 33.11 19.03
N ARG D 271 -1.29 34.11 18.16
CA ARG D 271 -2.62 34.36 17.56
C ARG D 271 -2.97 33.21 16.58
N ALA D 272 -1.98 32.71 15.83
CA ALA D 272 -2.13 31.56 14.90
C ALA D 272 -2.60 30.32 15.69
N LEU D 273 -2.00 30.07 16.84
CA LEU D 273 -2.34 28.92 17.72
C LEU D 273 -3.82 29.02 18.10
N GLN D 274 -4.28 30.24 18.37
CA GLN D 274 -5.68 30.53 18.75
C GLN D 274 -6.61 30.19 17.57
N GLY D 275 -6.28 30.72 16.40
CA GLY D 275 -6.93 30.36 15.12
C GLY D 275 -7.05 28.86 14.96
N ALA D 276 -5.95 28.13 15.13
CA ALA D 276 -5.91 26.67 14.89
C ALA D 276 -6.86 25.98 15.86
N LEU D 277 -6.77 26.33 17.15
CA LEU D 277 -7.59 25.72 18.24
C LEU D 277 -9.08 26.08 18.03
N MET D 278 -9.34 27.23 17.42
CA MET D 278 -10.72 27.70 17.07
C MET D 278 -11.31 26.76 16.02
N ILE D 279 -10.53 26.47 14.97
CA ILE D 279 -10.88 25.53 13.88
C ILE D 279 -11.03 24.12 14.46
N TYR D 280 -10.11 23.71 15.33
CA TYR D 280 -10.07 22.34 15.93
C TYR D 280 -11.40 22.08 16.64
N PHE D 281 -11.78 23.00 17.54
CA PHE D 281 -12.93 22.84 18.45
C PHE D 281 -14.26 23.06 17.72
N TYR D 282 -14.31 23.93 16.71
CA TYR D 282 -15.57 24.27 16.00
C TYR D 282 -15.55 23.76 14.55
N ARG D 283 -14.80 22.69 14.28
CA ARG D 283 -14.63 22.13 12.92
C ARG D 283 -15.97 21.83 12.22
N GLU D 284 -17.02 21.43 12.94
CA GLU D 284 -18.33 21.06 12.34
C GLU D 284 -19.02 22.32 11.80
N GLU D 285 -18.70 23.50 12.32
CA GLU D 285 -19.23 24.77 11.78
C GLU D 285 -18.86 24.80 10.31
N PRO D 286 -19.83 25.09 9.42
CA PRO D 286 -19.62 25.01 7.97
C PRO D 286 -18.38 25.72 7.44
N ARG D 287 -18.08 26.92 7.91
CA ARG D 287 -16.94 27.73 7.40
C ARG D 287 -15.62 27.12 7.90
N PHE D 288 -15.66 26.23 8.89
CA PHE D 288 -14.44 25.65 9.51
C PHE D 288 -14.19 24.21 9.01
N GLN D 289 -15.09 23.66 8.18
CA GLN D 289 -15.07 22.21 7.86
C GLN D 289 -13.88 21.94 6.96
N VAL D 290 -13.76 22.66 5.86
CA VAL D 290 -12.64 22.45 4.91
C VAL D 290 -11.36 23.01 5.54
N PRO D 291 -11.37 24.18 6.21
CA PRO D 291 -10.19 24.58 6.99
C PRO D 291 -9.62 23.51 7.95
N PHE D 292 -10.49 22.74 8.61
CA PHE D 292 -10.06 21.63 9.51
C PHE D 292 -9.40 20.56 8.65
N GLN D 293 -9.96 20.26 7.48
CA GLN D 293 -9.36 19.28 6.55
C GLN D 293 -7.96 19.79 6.15
N LEU D 294 -7.76 21.08 5.95
CA LEU D 294 -6.42 21.63 5.62
C LEU D 294 -5.45 21.38 6.79
N LEU D 295 -5.88 21.59 8.02
CA LEU D 295 -4.97 21.43 9.20
C LEU D 295 -4.57 19.95 9.26
N THR D 296 -5.53 19.04 9.12
CA THR D 296 -5.34 17.56 9.08
C THR D 296 -4.31 17.21 8.01
N SER D 297 -4.50 17.74 6.80
CA SER D 297 -3.62 17.42 5.67
C SER D 297 -2.19 17.94 5.93
N LEU D 298 -2.01 19.03 6.67
CA LEU D 298 -0.66 19.57 6.97
C LEU D 298 0.04 18.64 7.95
N MET D 299 -0.70 18.10 8.92
CA MET D 299 -0.15 17.07 9.82
C MET D 299 0.20 15.82 8.99
N ASP D 300 -0.66 15.42 8.07
CA ASP D 300 -0.44 14.26 7.16
C ASP D 300 0.89 14.44 6.44
N ILE D 301 1.18 15.63 5.92
CA ILE D 301 2.41 15.85 5.10
C ILE D 301 3.64 15.72 6.00
N ASP D 302 3.59 16.32 7.19
CA ASP D 302 4.70 16.26 8.18
C ASP D 302 4.96 14.79 8.53
N SER D 303 3.90 14.07 8.86
CA SER D 303 3.93 12.65 9.29
C SER D 303 4.44 11.82 8.11
N LEU D 304 4.07 12.13 6.87
CA LEU D 304 4.57 11.32 5.73
C LEU D 304 6.02 11.68 5.37
N MET D 305 6.42 12.94 5.49
CA MET D 305 7.85 13.32 5.31
C MET D 305 8.70 12.60 6.37
N THR D 306 8.23 12.52 7.62
CA THR D 306 8.96 11.79 8.69
C THR D 306 9.04 10.31 8.33
N LYS D 307 7.98 9.74 7.75
CA LYS D 307 7.99 8.28 7.40
C LYS D 307 8.96 8.06 6.23
N TRP D 308 9.06 9.01 5.30
CA TRP D 308 10.09 8.92 4.25
C TRP D 308 11.46 8.87 4.94
N ARG D 309 11.69 9.74 5.91
CA ARG D 309 13.03 9.90 6.54
C ARG D 309 13.34 8.63 7.31
N TYR D 310 12.30 8.05 7.91
CA TYR D 310 12.39 6.77 8.65
C TYR D 310 12.75 5.67 7.65
N ASN D 311 12.02 5.56 6.54
CA ASN D 311 12.27 4.44 5.58
C ASN D 311 13.67 4.58 4.99
N HIS D 312 14.14 5.79 4.73
CA HIS D 312 15.49 6.03 4.15
C HIS D 312 16.56 5.57 5.15
N VAL D 313 16.42 5.92 6.42
CA VAL D 313 17.30 5.49 7.54
C VAL D 313 17.39 3.96 7.56
N CYS D 314 16.27 3.24 7.57
CA CYS D 314 16.23 1.76 7.60
C CYS D 314 16.96 1.20 6.38
N MET D 315 16.79 1.85 5.22
CA MET D 315 17.45 1.49 3.95
C MET D 315 18.97 1.62 4.11
N VAL D 316 19.44 2.74 4.69
CA VAL D 316 20.88 3.03 4.88
C VAL D 316 21.47 1.94 5.78
N HIS D 317 20.81 1.58 6.88
CA HIS D 317 21.20 0.48 7.80
C HIS D 317 21.34 -0.84 7.04
N ARG D 318 20.35 -1.20 6.21
CA ARG D 318 20.25 -2.51 5.52
C ARG D 318 21.45 -2.66 4.59
N MET D 319 21.94 -1.55 4.04
CA MET D 319 22.96 -1.53 2.96
C MET D 319 24.38 -1.43 3.55
N LEU D 320 24.55 -0.72 4.67
CA LEU D 320 25.88 -0.28 5.17
C LEU D 320 26.17 -0.82 6.57
N GLY D 321 25.15 -1.25 7.34
CA GLY D 321 25.30 -1.66 8.75
C GLY D 321 25.55 -0.45 9.65
N SER D 322 26.10 -0.68 10.85
CA SER D 322 26.42 0.36 11.87
C SER D 322 27.87 0.86 11.71
N SER D 330 29.27 11.18 12.52
CA SER D 330 28.50 9.95 12.17
C SER D 330 27.29 10.28 11.28
N GLY D 331 27.08 9.51 10.22
CA GLY D 331 26.06 9.74 9.16
C GLY D 331 24.78 8.98 9.42
N TYR D 332 24.87 7.74 9.90
CA TYR D 332 23.72 6.91 10.32
C TYR D 332 22.99 7.58 11.49
N HIS D 333 23.71 8.39 12.29
CA HIS D 333 23.20 9.14 13.48
C HIS D 333 22.56 10.49 13.08
N TYR D 334 23.10 11.20 12.07
CA TYR D 334 22.52 12.48 11.59
C TYR D 334 21.11 12.22 11.01
N LEU D 335 20.98 11.18 10.17
CA LEU D 335 19.72 10.78 9.51
C LEU D 335 18.70 10.43 10.60
N ARG D 336 19.12 9.67 11.62
CA ARG D 336 18.27 9.34 12.79
C ARG D 336 17.79 10.65 13.42
N SER D 337 18.62 11.70 13.43
CA SER D 337 18.31 13.02 14.06
C SER D 337 17.22 13.76 13.28
N THR D 338 17.05 13.47 12.01
CA THR D 338 16.03 14.11 11.14
C THR D 338 14.67 13.46 11.42
N VAL D 339 14.62 12.26 12.01
CA VAL D 339 13.35 11.56 12.38
C VAL D 339 12.91 12.04 13.76
N SER D 340 12.62 13.33 13.90
CA SER D 340 12.32 13.97 15.20
C SER D 340 11.38 15.15 14.98
N ASP D 341 10.84 15.67 16.08
CA ASP D 341 9.84 16.77 16.07
C ASP D 341 10.51 18.05 15.55
N ARG D 342 11.83 18.18 15.63
CA ARG D 342 12.63 19.30 15.03
C ARG D 342 12.20 19.60 13.59
N TYR D 343 12.05 18.54 12.78
CA TYR D 343 11.89 18.62 11.30
C TYR D 343 10.41 18.60 10.91
N LYS D 344 9.51 18.47 11.89
CA LYS D 344 8.03 18.59 11.72
C LYS D 344 7.64 20.06 11.77
N VAL D 345 7.48 20.68 10.60
CA VAL D 345 7.19 22.14 10.47
C VAL D 345 5.86 22.48 11.18
N PHE D 346 4.87 21.58 11.17
CA PHE D 346 3.55 21.86 11.79
C PHE D 346 3.37 21.06 13.07
N VAL D 347 4.46 20.87 13.80
CA VAL D 347 4.46 20.18 15.12
C VAL D 347 3.41 20.81 16.05
N ASP D 348 3.20 22.14 16.03
CA ASP D 348 2.18 22.78 16.90
C ASP D 348 0.78 22.21 16.62
N LEU D 349 0.45 21.86 15.36
CA LEU D 349 -0.91 21.34 15.05
C LEU D 349 -1.09 20.00 15.77
N PHE D 350 -0.06 19.14 15.74
CA PHE D 350 -0.02 17.84 16.48
C PHE D 350 -0.23 18.09 17.97
N ASN D 351 0.48 19.08 18.53
CA ASN D 351 0.61 19.26 20.01
C ASN D 351 -0.68 19.87 20.61
N LEU D 352 -1.59 20.37 19.78
CA LEU D 352 -2.98 20.79 20.20
C LEU D 352 -3.72 19.65 20.93
N SER D 353 -3.46 18.39 20.59
CA SER D 353 -3.96 17.19 21.32
C SER D 353 -3.76 17.31 22.84
N THR D 354 -2.65 17.90 23.26
CA THR D 354 -2.29 18.17 24.68
C THR D 354 -3.40 19.00 25.37
N TYR D 355 -3.95 19.99 24.66
CA TYR D 355 -4.93 20.96 25.19
C TYR D 355 -6.37 20.50 24.89
N LEU D 356 -6.61 19.20 24.75
CA LEU D 356 -8.00 18.68 24.60
C LEU D 356 -8.68 18.79 25.96
N ILE D 357 -9.97 19.12 25.93
CA ILE D 357 -10.84 19.32 27.14
C ILE D 357 -12.13 18.58 26.85
N PRO D 358 -12.93 18.23 27.87
CA PRO D 358 -14.22 17.60 27.62
C PRO D 358 -15.08 18.53 26.75
N ARG D 359 -15.87 17.91 25.87
CA ARG D 359 -16.74 18.58 24.86
C ARG D 359 -17.57 19.69 25.56
N HIS D 360 -18.14 19.43 26.74
CA HIS D 360 -19.06 20.39 27.43
C HIS D 360 -18.29 21.60 27.99
N TRP D 361 -16.95 21.60 28.07
CA TRP D 361 -16.20 22.82 28.48
C TRP D 361 -16.06 23.78 27.31
N ILE D 362 -16.41 23.39 26.08
CA ILE D 362 -16.08 24.23 24.89
C ILE D 362 -17.11 25.37 24.85
N PRO D 363 -16.70 26.65 24.76
CA PRO D 363 -17.66 27.74 24.71
C PRO D 363 -18.76 27.46 23.67
N LYS D 364 -20.03 27.59 24.10
CA LYS D 364 -21.21 27.36 23.24
C LYS D 364 -21.27 28.48 22.20
N MET D 365 -21.73 28.18 20.99
CA MET D 365 -22.00 29.19 19.94
C MET D 365 -23.49 29.59 19.97
N ASN D 366 -23.74 30.89 20.19
CA ASN D 366 -25.07 31.57 20.17
C ASN D 366 -25.52 31.75 18.73
N PRO D 367 -26.82 32.06 18.45
CA PRO D 367 -27.30 32.26 17.07
C PRO D 367 -26.59 33.31 16.18
N THR D 368 -25.83 34.27 16.75
CA THR D 368 -25.19 35.40 16.00
C THR D 368 -23.90 34.93 15.31
N ILE D 369 -23.06 34.16 16.03
CA ILE D 369 -21.74 33.64 15.55
C ILE D 369 -21.95 32.31 14.78
N HIS D 370 -22.93 31.49 15.17
CA HIS D 370 -23.39 30.29 14.40
C HIS D 370 -23.62 30.71 12.93
N LYS D 371 -24.29 31.84 12.70
CA LYS D 371 -24.71 32.38 11.36
C LYS D 371 -23.52 33.02 10.63
N PHE D 372 -22.61 33.69 11.35
CA PHE D 372 -21.35 34.25 10.80
C PHE D 372 -20.36 33.11 10.57
CHA HEM E . -18.58 -16.41 -3.08
CHB HEM E . -14.74 -19.37 -3.36
CHC HEM E . -12.30 -16.30 -0.48
CHD HEM E . -16.37 -14.00 0.50
C1A HEM E . -17.75 -17.46 -3.42
C2A HEM E . -18.11 -18.55 -4.24
C3A HEM E . -17.04 -19.38 -4.32
C4A HEM E . -15.99 -18.83 -3.55
CMA HEM E . -16.98 -20.66 -5.12
CAA HEM E . -19.45 -18.75 -4.93
CBA HEM E . -20.48 -19.19 -3.87
CGA HEM E . -20.00 -20.38 -3.06
O1A HEM E . -19.54 -20.23 -1.90
O2A HEM E . -20.05 -21.53 -3.56
C1B HEM E . -13.74 -18.74 -2.60
C2B HEM E . -12.40 -19.25 -2.51
C3B HEM E . -11.67 -18.37 -1.72
C4B HEM E . -12.65 -17.35 -1.31
CMB HEM E . -11.91 -20.49 -3.20
CAB HEM E . -10.26 -18.45 -1.21
CBB HEM E . -9.53 -19.58 -1.18
C1C HEM E . -13.19 -15.42 0.04
C2C HEM E . -12.90 -14.52 1.06
C3C HEM E . -14.07 -13.86 1.34
C4C HEM E . -15.08 -14.41 0.51
CMC HEM E . -11.57 -14.26 1.73
CAC HEM E . -14.18 -12.88 2.43
CBC HEM E . -15.30 -12.69 3.13
C1D HEM E . -17.29 -14.49 -0.43
C2D HEM E . -18.62 -13.87 -0.58
C3D HEM E . -19.23 -14.55 -1.54
C4D HEM E . -18.26 -15.53 -2.06
CMD HEM E . -19.25 -12.75 0.21
CAD HEM E . -20.60 -14.20 -2.08
CBD HEM E . -20.21 -13.09 -3.12
CGD HEM E . -21.34 -12.62 -4.07
O1D HEM E . -22.49 -13.11 -3.98
O2D HEM E . -21.14 -11.73 -4.94
NA HEM E . -16.46 -17.67 -2.99
NB HEM E . -13.84 -17.61 -1.88
NC HEM E . -14.50 -15.35 -0.28
ND HEM E . -17.12 -15.48 -1.34
FE HEM E . -15.59 -16.54 -1.61
HHB HEM E . -14.51 -20.31 -3.86
HHC HEM E . -11.27 -16.23 -0.14
HHD HEM E . -16.69 -13.22 1.17
HMA HEM E . -16.65 -20.44 -6.14
HMAA HEM E . -16.27 -21.36 -4.66
HMAB HEM E . -17.96 -21.13 -5.16
HAA HEM E . -19.38 -19.51 -5.70
HAAA HEM E . -19.77 -17.81 -5.37
HBA HEM E . -21.42 -19.46 -4.38
HBAA HEM E . -20.68 -18.36 -3.19
HMB HEM E . -12.53 -20.72 -4.06
HMBA HEM E . -10.89 -20.33 -3.55
HMBB HEM E . -11.92 -21.32 -2.50
HAB HEM E . -9.85 -17.62 -0.66
HBB HEM E . -8.54 -19.55 -0.75
HBBA HEM E . -9.88 -20.48 -1.66
HMC HEM E . -10.87 -15.06 1.51
HMCA HEM E . -11.17 -13.32 1.38
HMCB HEM E . -11.72 -14.21 2.81
HAC HEM E . -13.31 -12.51 2.90
HBC HEM E . -15.27 -12.01 3.96
HBCA HEM E . -16.24 -13.09 2.81
HMD HEM E . -18.69 -12.56 1.13
HMDA HEM E . -19.26 -11.83 -0.39
HMDB HEM E . -20.27 -13.01 0.48
HAD HEM E . -21.06 -15.05 -2.59
HADA HEM E . -21.26 -13.81 -1.31
HBD HEM E . -19.86 -12.22 -2.56
HBDA HEM E . -19.38 -13.46 -3.73
HHA HEM E . -19.56 -16.34 -3.51
N ZIQ F . -29.13 21.17 3.78
CA ZIQ F . -30.39 21.51 3.04
CB ZIQ F . -30.11 21.98 1.58
CG ZIQ F . -29.48 20.96 0.68
CD2 ZIQ F . -28.13 20.98 0.15
CE3 ZIQ F . -27.07 21.87 0.24
CZ3 ZIQ F . -25.92 21.60 -0.46
CH2 ZIQ F . -25.79 20.47 -1.26
CZ2 ZIQ F . -26.82 19.56 -1.37
CE2 ZIQ F . -27.99 19.84 -0.68
NE1 ZIQ F . -29.17 19.16 -0.64
CD1 ZIQ F . -30.05 19.82 0.18
C1 ZIQ F . -31.10 22.64 3.80
C ZIQ F . -31.29 20.26 3.02
O ZIQ F . -32.38 20.38 2.42
OXT ZIQ F . -30.85 19.22 3.57
H2 ZIQ F . -29.14 21.53 4.62
H ZIQ F . -29.04 20.26 3.87
H3 ZIQ F . -28.40 21.49 3.33
H4 ZIQ F . -29.54 22.77 1.61
H5 ZIQ F . -30.96 22.26 1.18
H6 ZIQ F . -27.15 22.65 0.76
H7 ZIQ F . -25.18 22.19 -0.38
H8 ZIQ F . -24.98 20.30 -1.69
H9 ZIQ F . -26.74 18.79 -1.92
H10 ZIQ F . -29.33 18.40 -1.04
H11 ZIQ F . -30.92 19.53 0.37
H12 ZIQ F . -31.87 22.27 4.28
H13 ZIQ F . -31.41 23.31 3.17
H14 ZIQ F . -30.50 23.05 4.43
CAA 5PK G . -17.14 -24.59 -2.79
CAF 5PK G . -16.03 -25.20 -3.65
CAE 5PK G . -14.77 -24.34 -3.65
CAD 5PK G . -14.35 -23.95 -2.24
CAC 5PK G . -15.21 -24.62 -1.18
CAB 5PK G . -16.69 -24.28 -1.36
CAG 5PK G . -17.01 -22.84 -0.96
OAI 5PK G . -16.83 -21.95 -2.07
CAH 5PK G . -16.21 -22.27 0.22
CAJ 5PK G . -16.97 -21.15 0.91
CAK 5PK G . -16.70 -21.12 2.38
CAR 5PK G . -16.92 -22.11 3.33
CAS 5PK G . -16.60 -21.86 4.66
CAT 5PK G . -16.06 -20.63 5.02
CAU 5PK G . -15.82 -19.63 4.08
CAL 5PK G . -16.14 -19.89 2.75
CAM 5PK G . -16.07 -19.05 1.56
NAN 5PK G . -16.56 -19.79 0.53
CAQ 5PK G . -16.51 -19.02 -0.58
NAP 5PK G . -16.01 -17.79 -0.29
CAO 5PK G . -15.74 -17.80 1.02
H1 5PK G . -17.45 -23.76 -3.21
H2 5PK G . -17.89 -25.22 -2.76
H3 5PK G . -15.81 -26.10 -3.31
H4 5PK G . -16.35 -25.29 -4.58
H5 5PK G . -14.93 -23.54 -4.18
H6 5PK G . -14.04 -24.85 -4.07
H7 5PK G . -14.42 -22.97 -2.15
H8 5PK G . -13.41 -24.20 -2.10
H9 5PK G . -14.91 -24.34 -0.30
H10 5PK G . -15.09 -25.59 -1.24
H11 5PK G . -17.21 -24.87 -0.76
H12 5PK G . -17.97 -22.82 -0.72
H13 5PK G . -16.12 -21.50 -1.98
H14 5PK G . -15.35 -21.94 -0.11
H15 5PK G . -16.05 -23.00 0.86
H16 5PK G . -17.94 -21.27 0.76
H17 5PK G . -17.29 -22.94 3.08
H18 5PK G . -16.73 -22.53 5.31
H19 5PK G . -15.83 -20.47 5.93
H20 5PK G . -15.47 -18.80 4.34
H21 5PK G . -16.80 -19.29 -1.42
H22 5PK G . -15.39 -17.07 1.49
CAA 5PK H . -3.92 5.33 28.31
CAF 5PK H . -4.09 6.84 28.46
CAE 5PK H . -4.28 7.51 27.11
CAD 5PK H . -5.47 6.91 26.40
CAC 5PK H . -5.30 5.40 26.21
CAB 5PK H . -5.04 4.66 27.52
CAG 5PK H . -4.73 3.17 27.29
OAI 5PK H . -3.35 3.00 26.98
CAH 5PK H . -5.54 2.47 26.22
CAJ 5PK H . -5.20 1.00 26.04
CAK 5PK H . -6.34 0.09 25.63
CAR 5PK H . -7.53 -0.18 26.30
CAS 5PK H . -8.42 -1.09 25.75
CAT 5PK H . -8.14 -1.70 24.53
CAU 5PK H . -6.96 -1.44 23.85
CAL 5PK H . -6.04 -0.55 24.42
CAM 5PK H . -4.75 -0.09 23.97
NAN 5PK H . -4.28 0.78 24.90
CAQ 5PK H . -3.08 1.22 24.48
NAP 5PK H . -2.74 0.64 23.30
CAO 5PK H . -3.76 -0.17 23.00
H1 5PK H . -3.06 5.15 27.87
H2 5PK H . -3.88 4.93 29.20
H3 5PK H . -4.87 7.03 29.03
H4 5PK H . -3.29 7.23 28.90
H5 5PK H . -3.48 7.38 26.57
H6 5PK H . -4.42 8.46 27.23
H7 5PK H . -5.58 7.33 25.52
H8 5PK H . -6.28 7.07 26.92
H9 5PK H . -4.55 5.24 25.61
H10 5PK H . -6.11 5.04 25.80
H11 5PK H . -5.87 4.72 28.07
H12 5PK H . -4.90 2.70 28.15
H13 5PK H . -3.16 3.47 26.30
H14 5PK H . -5.39 2.93 25.37
H15 5PK H . -6.50 2.55 26.44
H16 5PK H . -4.79 0.66 26.88
H17 5PK H . -7.72 0.22 27.12
H18 5PK H . -9.24 -1.27 26.17
H19 5PK H . -8.76 -2.31 24.16
H20 5PK H . -6.76 -1.86 23.03
H21 5PK H . -2.54 1.82 24.95
H22 5PK H . -3.79 -0.69 22.21
CHA HEM I . 1.05 0.36 24.28
CHB HEM I . -1.83 4.18 23.46
CHC HEM I . -3.36 1.88 19.52
CHD HEM I . -1.26 -2.22 20.96
C1A HEM I . 0.43 1.58 24.37
C2A HEM I . 0.72 2.54 25.37
C3A HEM I . -0.11 3.60 25.16
C4A HEM I . -0.88 3.33 24.00
CMA HEM I . -0.14 4.87 25.97
CAA HEM I . 1.72 2.42 26.51
CBA HEM I . 1.09 1.54 27.64
CGA HEM I . -0.29 1.96 28.19
O1A HEM I . -1.26 1.17 28.09
O2A HEM I . -0.48 3.08 28.73
C1B HEM I . -2.48 3.88 22.27
C2B HEM I . -3.32 4.79 21.59
C3B HEM I . -3.75 4.17 20.46
C4B HEM I . -3.15 2.83 20.51
CMB HEM I . -3.64 6.18 22.06
CAB HEM I . -4.72 4.56 19.41
CBB HEM I . -5.67 5.44 19.63
C1C HEM I . -2.96 0.57 19.56
C2C HEM I . -3.36 -0.42 18.68
C3C HEM I . -2.76 -1.61 19.06
C4C HEM I . -2.02 -1.32 20.24
CMC HEM I . -4.22 -0.20 17.47
CAC HEM I . -3.01 -2.88 18.36
CBC HEM I . -2.86 -4.10 18.84
C1D HEM I . -0.43 -1.80 22.00
C2D HEM I . 0.57 -2.71 22.59
C3D HEM I . 1.21 -1.99 23.52
C4D HEM I . 0.62 -0.63 23.46
CMD HEM I . 0.81 -4.15 22.24
CAD HEM I . 2.40 -2.45 24.35
CBD HEM I . 3.66 -1.97 23.47
CGD HEM I . 5.11 -2.42 23.81
O1D HEM I . 5.30 -3.01 24.89
O2D HEM I . 6.16 -2.24 23.06
NA HEM I . -0.53 2.09 23.55
NB HEM I . -2.40 2.72 21.59
NC HEM I . -2.17 0.03 20.48
ND HEM I . -0.35 -0.55 22.53
FE HEM I . -1.34 1.00 22.10
HHB HEM I . -2.00 5.14 23.93
HHC HEM I . -3.99 2.17 18.69
HHD HEM I . -1.21 -3.25 20.64
HMA HEM I . 0.47 5.64 25.47
HMAA HEM I . -1.16 5.23 26.06
HMAB HEM I . 0.27 4.71 26.97
HAA HEM I . 1.96 3.41 26.91
HAAA HEM I . 2.62 1.95 26.15
HBA HEM I . 1.79 1.54 28.48
HBAA HEM I . 1.00 0.53 27.27
HMB HEM I . -2.82 6.57 22.67
HMBA HEM I . -3.76 6.84 21.21
HMBB HEM I . -4.55 6.16 22.66
HAB HEM I . -4.87 3.95 18.54
HBB HEM I . -6.39 5.65 18.85
HBBA HEM I . -5.67 6.05 20.52
HMC HEM I . -4.89 0.64 17.63
HMCA HEM I . -3.60 0.00 16.59
HMCB HEM I . -4.83 -1.08 17.29
HAC HEM I . -3.55 -2.83 17.44
HBC HEM I . -3.14 -4.94 18.24
HBCA HEM I . -2.38 -4.28 19.78
HMD HEM I . -0.08 -4.61 21.82
HMDA HEM I . 1.62 -4.23 21.51
HMDB HEM I . 1.09 -4.71 23.14
HAD HEM I . 2.39 -1.96 25.32
HADA HEM I . 2.40 -3.53 24.48
HBD HEM I . 3.47 -2.29 22.44
HBDA HEM I . 3.65 -0.88 23.47
HHA HEM I . 1.85 0.12 24.97
N ZIQ J . 20.24 -29.47 6.71
CA ZIQ J . 21.43 -29.86 7.52
CB ZIQ J . 22.64 -29.00 7.05
CG ZIQ J . 22.49 -27.52 7.32
CD2 ZIQ J . 22.39 -26.47 6.34
CE3 ZIQ J . 22.37 -26.44 4.95
CZ3 ZIQ J . 22.26 -25.22 4.32
CH2 ZIQ J . 22.19 -24.03 5.04
CZ2 ZIQ J . 22.21 -24.02 6.41
CE2 ZIQ J . 22.30 -25.25 7.05
NE1 ZIQ J . 22.37 -25.55 8.38
CD1 ZIQ J . 22.45 -26.90 8.54
C1 ZIQ J . 21.71 -31.34 7.29
C ZIQ J . 21.14 -29.66 9.02
O ZIQ J . 20.05 -29.16 9.33
OXT ZIQ J . 22.05 -30.00 9.81
H2 ZIQ J . 19.69 -30.19 6.60
H ZIQ J . 19.78 -28.81 7.11
H3 ZIQ J . 20.50 -29.18 5.87
H4 ZIQ J . 22.77 -29.13 6.10
H5 ZIQ J . 23.44 -29.32 7.52
H6 ZIQ J . 22.43 -27.24 4.45
H7 ZIQ J . 22.25 -25.19 3.37
H8 ZIQ J . 22.11 -23.22 4.57
H9 ZIQ J . 22.14 -23.21 6.90
H10 ZIQ J . 22.31 -24.97 9.03
H11 ZIQ J . 22.52 -27.34 9.37
H12 ZIQ J . 21.32 -31.87 8.01
H13 ZIQ J . 22.67 -31.49 7.28
H14 ZIQ J . 21.33 -31.63 6.43
CHA HEM K . -4.76 3.15 -23.80
CHB HEM K . -7.23 6.81 -21.75
CHC HEM K . -4.02 6.91 -18.11
CHD HEM K . -1.20 3.96 -20.62
C1A HEM K . -5.71 4.12 -23.54
C2A HEM K . -6.82 4.41 -24.37
C3A HEM K . -7.52 5.44 -23.80
C4A HEM K . -6.86 5.79 -22.61
CMA HEM K . -8.77 6.07 -24.36
CAA HEM K . -7.17 3.75 -25.67
CBA HEM K . -6.14 4.22 -26.73
CGA HEM K . -6.20 5.70 -27.06
O1A HEM K . -5.17 6.40 -26.95
O2A HEM K . -7.27 6.22 -27.46
C1B HEM K . -6.54 7.13 -20.58
C2B HEM K . -7.04 8.09 -19.65
C3B HEM K . -6.15 8.12 -18.61
C4B HEM K . -5.11 7.14 -18.95
CMB HEM K . -8.31 8.91 -19.79
CAB HEM K . -6.12 8.97 -17.39
CBB HEM K . -6.83 10.08 -17.23
C1C HEM K . -2.97 6.13 -18.46
C2C HEM K . -1.79 6.00 -17.73
C3C HEM K . -0.97 5.15 -18.44
C4C HEM K . -1.66 4.78 -19.63
CMC HEM K . -1.48 6.65 -16.42
CAC HEM K . 0.43 4.86 -18.03
CBC HEM K . 1.42 4.57 -18.90
C1D HEM K . -1.98 3.51 -21.68
C2D HEM K . -1.47 2.46 -22.58
C3D HEM K . -2.45 2.24 -23.45
C4D HEM K . -3.58 3.11 -23.08
CMD HEM K . -0.13 1.76 -22.56
CAD HEM K . -2.43 1.17 -24.52
CBD HEM K . -3.14 0.04 -23.72
CGD HEM K . -3.39 -1.34 -24.32
O1D HEM K . -3.20 -1.64 -25.51
O2D HEM K . -3.80 -2.27 -23.58
NA HEM K . -5.77 5.00 -22.47
NB HEM K . -5.42 6.61 -20.12
NC HEM K . -2.88 5.39 -19.59
ND HEM K . -3.23 3.88 -22.01
FE HEM K . -4.31 5.16 -21.13
HHB HEM K . -8.13 7.37 -21.99
HHC HEM K . -3.97 7.44 -17.17
HHD HEM K . -0.21 3.54 -20.52
HMA HEM K . -9.65 5.58 -23.93
HMAA HEM K . -8.80 7.14 -24.10
HMAB HEM K . -8.80 5.98 -25.44
HAA HEM K . -8.18 4.00 -25.99
HAAA HEM K . -7.10 2.66 -25.55
HBA HEM K . -6.33 3.65 -27.65
HBAA HEM K . -5.14 3.98 -26.38
HMB HEM K . -8.97 8.46 -20.54
HMBA HEM K . -8.83 8.93 -18.84
HMBB HEM K . -8.05 9.92 -20.10
HAB HEM K . -5.37 8.79 -16.65
HBB HEM K . -6.69 10.65 -16.32
HBBA HEM K . -7.58 10.39 -17.93
HMC HEM K . -2.39 6.93 -15.89
HMCA HEM K . -0.93 5.95 -15.80
HMCB HEM K . -0.86 7.54 -16.59
HAC HEM K . 0.77 5.14 -17.06
HBC HEM K . 2.42 4.45 -18.53
HBCA HEM K . 1.22 4.36 -19.93
HMD HEM K . 0.54 2.22 -21.85
HMDA HEM K . -0.28 0.72 -22.29
HMDB HEM K . 0.32 1.82 -23.56
HAD HEM K . -3.01 1.48 -25.39
HADA HEM K . -1.41 0.89 -24.81
HBD HEM K . -2.58 -0.12 -22.81
HBDA HEM K . -4.13 0.42 -23.44
HHA HEM K . -4.87 2.49 -24.64
N ZIQ L . 19.19 -27.40 -15.05
CA ZIQ L . 18.95 -28.51 -16.01
CB ZIQ L . 17.77 -29.39 -15.54
CG ZIQ L . 16.43 -28.70 -15.51
CD2 ZIQ L . 15.63 -28.43 -14.35
CE3 ZIQ L . 15.81 -28.63 -12.98
CZ3 ZIQ L . 14.80 -28.25 -12.12
CH2 ZIQ L . 13.62 -27.66 -12.59
CZ2 ZIQ L . 13.41 -27.45 -13.94
CE2 ZIQ L . 14.43 -27.84 -14.80
NE1 ZIQ L . 14.51 -27.75 -16.17
CD1 ZIQ L . 15.70 -28.27 -16.58
C1 ZIQ L . 20.21 -29.38 -16.10
C ZIQ L . 18.63 -27.91 -17.40
O ZIQ L . 18.41 -26.69 -17.43
OXT ZIQ L . 18.62 -28.71 -18.38
H2 ZIQ L . 20.05 -27.12 -15.10
H ZIQ L . 18.65 -26.69 -15.23
H3 ZIQ L . 19.03 -27.68 -14.20
H4 ZIQ L . 17.96 -29.73 -14.64
H5 ZIQ L . 17.70 -30.17 -16.14
H6 ZIQ L . 16.58 -29.05 -12.64
H7 ZIQ L . 14.90 -28.38 -11.19
H8 ZIQ L . 12.96 -27.39 -11.97
H9 ZIQ L . 12.63 -27.03 -14.25
H10 ZIQ L . 13.89 -27.42 -16.69
H11 ZIQ L . 15.96 -28.33 -17.48
H12 ZIQ L . 20.75 -29.10 -16.86
H13 ZIQ L . 19.97 -30.32 -16.19
H14 ZIQ L . 20.74 -29.26 -15.28
CAA 5PK M . -8.14 10.06 -26.16
CAF 5PK M . -9.45 10.85 -26.15
CAE 5PK M . -9.97 11.05 -24.75
CAD 5PK M . -8.91 11.72 -23.89
CAC 5PK M . -7.62 10.91 -23.87
CAB 5PK M . -7.07 10.68 -25.27
CAG 5PK M . -5.78 9.85 -25.28
OAI 5PK M . -6.08 8.46 -25.06
CAH 5PK M . -4.69 10.29 -24.30
CAJ 5PK M . -3.41 9.46 -24.42
CAK 5PK M . -2.19 10.25 -24.04
CAR 5PK M . -1.70 11.42 -24.59
CAS 5PK M . -0.56 12.01 -24.04
CAT 5PK M . 0.11 11.41 -22.97
CAU 5PK M . -0.38 10.22 -22.43
CAL 5PK M . -1.55 9.65 -22.95
CAM 5PK M . -2.27 8.45 -22.58
NAN 5PK M . -3.33 8.34 -23.43
CAQ 5PK M . -4.03 7.21 -23.07
NAP 5PK M . -3.43 6.57 -22.01
CAO 5PK M . -2.36 7.33 -21.72
H1 5PK M . -8.33 9.15 -25.86
H2 5PK M . -7.80 10.00 -27.08
H3 5PK M . -9.31 11.72 -26.58
H4 5PK M . -10.13 10.36 -26.69
H5 5PK M . -10.21 10.19 -24.36
H6 5PK M . -10.77 11.61 -24.77
H7 5PK M . -9.25 11.82 -22.98
H8 5PK M . -8.73 12.63 -24.24
H9 5PK M . -7.78 10.05 -23.45
H10 5PK M . -6.95 11.38 -23.33
H11 5PK M . -6.84 11.57 -25.65
H12 5PK M . -5.40 9.91 -26.20
H13 5PK M . -6.43 8.37 -24.29
H14 5PK M . -5.04 10.22 -23.39
H15 5PK M . -4.48 11.23 -24.48
H16 5PK M . -3.31 9.12 -25.34
H17 5PK M . -2.14 11.83 -25.31
H18 5PK M . -0.21 12.80 -24.42
H19 5PK M . 0.89 11.80 -22.62
H20 5PK M . 0.07 9.82 -21.69
H21 5PK M . -4.81 6.91 -23.50
H22 5PK M . -1.76 7.13 -21.02
CHA HEM N . 21.15 11.01 2.54
CHB HEM N . 22.54 6.48 1.76
CHC HEM N . 18.55 5.75 -0.93
CHD HEM N . 17.75 10.48 -0.88
C1A HEM N . 21.87 9.84 2.59
C2A HEM N . 23.08 9.66 3.30
C3A HEM N . 23.44 8.39 3.08
C4A HEM N . 22.48 7.76 2.24
CMA HEM N . 24.67 7.75 3.67
CAA HEM N . 23.83 10.65 4.17
CBA HEM N . 25.16 11.15 3.59
CGA HEM N . 25.14 11.40 2.09
O1A HEM N . 24.46 12.34 1.66
O2A HEM N . 25.80 10.71 1.26
C1B HEM N . 21.56 5.90 0.96
C2B HEM N . 21.56 4.53 0.63
C3B HEM N . 20.42 4.30 -0.12
C4B HEM N . 19.73 5.59 -0.22
CMB HEM N . 22.63 3.53 1.03
CAB HEM N . 19.93 3.11 -0.81
CBB HEM N . 20.71 2.09 -1.09
C1C HEM N . 17.97 6.97 -1.17
C2C HEM N . 16.91 7.20 -2.04
C3C HEM N . 16.67 8.56 -2.03
C4C HEM N . 17.63 9.16 -1.17
CMC HEM N . 16.15 6.15 -2.81
CAC HEM N . 15.62 9.16 -2.88
CBC HEM N . 15.49 10.46 -3.17
C1D HEM N . 18.63 10.96 0.08
C2D HEM N . 18.57 12.37 0.55
C3D HEM N . 19.51 12.53 1.48
C4D HEM N . 20.11 11.19 1.63
CMD HEM N . 17.67 13.47 0.08
CAD HEM N . 19.76 13.77 2.30
CBD HEM N . 18.86 13.45 3.55
CGD HEM N . 18.68 14.47 4.67
O1D HEM N . 19.31 15.52 4.75
O2D HEM N . 17.88 14.25 5.61
NA HEM N . 21.51 8.66 1.96
NB HEM N . 20.45 6.50 0.45
NC HEM N . 18.39 8.15 -0.68
ND HEM N . 19.57 10.30 0.76
FE HEM N . 19.97 8.49 0.64
HHB HEM N . 23.37 5.85 2.08
HHC HEM N . 18.10 4.87 -1.41
HHD HEM N . 17.06 11.17 -1.34
HMA HEM N . 24.48 7.50 4.71
HMAA HEM N . 24.93 6.85 3.12
HMAB HEM N . 25.52 8.44 3.61
HAA HEM N . 24.04 10.18 5.13
HAAA HEM N . 23.19 11.52 4.36
HBA HEM N . 25.95 10.43 3.82
HBAA HEM N . 25.42 12.09 4.07
HMB HEM N . 23.17 3.88 1.90
HMBA HEM N . 22.16 2.58 1.28
HMBB HEM N . 23.32 3.39 0.19
HAB HEM N . 18.98 3.12 -1.30
HBB HEM N . 20.29 1.26 -1.65
HBBA HEM N . 21.70 2.01 -0.71
HMC HEM N . 16.37 5.15 -2.43
HMCA HEM N . 15.08 6.34 -2.72
HMCB HEM N . 16.43 6.20 -3.86
HAC HEM N . 14.98 8.50 -3.43
HBC HEM N . 14.69 10.77 -3.83
HBCA HEM N . 16.10 11.21 -2.72
HMD HEM N . 17.11 13.16 -0.80
HMDA HEM N . 16.98 13.73 0.87
HMDB HEM N . 18.27 14.35 -0.18
HAD HEM N . 20.82 13.86 2.58
HADA HEM N . 19.42 14.68 1.80
HBD HEM N . 17.87 13.21 3.18
HBDA HEM N . 19.26 12.54 4.01
HHA HEM N . 21.47 11.86 3.14
N ZIQ O . -11.47 33.92 4.51
CA ZIQ O . -11.19 35.00 5.51
CB ZIQ O . -11.48 34.51 6.96
CG ZIQ O . -10.60 33.43 7.53
CD2 ZIQ O . -11.02 32.10 7.90
CE3 ZIQ O . -12.22 31.38 7.79
CZ3 ZIQ O . -12.28 30.08 8.25
CH2 ZIQ O . -11.16 29.46 8.79
CZ2 ZIQ O . -9.96 30.12 8.91
CE2 ZIQ O . -9.90 31.44 8.46
NE1 ZIQ O . -8.86 32.32 8.41
CD1 ZIQ O . -9.29 33.51 7.90
C1 ZIQ O . -12.13 36.16 5.17
C ZIQ O . -9.74 35.50 5.43
O ZIQ O . -9.45 36.54 6.08
OXT ZIQ O . -8.96 34.84 4.72
H2 ZIQ O . -11.97 34.24 3.81
H ZIQ O . -10.68 33.60 4.17
H3 ZIQ O . -11.92 33.23 4.90
H4 ZIQ O . -12.41 34.20 6.99
H5 ZIQ O . -11.41 35.29 7.55
H6 ZIQ O . -12.99 31.81 7.44
H7 ZIQ O . -13.09 29.61 8.19
H8 ZIQ O . -11.22 28.57 9.08
H9 ZIQ O . -9.19 29.70 9.26
H10 ZIQ O . -8.05 32.16 8.73
H11 ZIQ O . -8.74 34.27 7.78
H12 ZIQ O . -11.63 36.85 4.70
H13 ZIQ O . -12.49 36.54 6.00
H14 ZIQ O . -12.86 35.85 4.62
CAA 5PK P . 27.86 7.41 0.61
CAF 5PK P . 28.76 6.30 1.15
CAE 5PK P . 28.01 4.99 1.28
CAD 5PK P . 27.38 4.60 -0.04
CAC 5PK P . 26.43 5.70 -0.52
CAB 5PK P . 27.17 7.02 -0.70
CAG 5PK P . 26.28 8.17 -1.25
OAI 5PK P . 25.65 8.88 -0.17
CAH 5PK P . 25.19 7.79 -2.25
CAJ 5PK P . 24.30 8.97 -2.66
CAK 5PK P . 23.89 8.93 -4.12
CAR 5PK P . 24.68 9.01 -5.25
CAS 5PK P . 24.08 8.94 -6.50
CAT 5PK P . 22.70 8.81 -6.61
CAU 5PK P . 21.90 8.75 -5.48
CAL 5PK P . 22.50 8.80 -4.22
CAM 5PK P . 21.94 8.78 -2.90
NAN 5PK P . 22.97 8.92 -2.01
CAQ 5PK P . 22.45 8.90 -0.77
NAP 5PK P . 21.10 8.81 -0.82
CAO 5PK P . 20.79 8.74 -2.13
H1 5PK P . 27.18 7.62 1.28
H2 5PK P . 28.39 8.22 0.46
H3 5PK P . 29.53 6.17 0.53
H4 5PK P . 29.13 6.56 2.02
H5 5PK P . 27.32 5.08 1.96
H6 5PK P . 28.63 4.28 1.57
H7 5PK P . 26.88 3.76 0.07
H8 5PK P . 28.08 4.44 -0.71
H9 5PK P . 25.71 5.81 0.12
H10 5PK P . 26.05 5.43 -1.38
H11 5PK P . 27.87 6.87 -1.37
H12 5PK P . 26.89 8.80 -1.69
H13 5PK P . 25.17 8.35 0.28
H14 5PK P . 24.63 7.10 -1.85
H15 5PK P . 25.62 7.42 -3.04
H16 5PK P . 24.76 9.82 -2.46
H17 5PK P . 25.62 9.08 -5.18
H18 5PK P . 24.61 8.97 -7.28
H19 5PK P . 22.31 8.78 -7.46
H20 5PK P . 20.97 8.67 -5.56
H21 5PK P . 22.94 8.97 0.02
H22 5PK P . 19.91 8.67 -2.45
#